data_6HOF
# 
_entry.id   6HOF 
# 
_audit_conform.dict_name       mmcif_pdbx.dic 
_audit_conform.dict_version    5.383 
_audit_conform.dict_location   http://mmcif.pdb.org/dictionaries/ascii/mmcif_pdbx.dic 
# 
loop_
_database_2.database_id 
_database_2.database_code 
_database_2.pdbx_database_accession 
_database_2.pdbx_DOI 
PDB   6HOF         pdb_00006hof 10.2210/pdb6hof/pdb 
WWPDB D_1200011955 ?            ?                   
# 
loop_
_pdbx_audit_revision_history.ordinal 
_pdbx_audit_revision_history.data_content_type 
_pdbx_audit_revision_history.major_revision 
_pdbx_audit_revision_history.minor_revision 
_pdbx_audit_revision_history.revision_date 
1 'Structure model' 1 0 2018-12-26 
2 'Structure model' 1 1 2019-01-23 
3 'Structure model' 1 2 2024-01-24 
# 
_pdbx_audit_revision_details.ordinal             1 
_pdbx_audit_revision_details.revision_ordinal    1 
_pdbx_audit_revision_details.data_content_type   'Structure model' 
_pdbx_audit_revision_details.provider            repository 
_pdbx_audit_revision_details.type                'Initial release' 
_pdbx_audit_revision_details.description         ? 
_pdbx_audit_revision_details.details             ? 
# 
loop_
_pdbx_audit_revision_group.ordinal 
_pdbx_audit_revision_group.revision_ordinal 
_pdbx_audit_revision_group.data_content_type 
_pdbx_audit_revision_group.group 
1 2 'Structure model' 'Data collection'        
2 2 'Structure model' 'Database references'    
3 3 'Structure model' 'Data collection'        
4 3 'Structure model' 'Database references'    
5 3 'Structure model' 'Refinement description' 
# 
loop_
_pdbx_audit_revision_category.ordinal 
_pdbx_audit_revision_category.revision_ordinal 
_pdbx_audit_revision_category.data_content_type 
_pdbx_audit_revision_category.category 
1 2 'Structure model' citation                      
2 3 'Structure model' chem_comp_atom                
3 3 'Structure model' chem_comp_bond                
4 3 'Structure model' database_2                    
5 3 'Structure model' pdbx_initial_refinement_model 
# 
loop_
_pdbx_audit_revision_item.ordinal 
_pdbx_audit_revision_item.revision_ordinal 
_pdbx_audit_revision_item.data_content_type 
_pdbx_audit_revision_item.item 
1 2 'Structure model' '_citation.journal_volume'            
2 2 'Structure model' '_citation.page_first'                
3 2 'Structure model' '_citation.page_last'                 
4 3 'Structure model' '_database_2.pdbx_DOI'                
5 3 'Structure model' '_database_2.pdbx_database_accession' 
# 
_pdbx_database_status.status_code                     REL 
_pdbx_database_status.status_code_sf                  REL 
_pdbx_database_status.status_code_mr                  ? 
_pdbx_database_status.entry_id                        6HOF 
_pdbx_database_status.recvd_initial_deposition_date   2018-09-17 
_pdbx_database_status.SG_entry                        N 
_pdbx_database_status.deposit_site                    PDBE 
_pdbx_database_status.process_site                    PDBE 
_pdbx_database_status.status_code_cs                  ? 
_pdbx_database_status.methods_development_category    ? 
_pdbx_database_status.pdb_format_compatible           Y 
_pdbx_database_status.status_code_nmr_data            ? 
# 
loop_
_audit_author.name 
_audit_author.pdbx_ordinal 
_audit_author.identifier_ORCID 
'Wintjens, R.'  1 0000-0002-0234-7847 
'Wohlkonig, A.' 2 0000-0003-3103-5022 
# 
_citation.abstract                  ? 
_citation.abstract_id_CAS           ? 
_citation.book_id_ISBN              ? 
_citation.book_publisher            ? 
_citation.book_publisher_city       ? 
_citation.book_title                ? 
_citation.coordinate_linkage        ? 
_citation.country                   ? 
_citation.database_id_Medline       ? 
_citation.details                   ? 
_citation.id                        primary 
_citation.journal_abbrev            'Biochim Biophys Acta Proteins Proteom' 
_citation.journal_id_ASTM           ? 
_citation.journal_id_CSD            ? 
_citation.journal_id_ISSN           1878-1454 
_citation.journal_full              ? 
_citation.journal_issue             ? 
_citation.journal_volume            1867 
_citation.language                  ? 
_citation.page_first                248 
_citation.page_last                 258 
_citation.title                     
'A comprehensive analysis of the protein-ligand interactions in crystal structures of Mycobacterium tuberculosis EthR.' 
_citation.year                      2018 
_citation.database_id_CSD           ? 
_citation.pdbx_database_id_DOI      10.1016/j.bbapap.2018.12.003 
_citation.pdbx_database_id_PubMed   30553830 
_citation.unpublished_flag          ? 
# 
loop_
_citation_author.citation_id 
_citation_author.name 
_citation_author.ordinal 
_citation_author.identifier_ORCID 
primary 'Tanina, A.'     1  ? 
primary 'Wohlkonig, A.'  2  ? 
primary 'Soror, S.H.'    3  ? 
primary 'Flipo, M.'      4  ? 
primary 'Villemagne, B.' 5  ? 
primary 'Prevet, H.'     6  ? 
primary 'Deprez, B.'     7  ? 
primary 'Moune, M.'      8  ? 
primary 'Peree, H.'      9  ? 
primary 'Meyer, F.'      10 ? 
primary 'Baulard, A.R.'  11 ? 
primary 'Willand, N.'    12 ? 
primary 'Wintjens, R.'   13 ? 
# 
loop_
_entity.id 
_entity.type 
_entity.src_method 
_entity.pdbx_description 
_entity.formula_weight 
_entity.pdbx_number_of_molecules 
_entity.pdbx_ec 
_entity.pdbx_mutation 
_entity.pdbx_fragment 
_entity.details 
1 polymer     man 'HTH-type transcriptional regulator EthR'                                                        24927.980 1  ? 
? ? ? 
2 non-polymer syn '4-[2-(phenylsulfonylaminomethyl)-1,3-thiazol-4-yl]-~{N}-[3,3,3-tris(fluoranyl)propyl]benzamide' 469.500   1  ? 
? ? ? 
3 water       nat water                                                                                            18.015    44 ? 
? ? ? 
# 
_entity_poly.entity_id                      1 
_entity_poly.type                           'polypeptide(L)' 
_entity_poly.nstd_linkage                   no 
_entity_poly.nstd_monomer                   no 
_entity_poly.pdbx_seq_one_letter_code       
;MTTSAASQASLPMTTSAASQASLPRGRRTARPSGDDRELAILATAENLLEDRPLADISVDDLAKGAGISRPTFYFYFPSK
EAVLLTLLDRVVNQADMALQTLAENPADTDRENMWRTGINVFFETFGSHKAVTRAGQAARATSVEVAELWSTFMQKWIAY
TAAVIDAERDRGAAPRTLPAHELATALNLMNERTLFASFAGEQPSVPEARVLDTLVHIWVTSIYGENR
;
_entity_poly.pdbx_seq_one_letter_code_can   
;MTTSAASQASLPMTTSAASQASLPRGRRTARPSGDDRELAILATAENLLEDRPLADISVDDLAKGAGISRPTFYFYFPSK
EAVLLTLLDRVVNQADMALQTLAENPADTDRENMWRTGINVFFETFGSHKAVTRAGQAARATSVEVAELWSTFMQKWIAY
TAAVIDAERDRGAAPRTLPAHELATALNLMNERTLFASFAGEQPSVPEARVLDTLVHIWVTSIYGENR
;
_entity_poly.pdbx_strand_id                 A 
_entity_poly.pdbx_target_identifier         ? 
# 
loop_
_pdbx_entity_nonpoly.entity_id 
_pdbx_entity_nonpoly.name 
_pdbx_entity_nonpoly.comp_id 
2 '4-[2-(phenylsulfonylaminomethyl)-1,3-thiazol-4-yl]-~{N}-[3,3,3-tris(fluoranyl)propyl]benzamide' GJ8 
3 water                                                                                            HOH 
# 
loop_
_entity_poly_seq.entity_id 
_entity_poly_seq.num 
_entity_poly_seq.mon_id 
_entity_poly_seq.hetero 
1 1   MET n 
1 2   THR n 
1 3   THR n 
1 4   SER n 
1 5   ALA n 
1 6   ALA n 
1 7   SER n 
1 8   GLN n 
1 9   ALA n 
1 10  SER n 
1 11  LEU n 
1 12  PRO n 
1 13  MET n 
1 14  THR n 
1 15  THR n 
1 16  SER n 
1 17  ALA n 
1 18  ALA n 
1 19  SER n 
1 20  GLN n 
1 21  ALA n 
1 22  SER n 
1 23  LEU n 
1 24  PRO n 
1 25  ARG n 
1 26  GLY n 
1 27  ARG n 
1 28  ARG n 
1 29  THR n 
1 30  ALA n 
1 31  ARG n 
1 32  PRO n 
1 33  SER n 
1 34  GLY n 
1 35  ASP n 
1 36  ASP n 
1 37  ARG n 
1 38  GLU n 
1 39  LEU n 
1 40  ALA n 
1 41  ILE n 
1 42  LEU n 
1 43  ALA n 
1 44  THR n 
1 45  ALA n 
1 46  GLU n 
1 47  ASN n 
1 48  LEU n 
1 49  LEU n 
1 50  GLU n 
1 51  ASP n 
1 52  ARG n 
1 53  PRO n 
1 54  LEU n 
1 55  ALA n 
1 56  ASP n 
1 57  ILE n 
1 58  SER n 
1 59  VAL n 
1 60  ASP n 
1 61  ASP n 
1 62  LEU n 
1 63  ALA n 
1 64  LYS n 
1 65  GLY n 
1 66  ALA n 
1 67  GLY n 
1 68  ILE n 
1 69  SER n 
1 70  ARG n 
1 71  PRO n 
1 72  THR n 
1 73  PHE n 
1 74  TYR n 
1 75  PHE n 
1 76  TYR n 
1 77  PHE n 
1 78  PRO n 
1 79  SER n 
1 80  LYS n 
1 81  GLU n 
1 82  ALA n 
1 83  VAL n 
1 84  LEU n 
1 85  LEU n 
1 86  THR n 
1 87  LEU n 
1 88  LEU n 
1 89  ASP n 
1 90  ARG n 
1 91  VAL n 
1 92  VAL n 
1 93  ASN n 
1 94  GLN n 
1 95  ALA n 
1 96  ASP n 
1 97  MET n 
1 98  ALA n 
1 99  LEU n 
1 100 GLN n 
1 101 THR n 
1 102 LEU n 
1 103 ALA n 
1 104 GLU n 
1 105 ASN n 
1 106 PRO n 
1 107 ALA n 
1 108 ASP n 
1 109 THR n 
1 110 ASP n 
1 111 ARG n 
1 112 GLU n 
1 113 ASN n 
1 114 MET n 
1 115 TRP n 
1 116 ARG n 
1 117 THR n 
1 118 GLY n 
1 119 ILE n 
1 120 ASN n 
1 121 VAL n 
1 122 PHE n 
1 123 PHE n 
1 124 GLU n 
1 125 THR n 
1 126 PHE n 
1 127 GLY n 
1 128 SER n 
1 129 HIS n 
1 130 LYS n 
1 131 ALA n 
1 132 VAL n 
1 133 THR n 
1 134 ARG n 
1 135 ALA n 
1 136 GLY n 
1 137 GLN n 
1 138 ALA n 
1 139 ALA n 
1 140 ARG n 
1 141 ALA n 
1 142 THR n 
1 143 SER n 
1 144 VAL n 
1 145 GLU n 
1 146 VAL n 
1 147 ALA n 
1 148 GLU n 
1 149 LEU n 
1 150 TRP n 
1 151 SER n 
1 152 THR n 
1 153 PHE n 
1 154 MET n 
1 155 GLN n 
1 156 LYS n 
1 157 TRP n 
1 158 ILE n 
1 159 ALA n 
1 160 TYR n 
1 161 THR n 
1 162 ALA n 
1 163 ALA n 
1 164 VAL n 
1 165 ILE n 
1 166 ASP n 
1 167 ALA n 
1 168 GLU n 
1 169 ARG n 
1 170 ASP n 
1 171 ARG n 
1 172 GLY n 
1 173 ALA n 
1 174 ALA n 
1 175 PRO n 
1 176 ARG n 
1 177 THR n 
1 178 LEU n 
1 179 PRO n 
1 180 ALA n 
1 181 HIS n 
1 182 GLU n 
1 183 LEU n 
1 184 ALA n 
1 185 THR n 
1 186 ALA n 
1 187 LEU n 
1 188 ASN n 
1 189 LEU n 
1 190 MET n 
1 191 ASN n 
1 192 GLU n 
1 193 ARG n 
1 194 THR n 
1 195 LEU n 
1 196 PHE n 
1 197 ALA n 
1 198 SER n 
1 199 PHE n 
1 200 ALA n 
1 201 GLY n 
1 202 GLU n 
1 203 GLN n 
1 204 PRO n 
1 205 SER n 
1 206 VAL n 
1 207 PRO n 
1 208 GLU n 
1 209 ALA n 
1 210 ARG n 
1 211 VAL n 
1 212 LEU n 
1 213 ASP n 
1 214 THR n 
1 215 LEU n 
1 216 VAL n 
1 217 HIS n 
1 218 ILE n 
1 219 TRP n 
1 220 VAL n 
1 221 THR n 
1 222 SER n 
1 223 ILE n 
1 224 TYR n 
1 225 GLY n 
1 226 GLU n 
1 227 ASN n 
1 228 ARG n 
# 
_entity_src_gen.entity_id                          1 
_entity_src_gen.pdbx_src_id                        1 
_entity_src_gen.pdbx_alt_source_flag               sample 
_entity_src_gen.pdbx_seq_type                      'Biological sequence' 
_entity_src_gen.pdbx_beg_seq_num                   1 
_entity_src_gen.pdbx_end_seq_num                   228 
_entity_src_gen.gene_src_common_name               ? 
_entity_src_gen.gene_src_genus                     ? 
_entity_src_gen.pdbx_gene_src_gene                 'ethR, etaR, MT3970' 
_entity_src_gen.gene_src_species                   ? 
_entity_src_gen.gene_src_strain                    ? 
_entity_src_gen.gene_src_tissue                    ? 
_entity_src_gen.gene_src_tissue_fraction           ? 
_entity_src_gen.gene_src_details                   ? 
_entity_src_gen.pdbx_gene_src_fragment             ? 
_entity_src_gen.pdbx_gene_src_scientific_name      'Mycobacterium tuberculosis CDC1551' 
_entity_src_gen.pdbx_gene_src_ncbi_taxonomy_id     83331 
_entity_src_gen.pdbx_gene_src_variant              'CDC 1551 / Oshkosh' 
_entity_src_gen.pdbx_gene_src_cell_line            ? 
_entity_src_gen.pdbx_gene_src_atcc                 ? 
_entity_src_gen.pdbx_gene_src_organ                ? 
_entity_src_gen.pdbx_gene_src_organelle            ? 
_entity_src_gen.pdbx_gene_src_cell                 ? 
_entity_src_gen.pdbx_gene_src_cellular_location    ? 
_entity_src_gen.host_org_common_name               ? 
_entity_src_gen.pdbx_host_org_scientific_name      'Escherichia coli BL21' 
_entity_src_gen.pdbx_host_org_ncbi_taxonomy_id     511693 
_entity_src_gen.host_org_genus                     ? 
_entity_src_gen.pdbx_host_org_gene                 ? 
_entity_src_gen.pdbx_host_org_organ                ? 
_entity_src_gen.host_org_species                   ? 
_entity_src_gen.pdbx_host_org_tissue               ? 
_entity_src_gen.pdbx_host_org_tissue_fraction      ? 
_entity_src_gen.pdbx_host_org_strain               ? 
_entity_src_gen.pdbx_host_org_variant              ? 
_entity_src_gen.pdbx_host_org_cell_line            ? 
_entity_src_gen.pdbx_host_org_atcc                 ? 
_entity_src_gen.pdbx_host_org_culture_collection   ? 
_entity_src_gen.pdbx_host_org_cell                 ? 
_entity_src_gen.pdbx_host_org_organelle            ? 
_entity_src_gen.pdbx_host_org_cellular_location    ? 
_entity_src_gen.pdbx_host_org_vector_type          ? 
_entity_src_gen.pdbx_host_org_vector               ? 
_entity_src_gen.host_org_details                   ? 
_entity_src_gen.expression_system_id               ? 
_entity_src_gen.plasmid_name                       ? 
_entity_src_gen.plasmid_details                    ? 
_entity_src_gen.pdbx_description                   ? 
# 
loop_
_chem_comp.id 
_chem_comp.type 
_chem_comp.mon_nstd_flag 
_chem_comp.name 
_chem_comp.pdbx_synonyms 
_chem_comp.formula 
_chem_comp.formula_weight 
ALA 'L-peptide linking' y ALANINE                                                                                          ? 
'C3 H7 N O2'          89.093  
ARG 'L-peptide linking' y ARGININE                                                                                         ? 
'C6 H15 N4 O2 1'      175.209 
ASN 'L-peptide linking' y ASPARAGINE                                                                                       ? 
'C4 H8 N2 O3'         132.118 
ASP 'L-peptide linking' y 'ASPARTIC ACID'                                                                                  ? 
'C4 H7 N O4'          133.103 
GJ8 non-polymer         . '4-[2-(phenylsulfonylaminomethyl)-1,3-thiazol-4-yl]-~{N}-[3,3,3-tris(fluoranyl)propyl]benzamide' ? 
'C20 H18 F3 N3 O3 S2' 469.500 
GLN 'L-peptide linking' y GLUTAMINE                                                                                        ? 
'C5 H10 N2 O3'        146.144 
GLU 'L-peptide linking' y 'GLUTAMIC ACID'                                                                                  ? 
'C5 H9 N O4'          147.129 
GLY 'peptide linking'   y GLYCINE                                                                                          ? 
'C2 H5 N O2'          75.067  
HIS 'L-peptide linking' y HISTIDINE                                                                                        ? 
'C6 H10 N3 O2 1'      156.162 
HOH non-polymer         . WATER                                                                                            ? 
'H2 O'                18.015  
ILE 'L-peptide linking' y ISOLEUCINE                                                                                       ? 
'C6 H13 N O2'         131.173 
LEU 'L-peptide linking' y LEUCINE                                                                                          ? 
'C6 H13 N O2'         131.173 
LYS 'L-peptide linking' y LYSINE                                                                                           ? 
'C6 H15 N2 O2 1'      147.195 
MET 'L-peptide linking' y METHIONINE                                                                                       ? 
'C5 H11 N O2 S'       149.211 
PHE 'L-peptide linking' y PHENYLALANINE                                                                                    ? 
'C9 H11 N O2'         165.189 
PRO 'L-peptide linking' y PROLINE                                                                                          ? 
'C5 H9 N O2'          115.130 
SER 'L-peptide linking' y SERINE                                                                                           ? 
'C3 H7 N O3'          105.093 
THR 'L-peptide linking' y THREONINE                                                                                        ? 
'C4 H9 N O3'          119.119 
TRP 'L-peptide linking' y TRYPTOPHAN                                                                                       ? 
'C11 H12 N2 O2'       204.225 
TYR 'L-peptide linking' y TYROSINE                                                                                         ? 
'C9 H11 N O3'         181.189 
VAL 'L-peptide linking' y VALINE                                                                                           ? 
'C5 H11 N O2'         117.146 
# 
loop_
_pdbx_poly_seq_scheme.asym_id 
_pdbx_poly_seq_scheme.entity_id 
_pdbx_poly_seq_scheme.seq_id 
_pdbx_poly_seq_scheme.mon_id 
_pdbx_poly_seq_scheme.ndb_seq_num 
_pdbx_poly_seq_scheme.pdb_seq_num 
_pdbx_poly_seq_scheme.auth_seq_num 
_pdbx_poly_seq_scheme.pdb_mon_id 
_pdbx_poly_seq_scheme.auth_mon_id 
_pdbx_poly_seq_scheme.pdb_strand_id 
_pdbx_poly_seq_scheme.pdb_ins_code 
_pdbx_poly_seq_scheme.hetero 
A 1 1   MET 1   -11 ?   ?   ?   A . n 
A 1 2   THR 2   -10 ?   ?   ?   A . n 
A 1 3   THR 3   -9  ?   ?   ?   A . n 
A 1 4   SER 4   -8  ?   ?   ?   A . n 
A 1 5   ALA 5   -7  ?   ?   ?   A . n 
A 1 6   ALA 6   -6  ?   ?   ?   A . n 
A 1 7   SER 7   -5  ?   ?   ?   A . n 
A 1 8   GLN 8   -4  ?   ?   ?   A . n 
A 1 9   ALA 9   -3  ?   ?   ?   A . n 
A 1 10  SER 10  -2  ?   ?   ?   A . n 
A 1 11  LEU 11  -1  ?   ?   ?   A . n 
A 1 12  PRO 12  0   ?   ?   ?   A . n 
A 1 13  MET 13  1   ?   ?   ?   A . n 
A 1 14  THR 14  2   ?   ?   ?   A . n 
A 1 15  THR 15  3   ?   ?   ?   A . n 
A 1 16  SER 16  4   ?   ?   ?   A . n 
A 1 17  ALA 17  5   ?   ?   ?   A . n 
A 1 18  ALA 18  6   ?   ?   ?   A . n 
A 1 19  SER 19  7   ?   ?   ?   A . n 
A 1 20  GLN 20  8   ?   ?   ?   A . n 
A 1 21  ALA 21  9   ?   ?   ?   A . n 
A 1 22  SER 22  10  ?   ?   ?   A . n 
A 1 23  LEU 23  11  ?   ?   ?   A . n 
A 1 24  PRO 24  12  ?   ?   ?   A . n 
A 1 25  ARG 25  13  ?   ?   ?   A . n 
A 1 26  GLY 26  14  ?   ?   ?   A . n 
A 1 27  ARG 27  15  ?   ?   ?   A . n 
A 1 28  ARG 28  16  ?   ?   ?   A . n 
A 1 29  THR 29  17  ?   ?   ?   A . n 
A 1 30  ALA 30  18  ?   ?   ?   A . n 
A 1 31  ARG 31  19  ?   ?   ?   A . n 
A 1 32  PRO 32  20  ?   ?   ?   A . n 
A 1 33  SER 33  21  ?   ?   ?   A . n 
A 1 34  GLY 34  22  ?   ?   ?   A . n 
A 1 35  ASP 35  23  ?   ?   ?   A . n 
A 1 36  ASP 36  24  24  ASP ASP A . n 
A 1 37  ARG 37  25  25  ARG ARG A . n 
A 1 38  GLU 38  26  26  GLU GLU A . n 
A 1 39  LEU 39  27  27  LEU LEU A . n 
A 1 40  ALA 40  28  28  ALA ALA A . n 
A 1 41  ILE 41  29  29  ILE ILE A . n 
A 1 42  LEU 42  30  30  LEU LEU A . n 
A 1 43  ALA 43  31  31  ALA ALA A . n 
A 1 44  THR 44  32  32  THR THR A . n 
A 1 45  ALA 45  33  33  ALA ALA A . n 
A 1 46  GLU 46  34  34  GLU GLU A . n 
A 1 47  ASN 47  35  35  ASN ASN A . n 
A 1 48  LEU 48  36  36  LEU LEU A . n 
A 1 49  LEU 49  37  37  LEU LEU A . n 
A 1 50  GLU 50  38  38  GLU GLU A . n 
A 1 51  ASP 51  39  39  ASP ASP A . n 
A 1 52  ARG 52  40  40  ARG ARG A . n 
A 1 53  PRO 53  41  41  PRO PRO A . n 
A 1 54  LEU 54  42  42  LEU LEU A . n 
A 1 55  ALA 55  43  43  ALA ALA A . n 
A 1 56  ASP 56  44  44  ASP ASP A . n 
A 1 57  ILE 57  45  45  ILE ILE A . n 
A 1 58  SER 58  46  46  SER SER A . n 
A 1 59  VAL 59  47  47  VAL VAL A . n 
A 1 60  ASP 60  48  48  ASP ASP A . n 
A 1 61  ASP 61  49  49  ASP ASP A . n 
A 1 62  LEU 62  50  50  LEU LEU A . n 
A 1 63  ALA 63  51  51  ALA ALA A . n 
A 1 64  LYS 64  52  52  LYS LYS A . n 
A 1 65  GLY 65  53  53  GLY GLY A . n 
A 1 66  ALA 66  54  54  ALA ALA A . n 
A 1 67  GLY 67  55  55  GLY GLY A . n 
A 1 68  ILE 68  56  56  ILE ILE A . n 
A 1 69  SER 69  57  57  SER SER A . n 
A 1 70  ARG 70  58  58  ARG ARG A . n 
A 1 71  PRO 71  59  59  PRO PRO A . n 
A 1 72  THR 72  60  60  THR THR A . n 
A 1 73  PHE 73  61  61  PHE PHE A . n 
A 1 74  TYR 74  62  62  TYR TYR A . n 
A 1 75  PHE 75  63  63  PHE PHE A . n 
A 1 76  TYR 76  64  64  TYR TYR A . n 
A 1 77  PHE 77  65  65  PHE PHE A . n 
A 1 78  PRO 78  66  66  PRO PRO A . n 
A 1 79  SER 79  67  67  SER SER A . n 
A 1 80  LYS 80  68  68  LYS LYS A . n 
A 1 81  GLU 81  69  69  GLU GLU A . n 
A 1 82  ALA 82  70  70  ALA ALA A . n 
A 1 83  VAL 83  71  71  VAL VAL A . n 
A 1 84  LEU 84  72  72  LEU LEU A . n 
A 1 85  LEU 85  73  73  LEU LEU A . n 
A 1 86  THR 86  74  74  THR THR A . n 
A 1 87  LEU 87  75  75  LEU LEU A . n 
A 1 88  LEU 88  76  76  LEU LEU A . n 
A 1 89  ASP 89  77  77  ASP ASP A . n 
A 1 90  ARG 90  78  78  ARG ARG A . n 
A 1 91  VAL 91  79  79  VAL VAL A . n 
A 1 92  VAL 92  80  80  VAL VAL A . n 
A 1 93  ASN 93  81  81  ASN ASN A . n 
A 1 94  GLN 94  82  82  GLN GLN A . n 
A 1 95  ALA 95  83  83  ALA ALA A . n 
A 1 96  ASP 96  84  84  ASP ASP A . n 
A 1 97  MET 97  85  85  MET MET A . n 
A 1 98  ALA 98  86  86  ALA ALA A . n 
A 1 99  LEU 99  87  87  LEU LEU A . n 
A 1 100 GLN 100 88  88  GLN GLN A . n 
A 1 101 THR 101 89  89  THR THR A . n 
A 1 102 LEU 102 90  90  LEU LEU A . n 
A 1 103 ALA 103 91  91  ALA ALA A . n 
A 1 104 GLU 104 92  92  GLU GLU A . n 
A 1 105 ASN 105 93  93  ASN ASN A . n 
A 1 106 PRO 106 94  94  PRO PRO A . n 
A 1 107 ALA 107 95  95  ALA ALA A . n 
A 1 108 ASP 108 96  96  ASP ASP A . n 
A 1 109 THR 109 97  97  THR THR A . n 
A 1 110 ASP 110 98  98  ASP ASP A . n 
A 1 111 ARG 111 99  99  ARG ARG A . n 
A 1 112 GLU 112 100 100 GLU GLU A . n 
A 1 113 ASN 113 101 101 ASN ASN A . n 
A 1 114 MET 114 102 102 MET MET A . n 
A 1 115 TRP 115 103 103 TRP TRP A . n 
A 1 116 ARG 116 104 104 ARG ARG A . n 
A 1 117 THR 117 105 105 THR THR A . n 
A 1 118 GLY 118 106 106 GLY GLY A . n 
A 1 119 ILE 119 107 107 ILE ILE A . n 
A 1 120 ASN 120 108 108 ASN ASN A . n 
A 1 121 VAL 121 109 109 VAL VAL A . n 
A 1 122 PHE 122 110 110 PHE PHE A . n 
A 1 123 PHE 123 111 111 PHE PHE A . n 
A 1 124 GLU 124 112 112 GLU GLU A . n 
A 1 125 THR 125 113 113 THR THR A . n 
A 1 126 PHE 126 114 114 PHE PHE A . n 
A 1 127 GLY 127 115 115 GLY GLY A . n 
A 1 128 SER 128 116 116 SER SER A . n 
A 1 129 HIS 129 117 117 HIS HIS A . n 
A 1 130 LYS 130 118 118 LYS LYS A . n 
A 1 131 ALA 131 119 119 ALA ALA A . n 
A 1 132 VAL 132 120 120 VAL VAL A . n 
A 1 133 THR 133 121 121 THR THR A . n 
A 1 134 ARG 134 122 122 ARG ARG A . n 
A 1 135 ALA 135 123 123 ALA ALA A . n 
A 1 136 GLY 136 124 124 GLY GLY A . n 
A 1 137 GLN 137 125 125 GLN GLN A . n 
A 1 138 ALA 138 126 126 ALA ALA A . n 
A 1 139 ALA 139 127 127 ALA ALA A . n 
A 1 140 ARG 140 128 128 ARG ARG A . n 
A 1 141 ALA 141 129 129 ALA ALA A . n 
A 1 142 THR 142 130 130 THR THR A . n 
A 1 143 SER 143 131 131 SER SER A . n 
A 1 144 VAL 144 132 132 VAL VAL A . n 
A 1 145 GLU 145 133 133 GLU GLU A . n 
A 1 146 VAL 146 134 134 VAL VAL A . n 
A 1 147 ALA 147 135 135 ALA ALA A . n 
A 1 148 GLU 148 136 136 GLU GLU A . n 
A 1 149 LEU 149 137 137 LEU LEU A . n 
A 1 150 TRP 150 138 138 TRP TRP A . n 
A 1 151 SER 151 139 139 SER SER A . n 
A 1 152 THR 152 140 140 THR THR A . n 
A 1 153 PHE 153 141 141 PHE PHE A . n 
A 1 154 MET 154 142 142 MET MET A . n 
A 1 155 GLN 155 143 143 GLN GLN A . n 
A 1 156 LYS 156 144 144 LYS LYS A . n 
A 1 157 TRP 157 145 145 TRP TRP A . n 
A 1 158 ILE 158 146 146 ILE ILE A . n 
A 1 159 ALA 159 147 147 ALA ALA A . n 
A 1 160 TYR 160 148 148 TYR TYR A . n 
A 1 161 THR 161 149 149 THR THR A . n 
A 1 162 ALA 162 150 150 ALA ALA A . n 
A 1 163 ALA 163 151 151 ALA ALA A . n 
A 1 164 VAL 164 152 152 VAL VAL A . n 
A 1 165 ILE 165 153 153 ILE ILE A . n 
A 1 166 ASP 166 154 154 ASP ASP A . n 
A 1 167 ALA 167 155 155 ALA ALA A . n 
A 1 168 GLU 168 156 156 GLU GLU A . n 
A 1 169 ARG 169 157 157 ARG ARG A . n 
A 1 170 ASP 170 158 158 ASP ASP A . n 
A 1 171 ARG 171 159 159 ARG ARG A . n 
A 1 172 GLY 172 160 160 GLY GLY A . n 
A 1 173 ALA 173 161 161 ALA ALA A . n 
A 1 174 ALA 174 162 162 ALA ALA A . n 
A 1 175 PRO 175 163 163 PRO PRO A . n 
A 1 176 ARG 176 164 164 ARG ARG A . n 
A 1 177 THR 177 165 165 THR THR A . n 
A 1 178 LEU 178 166 166 LEU LEU A . n 
A 1 179 PRO 179 167 167 PRO PRO A . n 
A 1 180 ALA 180 168 168 ALA ALA A . n 
A 1 181 HIS 181 169 169 HIS HIS A . n 
A 1 182 GLU 182 170 170 GLU GLU A . n 
A 1 183 LEU 183 171 171 LEU LEU A . n 
A 1 184 ALA 184 172 172 ALA ALA A . n 
A 1 185 THR 185 173 173 THR THR A . n 
A 1 186 ALA 186 174 174 ALA ALA A . n 
A 1 187 LEU 187 175 175 LEU LEU A . n 
A 1 188 ASN 188 176 176 ASN ASN A . n 
A 1 189 LEU 189 177 177 LEU LEU A . n 
A 1 190 MET 190 178 178 MET MET A . n 
A 1 191 ASN 191 179 179 ASN ASN A . n 
A 1 192 GLU 192 180 180 GLU GLU A . n 
A 1 193 ARG 193 181 181 ARG ARG A . n 
A 1 194 THR 194 182 182 THR THR A . n 
A 1 195 LEU 195 183 183 LEU LEU A . n 
A 1 196 PHE 196 184 184 PHE PHE A . n 
A 1 197 ALA 197 185 185 ALA ALA A . n 
A 1 198 SER 198 186 186 SER SER A . n 
A 1 199 PHE 199 187 187 PHE PHE A . n 
A 1 200 ALA 200 188 188 ALA ALA A . n 
A 1 201 GLY 201 189 189 GLY GLY A . n 
A 1 202 GLU 202 190 190 GLU GLU A . n 
A 1 203 GLN 203 191 191 GLN GLN A . n 
A 1 204 PRO 204 192 192 PRO PRO A . n 
A 1 205 SER 205 193 193 SER SER A . n 
A 1 206 VAL 206 194 194 VAL VAL A . n 
A 1 207 PRO 207 195 195 PRO PRO A . n 
A 1 208 GLU 208 196 196 GLU GLU A . n 
A 1 209 ALA 209 197 197 ALA ALA A . n 
A 1 210 ARG 210 198 198 ARG ARG A . n 
A 1 211 VAL 211 199 199 VAL VAL A . n 
A 1 212 LEU 212 200 200 LEU LEU A . n 
A 1 213 ASP 213 201 201 ASP ASP A . n 
A 1 214 THR 214 202 202 THR THR A . n 
A 1 215 LEU 215 203 203 LEU LEU A . n 
A 1 216 VAL 216 204 204 VAL VAL A . n 
A 1 217 HIS 217 205 205 HIS HIS A . n 
A 1 218 ILE 218 206 206 ILE ILE A . n 
A 1 219 TRP 219 207 207 TRP TRP A . n 
A 1 220 VAL 220 208 208 VAL VAL A . n 
A 1 221 THR 221 209 209 THR THR A . n 
A 1 222 SER 222 210 210 SER SER A . n 
A 1 223 ILE 223 211 211 ILE ILE A . n 
A 1 224 TYR 224 212 212 TYR TYR A . n 
A 1 225 GLY 225 213 213 GLY GLY A . n 
A 1 226 GLU 226 214 214 GLU GLU A . n 
A 1 227 ASN 227 215 ?   ?   ?   A . n 
A 1 228 ARG 228 216 ?   ?   ?   A . n 
# 
loop_
_pdbx_nonpoly_scheme.asym_id 
_pdbx_nonpoly_scheme.entity_id 
_pdbx_nonpoly_scheme.mon_id 
_pdbx_nonpoly_scheme.ndb_seq_num 
_pdbx_nonpoly_scheme.pdb_seq_num 
_pdbx_nonpoly_scheme.auth_seq_num 
_pdbx_nonpoly_scheme.pdb_mon_id 
_pdbx_nonpoly_scheme.auth_mon_id 
_pdbx_nonpoly_scheme.pdb_strand_id 
_pdbx_nonpoly_scheme.pdb_ins_code 
B 2 GJ8 1  301 1  GJ8 DRG A . 
C 3 HOH 1  401 32 HOH HOH A . 
C 3 HOH 2  402 27 HOH HOH A . 
C 3 HOH 3  403 35 HOH HOH A . 
C 3 HOH 4  404 34 HOH HOH A . 
C 3 HOH 5  405 42 HOH HOH A . 
C 3 HOH 6  406 7  HOH HOH A . 
C 3 HOH 7  407 36 HOH HOH A . 
C 3 HOH 8  408 10 HOH HOH A . 
C 3 HOH 9  409 5  HOH HOH A . 
C 3 HOH 10 410 2  HOH HOH A . 
C 3 HOH 11 411 11 HOH HOH A . 
C 3 HOH 12 412 40 HOH HOH A . 
C 3 HOH 13 413 28 HOH HOH A . 
C 3 HOH 14 414 3  HOH HOH A . 
C 3 HOH 15 415 1  HOH HOH A . 
C 3 HOH 16 416 33 HOH HOH A . 
C 3 HOH 17 417 26 HOH HOH A . 
C 3 HOH 18 418 16 HOH HOH A . 
C 3 HOH 19 419 24 HOH HOH A . 
C 3 HOH 20 420 21 HOH HOH A . 
C 3 HOH 21 421 9  HOH HOH A . 
C 3 HOH 22 422 14 HOH HOH A . 
C 3 HOH 23 423 29 HOH HOH A . 
C 3 HOH 24 424 20 HOH HOH A . 
C 3 HOH 25 425 8  HOH HOH A . 
C 3 HOH 26 426 43 HOH HOH A . 
C 3 HOH 27 427 22 HOH HOH A . 
C 3 HOH 28 428 15 HOH HOH A . 
C 3 HOH 29 429 13 HOH HOH A . 
C 3 HOH 30 430 39 HOH HOH A . 
C 3 HOH 31 431 18 HOH HOH A . 
C 3 HOH 32 432 23 HOH HOH A . 
C 3 HOH 33 433 4  HOH HOH A . 
C 3 HOH 34 434 30 HOH HOH A . 
C 3 HOH 35 435 6  HOH HOH A . 
C 3 HOH 36 436 25 HOH HOH A . 
C 3 HOH 37 437 17 HOH HOH A . 
C 3 HOH 38 438 37 HOH HOH A . 
C 3 HOH 39 439 41 HOH HOH A . 
C 3 HOH 40 440 31 HOH HOH A . 
C 3 HOH 41 441 12 HOH HOH A . 
C 3 HOH 42 442 38 HOH HOH A . 
C 3 HOH 43 443 19 HOH HOH A . 
C 3 HOH 44 444 44 HOH HOH A . 
# 
loop_
_software.citation_id 
_software.classification 
_software.compiler_name 
_software.compiler_version 
_software.contact_author 
_software.contact_author_email 
_software.date 
_software.description 
_software.dependencies 
_software.hardware 
_software.language 
_software.location 
_software.mods 
_software.name 
_software.os 
_software.os_version 
_software.type 
_software.version 
_software.pdbx_ordinal 
? refinement       ? ? ? ? ? ? ? ? ? ? ? REFMAC  ? ? ? 5.8.0232 1 
? 'data reduction' ? ? ? ? ? ? ? ? ? ? ? iMOSFLM ? ? ? .        2 
? phasing          ? ? ? ? ? ? ? ? ? ? ? MOLREP  ? ? ? .        3 
# 
_cell.angle_alpha                  90.00 
_cell.angle_alpha_esd              ? 
_cell.angle_beta                   90.00 
_cell.angle_beta_esd               ? 
_cell.angle_gamma                  90.00 
_cell.angle_gamma_esd              ? 
_cell.entry_id                     6HOF 
_cell.details                      ? 
_cell.formula_units_Z              ? 
_cell.length_a                     121.849 
_cell.length_a_esd                 ? 
_cell.length_b                     121.849 
_cell.length_b_esd                 ? 
_cell.length_c                     33.766 
_cell.length_c_esd                 ? 
_cell.volume                       ? 
_cell.volume_esd                   ? 
_cell.Z_PDB                        8 
_cell.reciprocal_angle_alpha       ? 
_cell.reciprocal_angle_beta        ? 
_cell.reciprocal_angle_gamma       ? 
_cell.reciprocal_angle_alpha_esd   ? 
_cell.reciprocal_angle_beta_esd    ? 
_cell.reciprocal_angle_gamma_esd   ? 
_cell.reciprocal_length_a          ? 
_cell.reciprocal_length_b          ? 
_cell.reciprocal_length_c          ? 
_cell.reciprocal_length_a_esd      ? 
_cell.reciprocal_length_b_esd      ? 
_cell.reciprocal_length_c_esd      ? 
_cell.pdbx_unique_axis             ? 
# 
_symmetry.entry_id                         6HOF 
_symmetry.cell_setting                     ? 
_symmetry.Int_Tables_number                92 
_symmetry.space_group_name_Hall            ? 
_symmetry.space_group_name_H-M             'P 41 21 2' 
_symmetry.pdbx_full_space_group_name_H-M   ? 
# 
_exptl.absorpt_coefficient_mu     ? 
_exptl.absorpt_correction_T_max   ? 
_exptl.absorpt_correction_T_min   ? 
_exptl.absorpt_correction_type    ? 
_exptl.absorpt_process_details    ? 
_exptl.entry_id                   6HOF 
_exptl.crystals_number            1 
_exptl.details                    ? 
_exptl.method                     'X-RAY DIFFRACTION' 
_exptl.method_details             ? 
# 
_exptl_crystal.colour                      ? 
_exptl_crystal.density_diffrn              ? 
_exptl_crystal.density_Matthews            2.42 
_exptl_crystal.density_method              ? 
_exptl_crystal.density_percent_sol         49.16 
_exptl_crystal.description                 ? 
_exptl_crystal.F_000                       ? 
_exptl_crystal.id                          1 
_exptl_crystal.preparation                 ? 
_exptl_crystal.size_max                    ? 
_exptl_crystal.size_mid                    ? 
_exptl_crystal.size_min                    ? 
_exptl_crystal.size_rad                    ? 
_exptl_crystal.colour_lustre               ? 
_exptl_crystal.colour_modifier             ? 
_exptl_crystal.colour_primary              ? 
_exptl_crystal.density_meas                ? 
_exptl_crystal.density_meas_esd            ? 
_exptl_crystal.density_meas_gt             ? 
_exptl_crystal.density_meas_lt             ? 
_exptl_crystal.density_meas_temp           ? 
_exptl_crystal.density_meas_temp_esd       ? 
_exptl_crystal.density_meas_temp_gt        ? 
_exptl_crystal.density_meas_temp_lt        ? 
_exptl_crystal.pdbx_crystal_image_url      ? 
_exptl_crystal.pdbx_crystal_image_format   ? 
_exptl_crystal.pdbx_mosaicity              ? 
_exptl_crystal.pdbx_mosaicity_esd          ? 
# 
_exptl_crystal_grow.apparatus       ? 
_exptl_crystal_grow.atmosphere      ? 
_exptl_crystal_grow.crystal_id      1 
_exptl_crystal_grow.details         ? 
_exptl_crystal_grow.method          'VAPOR DIFFUSION' 
_exptl_crystal_grow.method_ref      ? 
_exptl_crystal_grow.pH              6.7 
_exptl_crystal_grow.pressure        ? 
_exptl_crystal_grow.pressure_esd    ? 
_exptl_crystal_grow.seeding         ? 
_exptl_crystal_grow.seeding_ref     ? 
_exptl_crystal_grow.temp            293 
_exptl_crystal_grow.temp_details    ? 
_exptl_crystal_grow.temp_esd        ? 
_exptl_crystal_grow.time            ? 
_exptl_crystal_grow.pdbx_details    '1.4-1.6 ammonium sulfate, 15% glycerol, 100 mM MES' 
_exptl_crystal_grow.pdbx_pH_range   ? 
# 
_diffrn.ambient_environment              ? 
_diffrn.ambient_temp                     100 
_diffrn.ambient_temp_details             ? 
_diffrn.ambient_temp_esd                 ? 
_diffrn.crystal_id                       1 
_diffrn.crystal_support                  ? 
_diffrn.crystal_treatment                ? 
_diffrn.details                          ? 
_diffrn.id                               1 
_diffrn.ambient_pressure                 ? 
_diffrn.ambient_pressure_esd             ? 
_diffrn.ambient_pressure_gt              ? 
_diffrn.ambient_pressure_lt              ? 
_diffrn.ambient_temp_gt                  ? 
_diffrn.ambient_temp_lt                  ? 
_diffrn.pdbx_serial_crystal_experiment   ? 
# 
_diffrn_detector.details                      ? 
_diffrn_detector.detector                     PIXEL 
_diffrn_detector.diffrn_id                    1 
_diffrn_detector.type                         'DECTRIS PILATUS 6M' 
_diffrn_detector.area_resol_mean              ? 
_diffrn_detector.dtime                        ? 
_diffrn_detector.pdbx_frames_total            ? 
_diffrn_detector.pdbx_collection_time_total   ? 
_diffrn_detector.pdbx_collection_date         2010-12-06 
_diffrn_detector.pdbx_frequency               ? 
# 
_diffrn_radiation.collimation                      ? 
_diffrn_radiation.diffrn_id                        1 
_diffrn_radiation.filter_edge                      ? 
_diffrn_radiation.inhomogeneity                    ? 
_diffrn_radiation.monochromator                    ? 
_diffrn_radiation.polarisn_norm                    ? 
_diffrn_radiation.polarisn_ratio                   ? 
_diffrn_radiation.probe                            ? 
_diffrn_radiation.type                             ? 
_diffrn_radiation.xray_symbol                      ? 
_diffrn_radiation.wavelength_id                    1 
_diffrn_radiation.pdbx_monochromatic_or_laue_m_l   M 
_diffrn_radiation.pdbx_wavelength_list             ? 
_diffrn_radiation.pdbx_wavelength                  ? 
_diffrn_radiation.pdbx_diffrn_protocol             'SINGLE WAVELENGTH' 
_diffrn_radiation.pdbx_analyzer                    ? 
_diffrn_radiation.pdbx_scattering_type             x-ray 
# 
_diffrn_radiation_wavelength.id           1 
_diffrn_radiation_wavelength.wavelength   1.00 
_diffrn_radiation_wavelength.wt           1.0 
# 
_diffrn_source.current                     ? 
_diffrn_source.details                     ? 
_diffrn_source.diffrn_id                   1 
_diffrn_source.power                       ? 
_diffrn_source.size                        ? 
_diffrn_source.source                      SYNCHROTRON 
_diffrn_source.target                      ? 
_diffrn_source.type                        'SLS BEAMLINE X06SA' 
_diffrn_source.voltage                     ? 
_diffrn_source.take-off_angle              ? 
_diffrn_source.pdbx_wavelength_list        1.00 
_diffrn_source.pdbx_wavelength             ? 
_diffrn_source.pdbx_synchrotron_beamline   X06SA 
_diffrn_source.pdbx_synchrotron_site       SLS 
# 
_reflns.B_iso_Wilson_estimate            ? 
_reflns.entry_id                         6HOF 
_reflns.data_reduction_details           ? 
_reflns.data_reduction_method            ? 
_reflns.d_resolution_high                1.80 
_reflns.d_resolution_low                 43.08 
_reflns.details                          ? 
_reflns.limit_h_max                      ? 
_reflns.limit_h_min                      ? 
_reflns.limit_k_max                      ? 
_reflns.limit_k_min                      ? 
_reflns.limit_l_max                      ? 
_reflns.limit_l_min                      ? 
_reflns.number_all                       ? 
_reflns.number_obs                       24280 
_reflns.observed_criterion               ? 
_reflns.observed_criterion_F_max         ? 
_reflns.observed_criterion_F_min         ? 
_reflns.observed_criterion_I_max         ? 
_reflns.observed_criterion_I_min         ? 
_reflns.observed_criterion_sigma_F       ? 
_reflns.observed_criterion_sigma_I       ? 
_reflns.percent_possible_obs             99.8 
_reflns.R_free_details                   ? 
_reflns.Rmerge_F_all                     ? 
_reflns.Rmerge_F_obs                     ? 
_reflns.Friedel_coverage                 ? 
_reflns.number_gt                        ? 
_reflns.threshold_expression             ? 
_reflns.pdbx_redundancy                  9.9 
_reflns.pdbx_Rmerge_I_obs                0.072 
_reflns.pdbx_Rmerge_I_all                ? 
_reflns.pdbx_Rsym_value                  ? 
_reflns.pdbx_netI_over_av_sigmaI         ? 
_reflns.pdbx_netI_over_sigmaI            27.5 
_reflns.pdbx_res_netI_over_av_sigmaI_2   ? 
_reflns.pdbx_res_netI_over_sigmaI_2      ? 
_reflns.pdbx_chi_squared                 ? 
_reflns.pdbx_scaling_rejects             ? 
_reflns.pdbx_d_res_high_opt              ? 
_reflns.pdbx_d_res_low_opt               ? 
_reflns.pdbx_d_res_opt_method            ? 
_reflns.phase_calculation_details        ? 
_reflns.pdbx_Rrim_I_all                  ? 
_reflns.pdbx_Rpim_I_all                  ? 
_reflns.pdbx_d_opt                       ? 
_reflns.pdbx_number_measured_all         ? 
_reflns.pdbx_diffrn_id                   1 
_reflns.pdbx_ordinal                     1 
_reflns.pdbx_CC_half                     ? 
_reflns.pdbx_R_split                     ? 
# 
_reflns_shell.d_res_high                  1.80 
_reflns_shell.d_res_low                   1.90 
_reflns_shell.meanI_over_sigI_all         ? 
_reflns_shell.meanI_over_sigI_obs         4.0 
_reflns_shell.number_measured_all         ? 
_reflns_shell.number_measured_obs         ? 
_reflns_shell.number_possible             ? 
_reflns_shell.number_unique_all           ? 
_reflns_shell.number_unique_obs           3417 
_reflns_shell.percent_possible_all        98.5 
_reflns_shell.percent_possible_obs        ? 
_reflns_shell.Rmerge_F_all                ? 
_reflns_shell.Rmerge_F_obs                ? 
_reflns_shell.Rmerge_I_all                ? 
_reflns_shell.Rmerge_I_obs                0.681 
_reflns_shell.meanI_over_sigI_gt          ? 
_reflns_shell.meanI_over_uI_all           ? 
_reflns_shell.meanI_over_uI_gt            ? 
_reflns_shell.number_measured_gt          ? 
_reflns_shell.number_unique_gt            ? 
_reflns_shell.percent_possible_gt         ? 
_reflns_shell.Rmerge_F_gt                 ? 
_reflns_shell.Rmerge_I_gt                 ? 
_reflns_shell.pdbx_redundancy             9.9 
_reflns_shell.pdbx_Rsym_value             ? 
_reflns_shell.pdbx_chi_squared            ? 
_reflns_shell.pdbx_netI_over_sigmaI_all   ? 
_reflns_shell.pdbx_netI_over_sigmaI_obs   ? 
_reflns_shell.pdbx_Rrim_I_all             ? 
_reflns_shell.pdbx_Rpim_I_all             ? 
_reflns_shell.pdbx_rejects                ? 
_reflns_shell.pdbx_ordinal                1 
_reflns_shell.pdbx_diffrn_id              1 
_reflns_shell.pdbx_CC_half                ? 
_reflns_shell.pdbx_R_split                ? 
# 
_refine.aniso_B[1][1]                            0.01 
_refine.aniso_B[1][2]                            -0.00 
_refine.aniso_B[1][3]                            -0.00 
_refine.aniso_B[2][2]                            0.01 
_refine.aniso_B[2][3]                            -0.00 
_refine.aniso_B[3][3]                            -0.01 
_refine.B_iso_max                                ? 
_refine.B_iso_mean                               23.293 
_refine.B_iso_min                                ? 
_refine.correlation_coeff_Fo_to_Fc               0.955 
_refine.correlation_coeff_Fo_to_Fc_free          0.941 
_refine.details                                  'HYDROGENS HAVE BEEN ADDED IN THE RIDING POSITIONS' 
_refine.diff_density_max                         ? 
_refine.diff_density_max_esd                     ? 
_refine.diff_density_min                         ? 
_refine.diff_density_min_esd                     ? 
_refine.diff_density_rms                         ? 
_refine.diff_density_rms_esd                     ? 
_refine.entry_id                                 6HOF 
_refine.pdbx_refine_id                           'X-RAY DIFFRACTION' 
_refine.ls_abs_structure_details                 ? 
_refine.ls_abs_structure_Flack                   ? 
_refine.ls_abs_structure_Flack_esd               ? 
_refine.ls_abs_structure_Rogers                  ? 
_refine.ls_abs_structure_Rogers_esd              ? 
_refine.ls_d_res_high                            1.80 
_refine.ls_d_res_low                             43.08 
_refine.ls_extinction_coef                       ? 
_refine.ls_extinction_coef_esd                   ? 
_refine.ls_extinction_expression                 ? 
_refine.ls_extinction_method                     ? 
_refine.ls_goodness_of_fit_all                   ? 
_refine.ls_goodness_of_fit_all_esd               ? 
_refine.ls_goodness_of_fit_obs                   ? 
_refine.ls_goodness_of_fit_obs_esd               ? 
_refine.ls_hydrogen_treatment                    ? 
_refine.ls_matrix_type                           ? 
_refine.ls_number_constraints                    ? 
_refine.ls_number_parameters                     ? 
_refine.ls_number_reflns_all                     ? 
_refine.ls_number_reflns_obs                     23022 
_refine.ls_number_reflns_R_free                  1212 
_refine.ls_number_reflns_R_work                  ? 
_refine.ls_number_restraints                     ? 
_refine.ls_percent_reflns_obs                    99.77 
_refine.ls_percent_reflns_R_free                 5.0 
_refine.ls_R_factor_all                          ? 
_refine.ls_R_factor_obs                          0.18082 
_refine.ls_R_factor_R_free                       0.20919 
_refine.ls_R_factor_R_free_error                 ? 
_refine.ls_R_factor_R_free_error_details         ? 
_refine.ls_R_factor_R_work                       0.17932 
_refine.ls_R_Fsqd_factor_obs                     ? 
_refine.ls_R_I_factor_obs                        ? 
_refine.ls_redundancy_reflns_all                 ? 
_refine.ls_redundancy_reflns_obs                 ? 
_refine.ls_restrained_S_all                      ? 
_refine.ls_restrained_S_obs                      ? 
_refine.ls_shift_over_esd_max                    ? 
_refine.ls_shift_over_esd_mean                   ? 
_refine.ls_structure_factor_coef                 ? 
_refine.ls_weighting_details                     ? 
_refine.ls_weighting_scheme                      ? 
_refine.ls_wR_factor_all                         ? 
_refine.ls_wR_factor_obs                         ? 
_refine.ls_wR_factor_R_free                      ? 
_refine.ls_wR_factor_R_work                      ? 
_refine.occupancy_max                            ? 
_refine.occupancy_min                            ? 
_refine.solvent_model_details                    ? 
_refine.solvent_model_param_bsol                 ? 
_refine.solvent_model_param_ksol                 ? 
_refine.ls_R_factor_gt                           ? 
_refine.ls_goodness_of_fit_gt                    ? 
_refine.ls_goodness_of_fit_ref                   ? 
_refine.ls_shift_over_su_max                     ? 
_refine.ls_shift_over_su_max_lt                  ? 
_refine.ls_shift_over_su_mean                    ? 
_refine.ls_shift_over_su_mean_lt                 ? 
_refine.pdbx_ls_sigma_I                          ? 
_refine.pdbx_ls_sigma_F                          ? 
_refine.pdbx_ls_sigma_Fsqd                       ? 
_refine.pdbx_data_cutoff_high_absF               ? 
_refine.pdbx_data_cutoff_high_rms_absF           ? 
_refine.pdbx_data_cutoff_low_absF                ? 
_refine.pdbx_isotropic_thermal_model             ? 
_refine.pdbx_ls_cross_valid_method               THROUGHOUT 
_refine.pdbx_method_to_determine_struct          'MOLECULAR REPLACEMENT' 
_refine.pdbx_starting_model                      1U9N 
_refine.pdbx_stereochemistry_target_values       ? 
_refine.pdbx_R_Free_selection_details            RANDOM 
_refine.pdbx_stereochem_target_val_spec_case     ? 
_refine.pdbx_overall_ESU_R                       0.102 
_refine.pdbx_overall_ESU_R_Free                  0.101 
_refine.pdbx_solvent_vdw_probe_radii             1.20 
_refine.pdbx_solvent_ion_probe_radii             0.80 
_refine.pdbx_solvent_shrinkage_radii             0.80 
_refine.pdbx_real_space_R                        ? 
_refine.pdbx_density_correlation                 ? 
_refine.pdbx_pd_number_of_powder_patterns        ? 
_refine.pdbx_pd_number_of_points                 ? 
_refine.pdbx_pd_meas_number_of_points            ? 
_refine.pdbx_pd_proc_ls_prof_R_factor            ? 
_refine.pdbx_pd_proc_ls_prof_wR_factor           ? 
_refine.pdbx_pd_Marquardt_correlation_coeff      ? 
_refine.pdbx_pd_Fsqrd_R_factor                   ? 
_refine.pdbx_pd_ls_matrix_band_width             ? 
_refine.pdbx_overall_phase_error                 ? 
_refine.pdbx_overall_SU_R_free_Cruickshank_DPI   ? 
_refine.pdbx_overall_SU_R_free_Blow_DPI          ? 
_refine.pdbx_overall_SU_R_Blow_DPI               ? 
_refine.pdbx_TLS_residual_ADP_flag               ? 
_refine.pdbx_diffrn_id                           1 
_refine.overall_SU_B                             2.076 
_refine.overall_SU_ML                            0.065 
_refine.overall_SU_R_Cruickshank_DPI             ? 
_refine.overall_SU_R_free                        ? 
_refine.overall_FOM_free_R_set                   ? 
_refine.overall_FOM_work_R_set                   ? 
_refine.pdbx_average_fsc_overall                 ? 
_refine.pdbx_average_fsc_work                    ? 
_refine.pdbx_average_fsc_free                    ? 
# 
_refine_hist.pdbx_refine_id                   'X-RAY DIFFRACTION' 
_refine_hist.cycle_id                         1 
_refine_hist.pdbx_number_atoms_protein        1490 
_refine_hist.pdbx_number_atoms_nucleic_acid   0 
_refine_hist.pdbx_number_atoms_ligand         31 
_refine_hist.number_atoms_solvent             44 
_refine_hist.number_atoms_total               1565 
_refine_hist.d_res_high                       1.80 
_refine_hist.d_res_low                        43.08 
# 
loop_
_refine_ls_restr.pdbx_refine_id 
_refine_ls_restr.criterion 
_refine_ls_restr.dev_ideal 
_refine_ls_restr.dev_ideal_target 
_refine_ls_restr.number 
_refine_ls_restr.rejects 
_refine_ls_restr.type 
_refine_ls_restr.weight 
_refine_ls_restr.pdbx_restraint_function 
'X-RAY DIFFRACTION' ? 0.013  0.013  1587 ? r_bond_refined_d             ? ? 
'X-RAY DIFFRACTION' ? 0.001  0.017  1444 ? r_bond_other_d               ? ? 
'X-RAY DIFFRACTION' ? 1.969  1.701  2168 ? r_angle_refined_deg          ? ? 
'X-RAY DIFFRACTION' ? 1.594  1.602  3319 ? r_angle_other_deg            ? ? 
'X-RAY DIFFRACTION' ? 5.418  5.000  190  ? r_dihedral_angle_1_deg       ? ? 
'X-RAY DIFFRACTION' ? 34.034 21.264 87   ? r_dihedral_angle_2_deg       ? ? 
'X-RAY DIFFRACTION' ? 11.769 15.000 240  ? r_dihedral_angle_3_deg       ? ? 
'X-RAY DIFFRACTION' ? 16.625 15.000 13   ? r_dihedral_angle_4_deg       ? ? 
'X-RAY DIFFRACTION' ? 0.094  0.200  207  ? r_chiral_restr               ? ? 
'X-RAY DIFFRACTION' ? 0.010  0.020  1791 ? r_gen_planes_refined         ? ? 
'X-RAY DIFFRACTION' ? 0.001  0.020  360  ? r_gen_planes_other           ? ? 
'X-RAY DIFFRACTION' ? ?      ?      ?    ? r_nbd_refined                ? ? 
'X-RAY DIFFRACTION' ? ?      ?      ?    ? r_nbd_other                  ? ? 
'X-RAY DIFFRACTION' ? ?      ?      ?    ? r_nbtor_refined              ? ? 
'X-RAY DIFFRACTION' ? ?      ?      ?    ? r_nbtor_other                ? ? 
'X-RAY DIFFRACTION' ? ?      ?      ?    ? r_xyhbond_nbd_refined        ? ? 
'X-RAY DIFFRACTION' ? ?      ?      ?    ? r_xyhbond_nbd_other          ? ? 
'X-RAY DIFFRACTION' ? ?      ?      ?    ? r_metal_ion_refined          ? ? 
'X-RAY DIFFRACTION' ? ?      ?      ?    ? r_metal_ion_other            ? ? 
'X-RAY DIFFRACTION' ? ?      ?      ?    ? r_symmetry_vdw_refined       ? ? 
'X-RAY DIFFRACTION' ? ?      ?      ?    ? r_symmetry_vdw_other         ? ? 
'X-RAY DIFFRACTION' ? ?      ?      ?    ? r_symmetry_hbond_refined     ? ? 
'X-RAY DIFFRACTION' ? ?      ?      ?    ? r_symmetry_hbond_other       ? ? 
'X-RAY DIFFRACTION' ? ?      ?      ?    ? r_symmetry_metal_ion_refined ? ? 
'X-RAY DIFFRACTION' ? ?      ?      ?    ? r_symmetry_metal_ion_other   ? ? 
'X-RAY DIFFRACTION' ? 2.405  2.284  763  ? r_mcbond_it                  ? ? 
'X-RAY DIFFRACTION' ? 2.399  2.281  762  ? r_mcbond_other               ? ? 
'X-RAY DIFFRACTION' ? 3.384  3.410  952  ? r_mcangle_it                 ? ? 
'X-RAY DIFFRACTION' ? 3.383  3.413  953  ? r_mcangle_other              ? ? 
'X-RAY DIFFRACTION' ? 3.509  2.621  823  ? r_scbond_it                  ? ? 
'X-RAY DIFFRACTION' ? 3.507  2.622  824  ? r_scbond_other               ? ? 
'X-RAY DIFFRACTION' ? ?      ?      ?    ? r_scangle_it                 ? ? 
'X-RAY DIFFRACTION' ? 5.280  3.787  1216 ? r_scangle_other              ? ? 
'X-RAY DIFFRACTION' ? 6.337  26.625 1794 ? r_long_range_B_refined       ? ? 
'X-RAY DIFFRACTION' ? 6.325  26.566 1788 ? r_long_range_B_other         ? ? 
'X-RAY DIFFRACTION' ? ?      ?      ?    ? r_rigid_bond_restr           ? ? 
'X-RAY DIFFRACTION' ? ?      ?      ?    ? r_sphericity_free            ? ? 
'X-RAY DIFFRACTION' ? ?      ?      ?    ? r_sphericity_bonded          ? ? 
# 
_refine_ls_shell.pdbx_refine_id                   'X-RAY DIFFRACTION' 
_refine_ls_shell.d_res_high                       1.799 
_refine_ls_shell.d_res_low                        1.845 
_refine_ls_shell.number_reflns_all                ? 
_refine_ls_shell.number_reflns_obs                ? 
_refine_ls_shell.number_reflns_R_free             84 
_refine_ls_shell.number_reflns_R_work             1608 
_refine_ls_shell.percent_reflns_obs               96.96 
_refine_ls_shell.percent_reflns_R_free            ? 
_refine_ls_shell.R_factor_all                     ? 
_refine_ls_shell.R_factor_obs                     ? 
_refine_ls_shell.R_factor_R_free                  0.240 
_refine_ls_shell.R_factor_R_free_error            ? 
_refine_ls_shell.R_factor_R_work                  0.224 
_refine_ls_shell.redundancy_reflns_all            ? 
_refine_ls_shell.redundancy_reflns_obs            ? 
_refine_ls_shell.wR_factor_all                    ? 
_refine_ls_shell.wR_factor_obs                    ? 
_refine_ls_shell.wR_factor_R_free                 ? 
_refine_ls_shell.wR_factor_R_work                 ? 
_refine_ls_shell.pdbx_total_number_of_bins_used   20 
_refine_ls_shell.pdbx_phase_error                 ? 
_refine_ls_shell.pdbx_fsc_work                    ? 
_refine_ls_shell.pdbx_fsc_free                    ? 
# 
_struct.entry_id                     6HOF 
_struct.title                        'TRANSCRIPTIONAL REPRESSOR ETHR FROM MYCOBACTERIUM TUBERCULOSIS IN COMPLEX WITH BDM44852' 
_struct.pdbx_model_details           ? 
_struct.pdbx_formula_weight          ? 
_struct.pdbx_formula_weight_method   ? 
_struct.pdbx_model_type_details      ? 
_struct.pdbx_CASP_flag               N 
# 
_struct_keywords.entry_id        6HOF 
_struct_keywords.text            
'HELIX-TURN-HELIX, DNA BINDING PROTEIN, TETR-FAMILY, COMPLEX, INHIBITOR, DRUG DESIGN, TUBERCULOSIS, ETHIONAMIDE' 
_struct_keywords.pdbx_keywords   'DNA BINDING PROTEIN' 
# 
loop_
_struct_asym.id 
_struct_asym.pdbx_blank_PDB_chainid_flag 
_struct_asym.pdbx_modified 
_struct_asym.entity_id 
_struct_asym.details 
A N N 1 ? 
B N N 2 ? 
C N N 3 ? 
# 
_struct_ref.id                         1 
_struct_ref.db_name                    UNP 
_struct_ref.db_code                    ETHR_MYCTO 
_struct_ref.pdbx_db_accession          P9WMC0 
_struct_ref.pdbx_db_isoform            ? 
_struct_ref.entity_id                  1 
_struct_ref.pdbx_seq_one_letter_code   
;MTTSAASQASLPRGRRTARPSGDDRELAILATAENLLEDRPLADISVDDLAKGAGISRPTFYFYFPSKEAVLLTLLDRVV
NQADMALQTLAENPADTDRENMWRTGINVFFETFGSHKAVTRAGQAARATSVEVAELWSTFMQKWIAYTAAVIDAERDRG
AAPRTLPAHELATALNLMNERTLFASFAGEQPSVPEARVLDTLVHIWVTSIYGENR
;
_struct_ref.pdbx_align_begin           1 
# 
_struct_ref_seq.align_id                      1 
_struct_ref_seq.ref_id                        1 
_struct_ref_seq.pdbx_PDB_id_code              6HOF 
_struct_ref_seq.pdbx_strand_id                A 
_struct_ref_seq.seq_align_beg                 13 
_struct_ref_seq.pdbx_seq_align_beg_ins_code   ? 
_struct_ref_seq.seq_align_end                 228 
_struct_ref_seq.pdbx_seq_align_end_ins_code   ? 
_struct_ref_seq.pdbx_db_accession             P9WMC0 
_struct_ref_seq.db_align_beg                  1 
_struct_ref_seq.pdbx_db_align_beg_ins_code    ? 
_struct_ref_seq.db_align_end                  216 
_struct_ref_seq.pdbx_db_align_end_ins_code    ? 
_struct_ref_seq.pdbx_auth_seq_align_beg       1 
_struct_ref_seq.pdbx_auth_seq_align_end       216 
# 
loop_
_struct_ref_seq_dif.align_id 
_struct_ref_seq_dif.pdbx_pdb_id_code 
_struct_ref_seq_dif.mon_id 
_struct_ref_seq_dif.pdbx_pdb_strand_id 
_struct_ref_seq_dif.seq_num 
_struct_ref_seq_dif.pdbx_pdb_ins_code 
_struct_ref_seq_dif.pdbx_seq_db_name 
_struct_ref_seq_dif.pdbx_seq_db_accession_code 
_struct_ref_seq_dif.db_mon_id 
_struct_ref_seq_dif.pdbx_seq_db_seq_num 
_struct_ref_seq_dif.details 
_struct_ref_seq_dif.pdbx_auth_seq_num 
_struct_ref_seq_dif.pdbx_ordinal 
1 6HOF MET A 1  ? UNP P9WMC0 ? ? 'initiating methionine' -11 1  
1 6HOF THR A 2  ? UNP P9WMC0 ? ? 'expression tag'        -10 2  
1 6HOF THR A 3  ? UNP P9WMC0 ? ? 'expression tag'        -9  3  
1 6HOF SER A 4  ? UNP P9WMC0 ? ? 'expression tag'        -8  4  
1 6HOF ALA A 5  ? UNP P9WMC0 ? ? 'expression tag'        -7  5  
1 6HOF ALA A 6  ? UNP P9WMC0 ? ? 'expression tag'        -6  6  
1 6HOF SER A 7  ? UNP P9WMC0 ? ? 'expression tag'        -5  7  
1 6HOF GLN A 8  ? UNP P9WMC0 ? ? 'expression tag'        -4  8  
1 6HOF ALA A 9  ? UNP P9WMC0 ? ? 'expression tag'        -3  9  
1 6HOF SER A 10 ? UNP P9WMC0 ? ? 'expression tag'        -2  10 
1 6HOF LEU A 11 ? UNP P9WMC0 ? ? 'expression tag'        -1  11 
1 6HOF PRO A 12 ? UNP P9WMC0 ? ? 'expression tag'        0   12 
# 
_pdbx_struct_assembly.id                   1 
_pdbx_struct_assembly.details              author_and_software_defined_assembly 
_pdbx_struct_assembly.method_details       PISA 
_pdbx_struct_assembly.oligomeric_details   dimeric 
_pdbx_struct_assembly.oligomeric_count     2 
# 
loop_
_pdbx_struct_assembly_prop.biol_id 
_pdbx_struct_assembly_prop.type 
_pdbx_struct_assembly_prop.value 
_pdbx_struct_assembly_prop.details 
1 'ABSA (A^2)' 2670  ? 
1 MORE         -21   ? 
1 'SSA (A^2)'  17090 ? 
# 
_pdbx_struct_assembly_gen.assembly_id       1 
_pdbx_struct_assembly_gen.oper_expression   1,2 
_pdbx_struct_assembly_gen.asym_id_list      A,B,C 
# 
_pdbx_struct_assembly_auth_evidence.id                     1 
_pdbx_struct_assembly_auth_evidence.assembly_id            1 
_pdbx_struct_assembly_auth_evidence.experimental_support   none 
_pdbx_struct_assembly_auth_evidence.details                ? 
# 
loop_
_pdbx_struct_oper_list.id 
_pdbx_struct_oper_list.type 
_pdbx_struct_oper_list.name 
_pdbx_struct_oper_list.symmetry_operation 
_pdbx_struct_oper_list.matrix[1][1] 
_pdbx_struct_oper_list.matrix[1][2] 
_pdbx_struct_oper_list.matrix[1][3] 
_pdbx_struct_oper_list.vector[1] 
_pdbx_struct_oper_list.matrix[2][1] 
_pdbx_struct_oper_list.matrix[2][2] 
_pdbx_struct_oper_list.matrix[2][3] 
_pdbx_struct_oper_list.vector[2] 
_pdbx_struct_oper_list.matrix[3][1] 
_pdbx_struct_oper_list.matrix[3][2] 
_pdbx_struct_oper_list.matrix[3][3] 
_pdbx_struct_oper_list.vector[3] 
1 'identity operation'         1_555 x,y,z  1.0000000000  0.0000000000  0.0000000000 0.0000000000   0.0000000000  1.0000000000 0.0000000000  0.0000000000   0.0000000000 0.0000000000  1.0000000000  0.0000000000 
2 'crystal symmetry operation' 7_555 y,x,-z -0.1940525866 -0.9623706633 0.1902269699 -19.0642681529 -0.9623706633 0.1491535033 -0.2271473947 -14.4896083140 0.1902269699 -0.2271473947 -0.9551009167 7.4669939973 
# 
loop_
_struct_conf.conf_type_id 
_struct_conf.id 
_struct_conf.pdbx_PDB_helix_id 
_struct_conf.beg_label_comp_id 
_struct_conf.beg_label_asym_id 
_struct_conf.beg_label_seq_id 
_struct_conf.pdbx_beg_PDB_ins_code 
_struct_conf.end_label_comp_id 
_struct_conf.end_label_asym_id 
_struct_conf.end_label_seq_id 
_struct_conf.pdbx_end_PDB_ins_code 
_struct_conf.beg_auth_comp_id 
_struct_conf.beg_auth_asym_id 
_struct_conf.beg_auth_seq_id 
_struct_conf.end_auth_comp_id 
_struct_conf.end_auth_asym_id 
_struct_conf.end_auth_seq_id 
_struct_conf.pdbx_PDB_helix_class 
_struct_conf.details 
_struct_conf.pdbx_PDB_helix_length 
HELX_P HELX_P1  AA1 ASP A 36  ? GLU A 50  ? ASP A 24  GLU A 38  1 ? 15 
HELX_P HELX_P2  AA2 PRO A 53  ? ILE A 57  ? PRO A 41  ILE A 45  5 ? 5  
HELX_P HELX_P3  AA3 SER A 58  ? GLY A 67  ? SER A 46  GLY A 55  1 ? 10 
HELX_P HELX_P4  AA4 SER A 69  ? PHE A 77  ? SER A 57  PHE A 65  1 ? 9  
HELX_P HELX_P5  AA5 SER A 79  ? ASN A 105 ? SER A 67  ASN A 93  1 ? 27 
HELX_P HELX_P6  AA6 ASP A 110 ? SER A 128 ? ASP A 98  SER A 116 1 ? 19 
HELX_P HELX_P7  AA7 HIS A 129 ? ARG A 140 ? HIS A 117 ARG A 128 1 ? 12 
HELX_P HELX_P8  AA8 SER A 143 ? ARG A 171 ? SER A 131 ARG A 159 1 ? 29 
HELX_P HELX_P9  AA9 PRO A 179 ? ALA A 200 ? PRO A 167 ALA A 188 1 ? 22 
HELX_P HELX_P10 AB1 PRO A 207 ? GLY A 225 ? PRO A 195 GLY A 213 1 ? 19 
# 
_struct_conf_type.id          HELX_P 
_struct_conf_type.criteria    ? 
_struct_conf_type.reference   ? 
# 
_struct_mon_prot_cis.pdbx_id                1 
_struct_mon_prot_cis.label_comp_id          GLN 
_struct_mon_prot_cis.label_seq_id           203 
_struct_mon_prot_cis.label_asym_id          A 
_struct_mon_prot_cis.label_alt_id           . 
_struct_mon_prot_cis.pdbx_PDB_ins_code      ? 
_struct_mon_prot_cis.auth_comp_id           GLN 
_struct_mon_prot_cis.auth_seq_id            191 
_struct_mon_prot_cis.auth_asym_id           A 
_struct_mon_prot_cis.pdbx_label_comp_id_2   PRO 
_struct_mon_prot_cis.pdbx_label_seq_id_2    204 
_struct_mon_prot_cis.pdbx_label_asym_id_2   A 
_struct_mon_prot_cis.pdbx_PDB_ins_code_2    ? 
_struct_mon_prot_cis.pdbx_auth_comp_id_2    PRO 
_struct_mon_prot_cis.pdbx_auth_seq_id_2     192 
_struct_mon_prot_cis.pdbx_auth_asym_id_2    A 
_struct_mon_prot_cis.pdbx_PDB_model_num     1 
_struct_mon_prot_cis.pdbx_omega_angle       5.58 
# 
_struct_site.id                   AC1 
_struct_site.pdbx_evidence_code   Software 
_struct_site.pdbx_auth_asym_id    A 
_struct_site.pdbx_auth_comp_id    GJ8 
_struct_site.pdbx_auth_seq_id     301 
_struct_site.pdbx_auth_ins_code   ? 
_struct_site.pdbx_num_residues    21 
_struct_site.details              'binding site for residue GJ8 A 301' 
# 
loop_
_struct_site_gen.id 
_struct_site_gen.site_id 
_struct_site_gen.pdbx_num_res 
_struct_site_gen.label_comp_id 
_struct_site_gen.label_asym_id 
_struct_site_gen.label_seq_id 
_struct_site_gen.pdbx_auth_ins_code 
_struct_site_gen.auth_comp_id 
_struct_site_gen.auth_asym_id 
_struct_site_gen.auth_seq_id 
_struct_site_gen.label_atom_id 
_struct_site_gen.label_alt_id 
_struct_site_gen.symmetry 
_struct_site_gen.details 
1  AC1 21 LEU A 99  ? LEU A 87  . ? 1_555 ? 
2  AC1 21 LEU A 102 ? LEU A 90  . ? 1_555 ? 
3  AC1 21 PRO A 106 ? PRO A 94  . ? 1_555 ? 
4  AC1 21 ALA A 107 ? ALA A 95  . ? 1_555 ? 
5  AC1 21 MET A 114 ? MET A 102 . ? 1_555 ? 
6  AC1 21 TRP A 115 ? TRP A 103 . ? 1_555 ? 
7  AC1 21 GLY A 118 ? GLY A 106 . ? 1_555 ? 
8  AC1 21 PHE A 122 ? PHE A 110 . ? 1_555 ? 
9  AC1 21 PHE A 126 ? PHE A 114 . ? 1_555 ? 
10 AC1 21 TRP A 150 ? TRP A 138 . ? 1_555 ? 
11 AC1 21 MET A 154 ? MET A 142 . ? 1_555 ? 
12 AC1 21 TRP A 157 ? TRP A 145 . ? 1_555 ? 
13 AC1 21 TYR A 160 ? TYR A 148 . ? 1_555 ? 
14 AC1 21 THR A 161 ? THR A 149 . ? 1_555 ? 
15 AC1 21 VAL A 164 ? VAL A 152 . ? 1_555 ? 
16 AC1 21 ASN A 188 ? ASN A 176 . ? 1_555 ? 
17 AC1 21 ASN A 191 ? ASN A 179 . ? 1_555 ? 
18 AC1 21 GLU A 192 ? GLU A 180 . ? 1_555 ? 
19 AC1 21 LEU A 195 ? LEU A 183 . ? 1_555 ? 
20 AC1 21 PHE A 196 ? PHE A 184 . ? 1_555 ? 
21 AC1 21 TRP A 219 ? TRP A 207 . ? 1_555 ? 
# 
_pdbx_validate_torsion.id              1 
_pdbx_validate_torsion.PDB_model_num   1 
_pdbx_validate_torsion.auth_comp_id    THR 
_pdbx_validate_torsion.auth_asym_id    A 
_pdbx_validate_torsion.auth_seq_id     165 
_pdbx_validate_torsion.PDB_ins_code    ? 
_pdbx_validate_torsion.label_alt_id    ? 
_pdbx_validate_torsion.phi             -107.15 
_pdbx_validate_torsion.psi             -105.84 
# 
loop_
_pdbx_unobs_or_zero_occ_residues.id 
_pdbx_unobs_or_zero_occ_residues.PDB_model_num 
_pdbx_unobs_or_zero_occ_residues.polymer_flag 
_pdbx_unobs_or_zero_occ_residues.occupancy_flag 
_pdbx_unobs_or_zero_occ_residues.auth_asym_id 
_pdbx_unobs_or_zero_occ_residues.auth_comp_id 
_pdbx_unobs_or_zero_occ_residues.auth_seq_id 
_pdbx_unobs_or_zero_occ_residues.PDB_ins_code 
_pdbx_unobs_or_zero_occ_residues.label_asym_id 
_pdbx_unobs_or_zero_occ_residues.label_comp_id 
_pdbx_unobs_or_zero_occ_residues.label_seq_id 
1  1 Y 1 A MET -11 ? A MET 1   
2  1 Y 1 A THR -10 ? A THR 2   
3  1 Y 1 A THR -9  ? A THR 3   
4  1 Y 1 A SER -8  ? A SER 4   
5  1 Y 1 A ALA -7  ? A ALA 5   
6  1 Y 1 A ALA -6  ? A ALA 6   
7  1 Y 1 A SER -5  ? A SER 7   
8  1 Y 1 A GLN -4  ? A GLN 8   
9  1 Y 1 A ALA -3  ? A ALA 9   
10 1 Y 1 A SER -2  ? A SER 10  
11 1 Y 1 A LEU -1  ? A LEU 11  
12 1 Y 1 A PRO 0   ? A PRO 12  
13 1 Y 1 A MET 1   ? A MET 13  
14 1 Y 1 A THR 2   ? A THR 14  
15 1 Y 1 A THR 3   ? A THR 15  
16 1 Y 1 A SER 4   ? A SER 16  
17 1 Y 1 A ALA 5   ? A ALA 17  
18 1 Y 1 A ALA 6   ? A ALA 18  
19 1 Y 1 A SER 7   ? A SER 19  
20 1 Y 1 A GLN 8   ? A GLN 20  
21 1 Y 1 A ALA 9   ? A ALA 21  
22 1 Y 1 A SER 10  ? A SER 22  
23 1 Y 1 A LEU 11  ? A LEU 23  
24 1 Y 1 A PRO 12  ? A PRO 24  
25 1 Y 1 A ARG 13  ? A ARG 25  
26 1 Y 1 A GLY 14  ? A GLY 26  
27 1 Y 1 A ARG 15  ? A ARG 27  
28 1 Y 1 A ARG 16  ? A ARG 28  
29 1 Y 1 A THR 17  ? A THR 29  
30 1 Y 1 A ALA 18  ? A ALA 30  
31 1 Y 1 A ARG 19  ? A ARG 31  
32 1 Y 1 A PRO 20  ? A PRO 32  
33 1 Y 1 A SER 21  ? A SER 33  
34 1 Y 1 A GLY 22  ? A GLY 34  
35 1 Y 1 A ASP 23  ? A ASP 35  
36 1 Y 1 A ASN 215 ? A ASN 227 
37 1 Y 1 A ARG 216 ? A ARG 228 
# 
loop_
_chem_comp_atom.comp_id 
_chem_comp_atom.atom_id 
_chem_comp_atom.type_symbol 
_chem_comp_atom.pdbx_aromatic_flag 
_chem_comp_atom.pdbx_stereo_config 
_chem_comp_atom.pdbx_ordinal 
ALA N    N N N 1   
ALA CA   C N S 2   
ALA C    C N N 3   
ALA O    O N N 4   
ALA CB   C N N 5   
ALA OXT  O N N 6   
ALA H    H N N 7   
ALA H2   H N N 8   
ALA HA   H N N 9   
ALA HB1  H N N 10  
ALA HB2  H N N 11  
ALA HB3  H N N 12  
ALA HXT  H N N 13  
ARG N    N N N 14  
ARG CA   C N S 15  
ARG C    C N N 16  
ARG O    O N N 17  
ARG CB   C N N 18  
ARG CG   C N N 19  
ARG CD   C N N 20  
ARG NE   N N N 21  
ARG CZ   C N N 22  
ARG NH1  N N N 23  
ARG NH2  N N N 24  
ARG OXT  O N N 25  
ARG H    H N N 26  
ARG H2   H N N 27  
ARG HA   H N N 28  
ARG HB2  H N N 29  
ARG HB3  H N N 30  
ARG HG2  H N N 31  
ARG HG3  H N N 32  
ARG HD2  H N N 33  
ARG HD3  H N N 34  
ARG HE   H N N 35  
ARG HH11 H N N 36  
ARG HH12 H N N 37  
ARG HH21 H N N 38  
ARG HH22 H N N 39  
ARG HXT  H N N 40  
ASN N    N N N 41  
ASN CA   C N S 42  
ASN C    C N N 43  
ASN O    O N N 44  
ASN CB   C N N 45  
ASN CG   C N N 46  
ASN OD1  O N N 47  
ASN ND2  N N N 48  
ASN OXT  O N N 49  
ASN H    H N N 50  
ASN H2   H N N 51  
ASN HA   H N N 52  
ASN HB2  H N N 53  
ASN HB3  H N N 54  
ASN HD21 H N N 55  
ASN HD22 H N N 56  
ASN HXT  H N N 57  
ASP N    N N N 58  
ASP CA   C N S 59  
ASP C    C N N 60  
ASP O    O N N 61  
ASP CB   C N N 62  
ASP CG   C N N 63  
ASP OD1  O N N 64  
ASP OD2  O N N 65  
ASP OXT  O N N 66  
ASP H    H N N 67  
ASP H2   H N N 68  
ASP HA   H N N 69  
ASP HB2  H N N 70  
ASP HB3  H N N 71  
ASP HD2  H N N 72  
ASP HXT  H N N 73  
GJ8 C4   C N N 74  
GJ8 C14  C N N 75  
GJ8 C5   C Y N 76  
GJ8 C6   C Y N 77  
GJ8 C11  C Y N 78  
GJ8 C7   C Y N 79  
GJ8 C8   C Y N 80  
GJ8 C9   C Y N 81  
GJ8 C10  C Y N 82  
GJ8 C12  C Y N 83  
GJ8 C13  C Y N 84  
GJ8 N1   N N N 85  
GJ8 N2   N N N 86  
GJ8 C3   C N N 87  
GJ8 N3   N Y N 88  
GJ8 F1   F N N 89  
GJ8 C1   C N N 90  
GJ8 F2   F N N 91  
GJ8 F3   F N N 92  
GJ8 C2   C N N 93  
GJ8 O1   O N N 94  
GJ8 S1   S Y N 95  
GJ8 S2   S N N 96  
GJ8 O2   O N N 97  
GJ8 O3   O N N 98  
GJ8 C15  C Y N 99  
GJ8 C16  C Y N 100 
GJ8 C17  C Y N 101 
GJ8 C18  C Y N 102 
GJ8 C19  C Y N 103 
GJ8 C20  C Y N 104 
GJ8 H1   H N N 105 
GJ8 H2   H N N 106 
GJ8 H3   H N N 107 
GJ8 H4   H N N 108 
GJ8 H5   H N N 109 
GJ8 H6   H N N 110 
GJ8 H7   H N N 111 
GJ8 H8   H N N 112 
GJ8 H9   H N N 113 
GJ8 H10  H N N 114 
GJ8 H11  H N N 115 
GJ8 H12  H N N 116 
GJ8 H13  H N N 117 
GJ8 H14  H N N 118 
GJ8 H15  H N N 119 
GJ8 H16  H N N 120 
GJ8 H17  H N N 121 
GJ8 H18  H N N 122 
GLN N    N N N 123 
GLN CA   C N S 124 
GLN C    C N N 125 
GLN O    O N N 126 
GLN CB   C N N 127 
GLN CG   C N N 128 
GLN CD   C N N 129 
GLN OE1  O N N 130 
GLN NE2  N N N 131 
GLN OXT  O N N 132 
GLN H    H N N 133 
GLN H2   H N N 134 
GLN HA   H N N 135 
GLN HB2  H N N 136 
GLN HB3  H N N 137 
GLN HG2  H N N 138 
GLN HG3  H N N 139 
GLN HE21 H N N 140 
GLN HE22 H N N 141 
GLN HXT  H N N 142 
GLU N    N N N 143 
GLU CA   C N S 144 
GLU C    C N N 145 
GLU O    O N N 146 
GLU CB   C N N 147 
GLU CG   C N N 148 
GLU CD   C N N 149 
GLU OE1  O N N 150 
GLU OE2  O N N 151 
GLU OXT  O N N 152 
GLU H    H N N 153 
GLU H2   H N N 154 
GLU HA   H N N 155 
GLU HB2  H N N 156 
GLU HB3  H N N 157 
GLU HG2  H N N 158 
GLU HG3  H N N 159 
GLU HE2  H N N 160 
GLU HXT  H N N 161 
GLY N    N N N 162 
GLY CA   C N N 163 
GLY C    C N N 164 
GLY O    O N N 165 
GLY OXT  O N N 166 
GLY H    H N N 167 
GLY H2   H N N 168 
GLY HA2  H N N 169 
GLY HA3  H N N 170 
GLY HXT  H N N 171 
HIS N    N N N 172 
HIS CA   C N S 173 
HIS C    C N N 174 
HIS O    O N N 175 
HIS CB   C N N 176 
HIS CG   C Y N 177 
HIS ND1  N Y N 178 
HIS CD2  C Y N 179 
HIS CE1  C Y N 180 
HIS NE2  N Y N 181 
HIS OXT  O N N 182 
HIS H    H N N 183 
HIS H2   H N N 184 
HIS HA   H N N 185 
HIS HB2  H N N 186 
HIS HB3  H N N 187 
HIS HD1  H N N 188 
HIS HD2  H N N 189 
HIS HE1  H N N 190 
HIS HE2  H N N 191 
HIS HXT  H N N 192 
HOH O    O N N 193 
HOH H1   H N N 194 
HOH H2   H N N 195 
ILE N    N N N 196 
ILE CA   C N S 197 
ILE C    C N N 198 
ILE O    O N N 199 
ILE CB   C N S 200 
ILE CG1  C N N 201 
ILE CG2  C N N 202 
ILE CD1  C N N 203 
ILE OXT  O N N 204 
ILE H    H N N 205 
ILE H2   H N N 206 
ILE HA   H N N 207 
ILE HB   H N N 208 
ILE HG12 H N N 209 
ILE HG13 H N N 210 
ILE HG21 H N N 211 
ILE HG22 H N N 212 
ILE HG23 H N N 213 
ILE HD11 H N N 214 
ILE HD12 H N N 215 
ILE HD13 H N N 216 
ILE HXT  H N N 217 
LEU N    N N N 218 
LEU CA   C N S 219 
LEU C    C N N 220 
LEU O    O N N 221 
LEU CB   C N N 222 
LEU CG   C N N 223 
LEU CD1  C N N 224 
LEU CD2  C N N 225 
LEU OXT  O N N 226 
LEU H    H N N 227 
LEU H2   H N N 228 
LEU HA   H N N 229 
LEU HB2  H N N 230 
LEU HB3  H N N 231 
LEU HG   H N N 232 
LEU HD11 H N N 233 
LEU HD12 H N N 234 
LEU HD13 H N N 235 
LEU HD21 H N N 236 
LEU HD22 H N N 237 
LEU HD23 H N N 238 
LEU HXT  H N N 239 
LYS N    N N N 240 
LYS CA   C N S 241 
LYS C    C N N 242 
LYS O    O N N 243 
LYS CB   C N N 244 
LYS CG   C N N 245 
LYS CD   C N N 246 
LYS CE   C N N 247 
LYS NZ   N N N 248 
LYS OXT  O N N 249 
LYS H    H N N 250 
LYS H2   H N N 251 
LYS HA   H N N 252 
LYS HB2  H N N 253 
LYS HB3  H N N 254 
LYS HG2  H N N 255 
LYS HG3  H N N 256 
LYS HD2  H N N 257 
LYS HD3  H N N 258 
LYS HE2  H N N 259 
LYS HE3  H N N 260 
LYS HZ1  H N N 261 
LYS HZ2  H N N 262 
LYS HZ3  H N N 263 
LYS HXT  H N N 264 
MET N    N N N 265 
MET CA   C N S 266 
MET C    C N N 267 
MET O    O N N 268 
MET CB   C N N 269 
MET CG   C N N 270 
MET SD   S N N 271 
MET CE   C N N 272 
MET OXT  O N N 273 
MET H    H N N 274 
MET H2   H N N 275 
MET HA   H N N 276 
MET HB2  H N N 277 
MET HB3  H N N 278 
MET HG2  H N N 279 
MET HG3  H N N 280 
MET HE1  H N N 281 
MET HE2  H N N 282 
MET HE3  H N N 283 
MET HXT  H N N 284 
PHE N    N N N 285 
PHE CA   C N S 286 
PHE C    C N N 287 
PHE O    O N N 288 
PHE CB   C N N 289 
PHE CG   C Y N 290 
PHE CD1  C Y N 291 
PHE CD2  C Y N 292 
PHE CE1  C Y N 293 
PHE CE2  C Y N 294 
PHE CZ   C Y N 295 
PHE OXT  O N N 296 
PHE H    H N N 297 
PHE H2   H N N 298 
PHE HA   H N N 299 
PHE HB2  H N N 300 
PHE HB3  H N N 301 
PHE HD1  H N N 302 
PHE HD2  H N N 303 
PHE HE1  H N N 304 
PHE HE2  H N N 305 
PHE HZ   H N N 306 
PHE HXT  H N N 307 
PRO N    N N N 308 
PRO CA   C N S 309 
PRO C    C N N 310 
PRO O    O N N 311 
PRO CB   C N N 312 
PRO CG   C N N 313 
PRO CD   C N N 314 
PRO OXT  O N N 315 
PRO H    H N N 316 
PRO HA   H N N 317 
PRO HB2  H N N 318 
PRO HB3  H N N 319 
PRO HG2  H N N 320 
PRO HG3  H N N 321 
PRO HD2  H N N 322 
PRO HD3  H N N 323 
PRO HXT  H N N 324 
SER N    N N N 325 
SER CA   C N S 326 
SER C    C N N 327 
SER O    O N N 328 
SER CB   C N N 329 
SER OG   O N N 330 
SER OXT  O N N 331 
SER H    H N N 332 
SER H2   H N N 333 
SER HA   H N N 334 
SER HB2  H N N 335 
SER HB3  H N N 336 
SER HG   H N N 337 
SER HXT  H N N 338 
THR N    N N N 339 
THR CA   C N S 340 
THR C    C N N 341 
THR O    O N N 342 
THR CB   C N R 343 
THR OG1  O N N 344 
THR CG2  C N N 345 
THR OXT  O N N 346 
THR H    H N N 347 
THR H2   H N N 348 
THR HA   H N N 349 
THR HB   H N N 350 
THR HG1  H N N 351 
THR HG21 H N N 352 
THR HG22 H N N 353 
THR HG23 H N N 354 
THR HXT  H N N 355 
TRP N    N N N 356 
TRP CA   C N S 357 
TRP C    C N N 358 
TRP O    O N N 359 
TRP CB   C N N 360 
TRP CG   C Y N 361 
TRP CD1  C Y N 362 
TRP CD2  C Y N 363 
TRP NE1  N Y N 364 
TRP CE2  C Y N 365 
TRP CE3  C Y N 366 
TRP CZ2  C Y N 367 
TRP CZ3  C Y N 368 
TRP CH2  C Y N 369 
TRP OXT  O N N 370 
TRP H    H N N 371 
TRP H2   H N N 372 
TRP HA   H N N 373 
TRP HB2  H N N 374 
TRP HB3  H N N 375 
TRP HD1  H N N 376 
TRP HE1  H N N 377 
TRP HE3  H N N 378 
TRP HZ2  H N N 379 
TRP HZ3  H N N 380 
TRP HH2  H N N 381 
TRP HXT  H N N 382 
TYR N    N N N 383 
TYR CA   C N S 384 
TYR C    C N N 385 
TYR O    O N N 386 
TYR CB   C N N 387 
TYR CG   C Y N 388 
TYR CD1  C Y N 389 
TYR CD2  C Y N 390 
TYR CE1  C Y N 391 
TYR CE2  C Y N 392 
TYR CZ   C Y N 393 
TYR OH   O N N 394 
TYR OXT  O N N 395 
TYR H    H N N 396 
TYR H2   H N N 397 
TYR HA   H N N 398 
TYR HB2  H N N 399 
TYR HB3  H N N 400 
TYR HD1  H N N 401 
TYR HD2  H N N 402 
TYR HE1  H N N 403 
TYR HE2  H N N 404 
TYR HH   H N N 405 
TYR HXT  H N N 406 
VAL N    N N N 407 
VAL CA   C N S 408 
VAL C    C N N 409 
VAL O    O N N 410 
VAL CB   C N N 411 
VAL CG1  C N N 412 
VAL CG2  C N N 413 
VAL OXT  O N N 414 
VAL H    H N N 415 
VAL H2   H N N 416 
VAL HA   H N N 417 
VAL HB   H N N 418 
VAL HG11 H N N 419 
VAL HG12 H N N 420 
VAL HG13 H N N 421 
VAL HG21 H N N 422 
VAL HG22 H N N 423 
VAL HG23 H N N 424 
VAL HXT  H N N 425 
# 
loop_
_chem_comp_bond.comp_id 
_chem_comp_bond.atom_id_1 
_chem_comp_bond.atom_id_2 
_chem_comp_bond.value_order 
_chem_comp_bond.pdbx_aromatic_flag 
_chem_comp_bond.pdbx_stereo_config 
_chem_comp_bond.pdbx_ordinal 
ALA N   CA   sing N N 1   
ALA N   H    sing N N 2   
ALA N   H2   sing N N 3   
ALA CA  C    sing N N 4   
ALA CA  CB   sing N N 5   
ALA CA  HA   sing N N 6   
ALA C   O    doub N N 7   
ALA C   OXT  sing N N 8   
ALA CB  HB1  sing N N 9   
ALA CB  HB2  sing N N 10  
ALA CB  HB3  sing N N 11  
ALA OXT HXT  sing N N 12  
ARG N   CA   sing N N 13  
ARG N   H    sing N N 14  
ARG N   H2   sing N N 15  
ARG CA  C    sing N N 16  
ARG CA  CB   sing N N 17  
ARG CA  HA   sing N N 18  
ARG C   O    doub N N 19  
ARG C   OXT  sing N N 20  
ARG CB  CG   sing N N 21  
ARG CB  HB2  sing N N 22  
ARG CB  HB3  sing N N 23  
ARG CG  CD   sing N N 24  
ARG CG  HG2  sing N N 25  
ARG CG  HG3  sing N N 26  
ARG CD  NE   sing N N 27  
ARG CD  HD2  sing N N 28  
ARG CD  HD3  sing N N 29  
ARG NE  CZ   sing N N 30  
ARG NE  HE   sing N N 31  
ARG CZ  NH1  sing N N 32  
ARG CZ  NH2  doub N N 33  
ARG NH1 HH11 sing N N 34  
ARG NH1 HH12 sing N N 35  
ARG NH2 HH21 sing N N 36  
ARG NH2 HH22 sing N N 37  
ARG OXT HXT  sing N N 38  
ASN N   CA   sing N N 39  
ASN N   H    sing N N 40  
ASN N   H2   sing N N 41  
ASN CA  C    sing N N 42  
ASN CA  CB   sing N N 43  
ASN CA  HA   sing N N 44  
ASN C   O    doub N N 45  
ASN C   OXT  sing N N 46  
ASN CB  CG   sing N N 47  
ASN CB  HB2  sing N N 48  
ASN CB  HB3  sing N N 49  
ASN CG  OD1  doub N N 50  
ASN CG  ND2  sing N N 51  
ASN ND2 HD21 sing N N 52  
ASN ND2 HD22 sing N N 53  
ASN OXT HXT  sing N N 54  
ASP N   CA   sing N N 55  
ASP N   H    sing N N 56  
ASP N   H2   sing N N 57  
ASP CA  C    sing N N 58  
ASP CA  CB   sing N N 59  
ASP CA  HA   sing N N 60  
ASP C   O    doub N N 61  
ASP C   OXT  sing N N 62  
ASP CB  CG   sing N N 63  
ASP CB  HB2  sing N N 64  
ASP CB  HB3  sing N N 65  
ASP CG  OD1  doub N N 66  
ASP CG  OD2  sing N N 67  
ASP OD2 HD2  sing N N 68  
ASP OXT HXT  sing N N 69  
GJ8 F2  C1   sing N N 70  
GJ8 F3  C1   sing N N 71  
GJ8 O1  C4   doub N N 72  
GJ8 C1  F1   sing N N 73  
GJ8 C1  C2   sing N N 74  
GJ8 C17 C18  doub Y N 75  
GJ8 C17 C16  sing Y N 76  
GJ8 C2  C3   sing N N 77  
GJ8 C18 C19  sing Y N 78  
GJ8 C16 C15  doub Y N 79  
GJ8 C10 C9   doub Y N 80  
GJ8 C10 C5   sing Y N 81  
GJ8 C4  C5   sing N N 82  
GJ8 C4  N1   sing N N 83  
GJ8 C3  N1   sing N N 84  
GJ8 C9  C8   sing Y N 85  
GJ8 C5  C6   doub Y N 86  
GJ8 N2  C14  sing N N 87  
GJ8 N2  S2   sing N N 88  
GJ8 C19 C20  doub Y N 89  
GJ8 C15 C20  sing Y N 90  
GJ8 C15 S2   sing N N 91  
GJ8 N3  C13  doub Y N 92  
GJ8 N3  C11  sing Y N 93  
GJ8 C14 C13  sing N N 94  
GJ8 C8  C11  sing N N 95  
GJ8 C8  C7   doub Y N 96  
GJ8 C6  C7   sing Y N 97  
GJ8 S2  O2   doub N N 98  
GJ8 S2  O3   doub N N 99  
GJ8 C13 S1   sing Y N 100 
GJ8 C11 C12  doub Y N 101 
GJ8 C12 S1   sing Y N 102 
GJ8 C14 H1   sing N N 103 
GJ8 C14 H2   sing N N 104 
GJ8 C6  H3   sing N N 105 
GJ8 C7  H4   sing N N 106 
GJ8 C9  H5   sing N N 107 
GJ8 C10 H6   sing N N 108 
GJ8 C12 H7   sing N N 109 
GJ8 N1  H8   sing N N 110 
GJ8 N2  H9   sing N N 111 
GJ8 C3  H10  sing N N 112 
GJ8 C3  H11  sing N N 113 
GJ8 C2  H12  sing N N 114 
GJ8 C2  H13  sing N N 115 
GJ8 C16 H14  sing N N 116 
GJ8 C17 H15  sing N N 117 
GJ8 C18 H16  sing N N 118 
GJ8 C19 H17  sing N N 119 
GJ8 C20 H18  sing N N 120 
GLN N   CA   sing N N 121 
GLN N   H    sing N N 122 
GLN N   H2   sing N N 123 
GLN CA  C    sing N N 124 
GLN CA  CB   sing N N 125 
GLN CA  HA   sing N N 126 
GLN C   O    doub N N 127 
GLN C   OXT  sing N N 128 
GLN CB  CG   sing N N 129 
GLN CB  HB2  sing N N 130 
GLN CB  HB3  sing N N 131 
GLN CG  CD   sing N N 132 
GLN CG  HG2  sing N N 133 
GLN CG  HG3  sing N N 134 
GLN CD  OE1  doub N N 135 
GLN CD  NE2  sing N N 136 
GLN NE2 HE21 sing N N 137 
GLN NE2 HE22 sing N N 138 
GLN OXT HXT  sing N N 139 
GLU N   CA   sing N N 140 
GLU N   H    sing N N 141 
GLU N   H2   sing N N 142 
GLU CA  C    sing N N 143 
GLU CA  CB   sing N N 144 
GLU CA  HA   sing N N 145 
GLU C   O    doub N N 146 
GLU C   OXT  sing N N 147 
GLU CB  CG   sing N N 148 
GLU CB  HB2  sing N N 149 
GLU CB  HB3  sing N N 150 
GLU CG  CD   sing N N 151 
GLU CG  HG2  sing N N 152 
GLU CG  HG3  sing N N 153 
GLU CD  OE1  doub N N 154 
GLU CD  OE2  sing N N 155 
GLU OE2 HE2  sing N N 156 
GLU OXT HXT  sing N N 157 
GLY N   CA   sing N N 158 
GLY N   H    sing N N 159 
GLY N   H2   sing N N 160 
GLY CA  C    sing N N 161 
GLY CA  HA2  sing N N 162 
GLY CA  HA3  sing N N 163 
GLY C   O    doub N N 164 
GLY C   OXT  sing N N 165 
GLY OXT HXT  sing N N 166 
HIS N   CA   sing N N 167 
HIS N   H    sing N N 168 
HIS N   H2   sing N N 169 
HIS CA  C    sing N N 170 
HIS CA  CB   sing N N 171 
HIS CA  HA   sing N N 172 
HIS C   O    doub N N 173 
HIS C   OXT  sing N N 174 
HIS CB  CG   sing N N 175 
HIS CB  HB2  sing N N 176 
HIS CB  HB3  sing N N 177 
HIS CG  ND1  sing Y N 178 
HIS CG  CD2  doub Y N 179 
HIS ND1 CE1  doub Y N 180 
HIS ND1 HD1  sing N N 181 
HIS CD2 NE2  sing Y N 182 
HIS CD2 HD2  sing N N 183 
HIS CE1 NE2  sing Y N 184 
HIS CE1 HE1  sing N N 185 
HIS NE2 HE2  sing N N 186 
HIS OXT HXT  sing N N 187 
HOH O   H1   sing N N 188 
HOH O   H2   sing N N 189 
ILE N   CA   sing N N 190 
ILE N   H    sing N N 191 
ILE N   H2   sing N N 192 
ILE CA  C    sing N N 193 
ILE CA  CB   sing N N 194 
ILE CA  HA   sing N N 195 
ILE C   O    doub N N 196 
ILE C   OXT  sing N N 197 
ILE CB  CG1  sing N N 198 
ILE CB  CG2  sing N N 199 
ILE CB  HB   sing N N 200 
ILE CG1 CD1  sing N N 201 
ILE CG1 HG12 sing N N 202 
ILE CG1 HG13 sing N N 203 
ILE CG2 HG21 sing N N 204 
ILE CG2 HG22 sing N N 205 
ILE CG2 HG23 sing N N 206 
ILE CD1 HD11 sing N N 207 
ILE CD1 HD12 sing N N 208 
ILE CD1 HD13 sing N N 209 
ILE OXT HXT  sing N N 210 
LEU N   CA   sing N N 211 
LEU N   H    sing N N 212 
LEU N   H2   sing N N 213 
LEU CA  C    sing N N 214 
LEU CA  CB   sing N N 215 
LEU CA  HA   sing N N 216 
LEU C   O    doub N N 217 
LEU C   OXT  sing N N 218 
LEU CB  CG   sing N N 219 
LEU CB  HB2  sing N N 220 
LEU CB  HB3  sing N N 221 
LEU CG  CD1  sing N N 222 
LEU CG  CD2  sing N N 223 
LEU CG  HG   sing N N 224 
LEU CD1 HD11 sing N N 225 
LEU CD1 HD12 sing N N 226 
LEU CD1 HD13 sing N N 227 
LEU CD2 HD21 sing N N 228 
LEU CD2 HD22 sing N N 229 
LEU CD2 HD23 sing N N 230 
LEU OXT HXT  sing N N 231 
LYS N   CA   sing N N 232 
LYS N   H    sing N N 233 
LYS N   H2   sing N N 234 
LYS CA  C    sing N N 235 
LYS CA  CB   sing N N 236 
LYS CA  HA   sing N N 237 
LYS C   O    doub N N 238 
LYS C   OXT  sing N N 239 
LYS CB  CG   sing N N 240 
LYS CB  HB2  sing N N 241 
LYS CB  HB3  sing N N 242 
LYS CG  CD   sing N N 243 
LYS CG  HG2  sing N N 244 
LYS CG  HG3  sing N N 245 
LYS CD  CE   sing N N 246 
LYS CD  HD2  sing N N 247 
LYS CD  HD3  sing N N 248 
LYS CE  NZ   sing N N 249 
LYS CE  HE2  sing N N 250 
LYS CE  HE3  sing N N 251 
LYS NZ  HZ1  sing N N 252 
LYS NZ  HZ2  sing N N 253 
LYS NZ  HZ3  sing N N 254 
LYS OXT HXT  sing N N 255 
MET N   CA   sing N N 256 
MET N   H    sing N N 257 
MET N   H2   sing N N 258 
MET CA  C    sing N N 259 
MET CA  CB   sing N N 260 
MET CA  HA   sing N N 261 
MET C   O    doub N N 262 
MET C   OXT  sing N N 263 
MET CB  CG   sing N N 264 
MET CB  HB2  sing N N 265 
MET CB  HB3  sing N N 266 
MET CG  SD   sing N N 267 
MET CG  HG2  sing N N 268 
MET CG  HG3  sing N N 269 
MET SD  CE   sing N N 270 
MET CE  HE1  sing N N 271 
MET CE  HE2  sing N N 272 
MET CE  HE3  sing N N 273 
MET OXT HXT  sing N N 274 
PHE N   CA   sing N N 275 
PHE N   H    sing N N 276 
PHE N   H2   sing N N 277 
PHE CA  C    sing N N 278 
PHE CA  CB   sing N N 279 
PHE CA  HA   sing N N 280 
PHE C   O    doub N N 281 
PHE C   OXT  sing N N 282 
PHE CB  CG   sing N N 283 
PHE CB  HB2  sing N N 284 
PHE CB  HB3  sing N N 285 
PHE CG  CD1  doub Y N 286 
PHE CG  CD2  sing Y N 287 
PHE CD1 CE1  sing Y N 288 
PHE CD1 HD1  sing N N 289 
PHE CD2 CE2  doub Y N 290 
PHE CD2 HD2  sing N N 291 
PHE CE1 CZ   doub Y N 292 
PHE CE1 HE1  sing N N 293 
PHE CE2 CZ   sing Y N 294 
PHE CE2 HE2  sing N N 295 
PHE CZ  HZ   sing N N 296 
PHE OXT HXT  sing N N 297 
PRO N   CA   sing N N 298 
PRO N   CD   sing N N 299 
PRO N   H    sing N N 300 
PRO CA  C    sing N N 301 
PRO CA  CB   sing N N 302 
PRO CA  HA   sing N N 303 
PRO C   O    doub N N 304 
PRO C   OXT  sing N N 305 
PRO CB  CG   sing N N 306 
PRO CB  HB2  sing N N 307 
PRO CB  HB3  sing N N 308 
PRO CG  CD   sing N N 309 
PRO CG  HG2  sing N N 310 
PRO CG  HG3  sing N N 311 
PRO CD  HD2  sing N N 312 
PRO CD  HD3  sing N N 313 
PRO OXT HXT  sing N N 314 
SER N   CA   sing N N 315 
SER N   H    sing N N 316 
SER N   H2   sing N N 317 
SER CA  C    sing N N 318 
SER CA  CB   sing N N 319 
SER CA  HA   sing N N 320 
SER C   O    doub N N 321 
SER C   OXT  sing N N 322 
SER CB  OG   sing N N 323 
SER CB  HB2  sing N N 324 
SER CB  HB3  sing N N 325 
SER OG  HG   sing N N 326 
SER OXT HXT  sing N N 327 
THR N   CA   sing N N 328 
THR N   H    sing N N 329 
THR N   H2   sing N N 330 
THR CA  C    sing N N 331 
THR CA  CB   sing N N 332 
THR CA  HA   sing N N 333 
THR C   O    doub N N 334 
THR C   OXT  sing N N 335 
THR CB  OG1  sing N N 336 
THR CB  CG2  sing N N 337 
THR CB  HB   sing N N 338 
THR OG1 HG1  sing N N 339 
THR CG2 HG21 sing N N 340 
THR CG2 HG22 sing N N 341 
THR CG2 HG23 sing N N 342 
THR OXT HXT  sing N N 343 
TRP N   CA   sing N N 344 
TRP N   H    sing N N 345 
TRP N   H2   sing N N 346 
TRP CA  C    sing N N 347 
TRP CA  CB   sing N N 348 
TRP CA  HA   sing N N 349 
TRP C   O    doub N N 350 
TRP C   OXT  sing N N 351 
TRP CB  CG   sing N N 352 
TRP CB  HB2  sing N N 353 
TRP CB  HB3  sing N N 354 
TRP CG  CD1  doub Y N 355 
TRP CG  CD2  sing Y N 356 
TRP CD1 NE1  sing Y N 357 
TRP CD1 HD1  sing N N 358 
TRP CD2 CE2  doub Y N 359 
TRP CD2 CE3  sing Y N 360 
TRP NE1 CE2  sing Y N 361 
TRP NE1 HE1  sing N N 362 
TRP CE2 CZ2  sing Y N 363 
TRP CE3 CZ3  doub Y N 364 
TRP CE3 HE3  sing N N 365 
TRP CZ2 CH2  doub Y N 366 
TRP CZ2 HZ2  sing N N 367 
TRP CZ3 CH2  sing Y N 368 
TRP CZ3 HZ3  sing N N 369 
TRP CH2 HH2  sing N N 370 
TRP OXT HXT  sing N N 371 
TYR N   CA   sing N N 372 
TYR N   H    sing N N 373 
TYR N   H2   sing N N 374 
TYR CA  C    sing N N 375 
TYR CA  CB   sing N N 376 
TYR CA  HA   sing N N 377 
TYR C   O    doub N N 378 
TYR C   OXT  sing N N 379 
TYR CB  CG   sing N N 380 
TYR CB  HB2  sing N N 381 
TYR CB  HB3  sing N N 382 
TYR CG  CD1  doub Y N 383 
TYR CG  CD2  sing Y N 384 
TYR CD1 CE1  sing Y N 385 
TYR CD1 HD1  sing N N 386 
TYR CD2 CE2  doub Y N 387 
TYR CD2 HD2  sing N N 388 
TYR CE1 CZ   doub Y N 389 
TYR CE1 HE1  sing N N 390 
TYR CE2 CZ   sing Y N 391 
TYR CE2 HE2  sing N N 392 
TYR CZ  OH   sing N N 393 
TYR OH  HH   sing N N 394 
TYR OXT HXT  sing N N 395 
VAL N   CA   sing N N 396 
VAL N   H    sing N N 397 
VAL N   H2   sing N N 398 
VAL CA  C    sing N N 399 
VAL CA  CB   sing N N 400 
VAL CA  HA   sing N N 401 
VAL C   O    doub N N 402 
VAL C   OXT  sing N N 403 
VAL CB  CG1  sing N N 404 
VAL CB  CG2  sing N N 405 
VAL CB  HB   sing N N 406 
VAL CG1 HG11 sing N N 407 
VAL CG1 HG12 sing N N 408 
VAL CG1 HG13 sing N N 409 
VAL CG2 HG21 sing N N 410 
VAL CG2 HG22 sing N N 411 
VAL CG2 HG23 sing N N 412 
VAL OXT HXT  sing N N 413 
# 
_pdbx_initial_refinement_model.id               1 
_pdbx_initial_refinement_model.entity_id_list   ? 
_pdbx_initial_refinement_model.type             'experimental model' 
_pdbx_initial_refinement_model.source_name      PDB 
_pdbx_initial_refinement_model.accession_code   1U9N 
_pdbx_initial_refinement_model.details          ? 
# 
_atom_sites.entry_id                    6HOF 
_atom_sites.fract_transf_matrix[1][1]   -0.00811953 
_atom_sites.fract_transf_matrix[1][2]   0.00098875 
_atom_sites.fract_transf_matrix[1][3]   0.00067112 
_atom_sites.fract_transf_matrix[2][1]   0.00075173 
_atom_sites.fract_transf_matrix[2][2]   0.00780903 
_atom_sites.fract_transf_matrix[2][3]   -0.00241014 
_atom_sites.fract_transf_matrix[3][1]   -0.00335221 
_atom_sites.fract_transf_matrix[3][2]   -0.00838276 
_atom_sites.fract_transf_matrix[3][3]   -0.02820637 
_atom_sites.fract_transf_vector[1]      0.142680 
_atom_sites.fract_transf_vector[2]      0.288158 
_atom_sites.fract_transf_vector[3]      0.012623 
# 
loop_
_atom_type.symbol 
C 
F 
N 
O 
S 
# 
loop_
_atom_site.group_PDB 
_atom_site.id 
_atom_site.type_symbol 
_atom_site.label_atom_id 
_atom_site.label_alt_id 
_atom_site.label_comp_id 
_atom_site.label_asym_id 
_atom_site.label_entity_id 
_atom_site.label_seq_id 
_atom_site.pdbx_PDB_ins_code 
_atom_site.Cartn_x 
_atom_site.Cartn_y 
_atom_site.Cartn_z 
_atom_site.occupancy 
_atom_site.B_iso_or_equiv 
_atom_site.pdbx_formal_charge 
_atom_site.auth_seq_id 
_atom_site.auth_comp_id 
_atom_site.auth_asym_id 
_atom_site.auth_atom_id 
_atom_site.pdbx_PDB_model_num 
ATOM   1    N N   . ASP A 1 36  ? 5.293   23.265  -5.532  1.00 60.94 ? 24  ASP A N   1 
ATOM   2    C CA  . ASP A 1 36  ? 4.371   24.149  -6.240  1.00 53.16 ? 24  ASP A CA  1 
ATOM   3    C C   . ASP A 1 36  ? 3.166   24.456  -5.325  1.00 46.66 ? 24  ASP A C   1 
ATOM   4    O O   . ASP A 1 36  ? 3.140   24.054  -4.133  1.00 37.78 ? 24  ASP A O   1 
ATOM   5    C CB  . ASP A 1 36  ? 4.008   23.489  -7.576  1.00 58.35 ? 24  ASP A CB  1 
ATOM   6    C CG  . ASP A 1 36  ? 3.460   24.465  -8.595  1.00 66.19 ? 24  ASP A CG  1 
ATOM   7    O OD1 . ASP A 1 36  ? 4.165   25.452  -8.898  1.00 70.20 ? 24  ASP A OD1 1 
ATOM   8    O OD2 . ASP A 1 36  ? 2.313   24.262  -9.032  1.00 63.17 ? 24  ASP A OD2 1 
ATOM   9    N N   . ARG A 1 37  ? 2.179   25.171  -5.846  1.00 38.85 ? 25  ARG A N   1 
ATOM   10   C CA  . ARG A 1 37  ? 0.824   25.207  -5.256  1.00 42.60 ? 25  ARG A CA  1 
ATOM   11   C C   . ARG A 1 37  ? 0.259   23.767  -5.262  1.00 35.37 ? 25  ARG A C   1 
ATOM   12   O O   . ARG A 1 37  ? -0.468  23.421  -4.323  1.00 29.93 ? 25  ARG A O   1 
ATOM   13   C CB  . ARG A 1 37  ? 0.001   26.284  -5.976  1.00 43.69 ? 25  ARG A CB  1 
ATOM   14   C CG  . ARG A 1 37  ? 0.546   27.680  -5.681  1.00 47.83 ? 25  ARG A CG  1 
ATOM   15   C CD  . ARG A 1 37  ? -0.304  28.857  -6.105  1.00 55.53 ? 25  ARG A CD  1 
ATOM   16   N NE  . ARG A 1 37  ? -0.569  28.849  -7.534  1.00 61.08 ? 25  ARG A NE  1 
ATOM   17   C CZ  . ARG A 1 37  ? -1.244  29.784  -8.197  1.00 62.49 ? 25  ARG A CZ  1 
ATOM   18   N NH1 . ARG A 1 37  ? -1.751  30.828  -7.561  1.00 64.35 ? 25  ARG A NH1 1 
ATOM   19   N NH2 . ARG A 1 37  ? -1.433  29.651  -9.501  1.00 61.79 ? 25  ARG A NH2 1 
ATOM   20   N N   . GLU A 1 38  ? 0.611   22.953  -6.254  1.00 32.36 ? 26  GLU A N   1 
ATOM   21   C CA  . GLU A 1 38  ? 0.097   21.558  -6.365  1.00 34.97 ? 26  GLU A CA  1 
ATOM   22   C C   . GLU A 1 38  ? 0.532   20.767  -5.126  1.00 31.42 ? 26  GLU A C   1 
ATOM   23   O O   . GLU A 1 38  ? -0.319  20.186  -4.470  1.00 27.69 ? 26  GLU A O   1 
ATOM   24   C CB  . GLU A 1 38  ? 0.618   20.881  -7.628  1.00 37.71 ? 26  GLU A CB  1 
ATOM   25   C CG  . GLU A 1 38  ? -0.274  19.759  -8.077  1.00 43.97 ? 26  GLU A CG  1 
ATOM   26   C CD  . GLU A 1 38  ? -0.011  19.339  -9.509  1.00 48.45 ? 26  GLU A CD  1 
ATOM   27   O OE1 . GLU A 1 38  ? -0.188  20.171  -10.425 1.00 62.55 ? 26  GLU A OE1 1 
ATOM   28   O OE2 . GLU A 1 38  ? 0.400   18.201  -9.689  1.00 47.32 ? 26  GLU A OE2 1 
ATOM   29   N N   . LEU A 1 39  ? 1.820   20.816  -4.809  1.00 32.91 ? 27  LEU A N   1 
ATOM   30   C CA  . LEU A 1 39  ? 2.443   20.150  -3.651  1.00 34.77 ? 27  LEU A CA  1 
ATOM   31   C C   . LEU A 1 39  ? 1.825   20.673  -2.355  1.00 31.04 ? 27  LEU A C   1 
ATOM   32   O O   . LEU A 1 39  ? 1.565   19.848  -1.455  1.00 27.71 ? 27  LEU A O   1 
ATOM   33   C CB  . LEU A 1 39  ? 3.952   20.387  -3.713  1.00 40.14 ? 27  LEU A CB  1 
ATOM   34   C CG  . LEU A 1 39  ? 4.704   19.525  -4.729  1.00 43.49 ? 27  LEU A CG  1 
ATOM   35   C CD1 . LEU A 1 39  ? 6.203   19.776  -4.642  1.00 46.88 ? 27  LEU A CD1 1 
ATOM   36   C CD2 . LEU A 1 39  ? 4.400   18.050  -4.517  1.00 44.30 ? 27  LEU A CD2 1 
ATOM   37   N N   . ALA A 1 40  ? 1.509   21.965  -2.269  1.00 30.22 ? 28  ALA A N   1 
ATOM   38   C CA  . ALA A 1 40  ? 0.830   22.560  -1.098  1.00 28.84 ? 28  ALA A CA  1 
ATOM   39   C C   . ALA A 1 40  ? -0.595  22.007  -0.982  1.00 23.92 ? 28  ALA A C   1 
ATOM   40   O O   . ALA A 1 40  ? -1.085  21.798  0.135   1.00 23.47 ? 28  ALA A O   1 
ATOM   41   C CB  . ALA A 1 40  ? 0.824   24.086  -1.167  1.00 29.26 ? 28  ALA A CB  1 
ATOM   42   N N   . ILE A 1 41  ? -1.306  21.824  -2.086  1.00 21.78 ? 29  ILE A N   1 
ATOM   43   C CA  . ILE A 1 41  ? -2.686  21.293  -1.956  1.00 22.04 ? 29  ILE A CA  1 
ATOM   44   C C   . ILE A 1 41  ? -2.542  19.850  -1.427  1.00 20.41 ? 29  ILE A C   1 
ATOM   45   O O   . ILE A 1 41  ? -3.323  19.431  -0.569  1.00 22.01 ? 29  ILE A O   1 
ATOM   46   C CB  . ILE A 1 41  ? -3.371  21.353  -3.326  1.00 21.37 ? 29  ILE A CB  1 
ATOM   47   C CG1 . ILE A 1 41  ? -3.636  22.815  -3.738  1.00 22.78 ? 29  ILE A CG1 1 
ATOM   48   C CG2 . ILE A 1 41  ? -4.629  20.520  -3.349  1.00 19.95 ? 29  ILE A CG2 1 
ATOM   49   C CD1 . ILE A 1 41  ? -4.019  22.984  -5.201  1.00 23.62 ? 29  ILE A CD1 1 
ATOM   50   N N   . LEU A 1 42  ? -1.644  19.090  -2.031  1.00 20.81 ? 30  LEU A N   1 
ATOM   51   C CA  . LEU A 1 42  ? -1.452  17.654  -1.639  1.00 22.43 ? 30  LEU A CA  1 
ATOM   52   C C   . LEU A 1 42  ? -1.101  17.561  -0.151  1.00 22.68 ? 30  LEU A C   1 
ATOM   53   O O   . LEU A 1 42  ? -1.747  16.757  0.543   1.00 23.72 ? 30  LEU A O   1 
ATOM   54   C CB  . LEU A 1 42  ? -0.375  17.020  -2.511  1.00 22.89 ? 30  LEU A CB  1 
ATOM   55   C CG  . LEU A 1 42  ? -0.786  16.815  -3.966  1.00 24.54 ? 30  LEU A CG  1 
ATOM   56   C CD1 . LEU A 1 42  ? 0.442   16.564  -4.838  1.00 27.41 ? 30  LEU A CD1 1 
ATOM   57   C CD2 . LEU A 1 42  ? -1.832  15.718  -4.090  1.00 26.22 ? 30  LEU A CD2 1 
ATOM   58   N N   . ALA A 1 43  ? -0.171  18.381  0.346   1.00 23.48 ? 31  ALA A N   1 
ATOM   59   C CA  . ALA A 1 43  ? 0.244   18.388  1.772   1.00 24.23 ? 31  ALA A CA  1 
ATOM   60   C C   . ALA A 1 43  ? -0.935  18.777  2.663   1.00 26.62 ? 31  ALA A C   1 
ATOM   61   O O   . ALA A 1 43  ? -1.201  18.077  3.663   1.00 24.17 ? 31  ALA A O   1 
ATOM   62   C CB  . ALA A 1 43  ? 1.431   19.306  1.961   1.00 29.93 ? 31  ALA A CB  1 
ATOM   63   N N   . THR A 1 44  ? -1.676  19.844  2.313   1.00 23.90 ? 32  THR A N   1 
ATOM   64   C CA  . THR A 1 44  ? -2.898  20.232  3.040   1.00 25.29 ? 32  THR A CA  1 
ATOM   65   C C   . THR A 1 44  ? -3.858  19.044  3.123   1.00 25.97 ? 32  THR A C   1 
ATOM   66   O O   . THR A 1 44  ? -4.466  18.799  4.224   1.00 28.26 ? 32  THR A O   1 
ATOM   67   C CB  . THR A 1 44  ? -3.572  21.454  2.396   1.00 24.89 ? 32  THR A CB  1 
ATOM   68   O OG1 . THR A 1 44  ? -2.571  22.459  2.321   1.00 27.84 ? 32  THR A OG1 1 
ATOM   69   C CG2 . THR A 1 44  ? -4.772  21.882  3.194   1.00 26.79 ? 32  THR A CG2 1 
ATOM   70   N N   . ALA A 1 45  ? -4.102  18.356  2.007   1.00 22.48 ? 33  ALA A N   1 
ATOM   71   C CA  . ALA A 1 45  ? -5.086  17.258  1.993   1.00 23.40 ? 33  ALA A CA  1 
ATOM   72   C C   . ALA A 1 45  ? -4.591  16.160  2.966   1.00 23.18 ? 33  ALA A C   1 
ATOM   73   O O   . ALA A 1 45  ? -5.382  15.676  3.767   1.00 24.88 ? 33  ALA A O   1 
ATOM   74   C CB  . ALA A 1 45  ? -5.221  16.700  0.605   1.00 22.25 ? 33  ALA A CB  1 
ATOM   75   N N   . GLU A 1 46  ? -3.309  15.812  2.879   1.00 23.76 ? 34  GLU A N   1 
ATOM   76   C CA  . GLU A 1 46  ? -2.755  14.695  3.713   1.00 22.47 ? 34  GLU A CA  1 
ATOM   77   C C   . GLU A 1 46  ? -2.852  15.114  5.185   1.00 27.74 ? 34  GLU A C   1 
ATOM   78   O O   . GLU A 1 46  ? -3.320  14.318  6.006   1.00 27.20 ? 34  GLU A O   1 
ATOM   79   C CB  . GLU A 1 46  ? -1.345  14.347  3.277   1.00 24.57 ? 34  GLU A CB  1 
ATOM   80   C CG  . GLU A 1 46  ? -0.742  13.205  4.127   1.00 26.73 ? 34  GLU A CG  1 
ATOM   81   C CD  . GLU A 1 46  ? 0.400   12.440  3.492   1.00 29.15 ? 34  GLU A CD  1 
ATOM   82   O OE1 . GLU A 1 46  ? 1.099   13.002  2.651   1.00 29.45 ? 34  GLU A OE1 1 
ATOM   83   O OE2 . GLU A 1 46  ? 0.604   11.268  3.845   1.00 25.13 ? 34  GLU A OE2 1 
ATOM   84   N N   . ASN A 1 47  ? -2.497  16.357  5.507   1.00 29.52 ? 35  ASN A N   1 
ATOM   85   C CA  . ASN A 1 47  ? -2.663  16.891  6.890   1.00 33.58 ? 35  ASN A CA  1 
ATOM   86   C C   . ASN A 1 47  ? -4.111  16.808  7.339   1.00 33.52 ? 35  ASN A C   1 
ATOM   87   O O   . ASN A 1 47  ? -4.333  16.276  8.432   1.00 33.25 ? 35  ASN A O   1 
ATOM   88   C CB  . ASN A 1 47  ? -2.122  18.305  7.050   1.00 35.13 ? 35  ASN A CB  1 
ATOM   89   C CG  . ASN A 1 47  ? -0.626  18.309  6.871   1.00 40.90 ? 35  ASN A CG  1 
ATOM   90   O OD1 . ASN A 1 47  ? 0.008   17.264  6.996   1.00 50.71 ? 35  ASN A OD1 1 
ATOM   91   N ND2 . ASN A 1 47  ? -0.055  19.459  6.558   1.00 50.93 ? 35  ASN A ND2 1 
ATOM   92   N N   . LEU A 1 48  ? -5.071  17.311  6.573   1.00 33.97 ? 36  LEU A N   1 
ATOM   93   C CA  . LEU A 1 48  ? -6.491  17.324  7.019   1.00 34.24 ? 36  LEU A CA  1 
ATOM   94   C C   . LEU A 1 48  ? -7.002  15.893  7.181   1.00 33.42 ? 36  LEU A C   1 
ATOM   95   O O   . LEU A 1 48  ? -7.866  15.645  8.071   1.00 32.64 ? 36  LEU A O   1 
ATOM   96   C CB  . LEU A 1 48  ? -7.366  18.099  6.025   1.00 35.27 ? 36  LEU A CB  1 
ATOM   97   C CG  . LEU A 1 48  ? -7.116  19.608  5.949   1.00 39.44 ? 36  LEU A CG  1 
ATOM   98   C CD1 . LEU A 1 48  ? -8.268  20.294  5.202   1.00 42.12 ? 36  LEU A CD1 1 
ATOM   99   C CD2 . LEU A 1 48  ? -6.908  20.210  7.335   1.00 40.13 ? 36  LEU A CD2 1 
ATOM   100  N N   . LEU A 1 49  ? -6.567  14.985  6.309   1.00 29.94 ? 37  LEU A N   1 
ATOM   101  C CA  . LEU A 1 49  ? -7.072  13.596  6.340   1.00 28.22 ? 37  LEU A CA  1 
ATOM   102  C C   . LEU A 1 49  ? -6.654  12.904  7.635   1.00 26.02 ? 37  LEU A C   1 
ATOM   103  O O   . LEU A 1 49  ? -7.303  11.913  7.941   1.00 30.04 ? 37  LEU A O   1 
ATOM   104  C CB  . LEU A 1 49  ? -6.592  12.808  5.121   1.00 30.34 ? 37  LEU A CB  1 
ATOM   105  C CG  . LEU A 1 49  ? -7.398  13.091  3.855   1.00 26.84 ? 37  LEU A CG  1 
ATOM   106  C CD1 . LEU A 1 49  ? -6.692  12.527  2.644   1.00 26.40 ? 37  LEU A CD1 1 
ATOM   107  C CD2 . LEU A 1 49  ? -8.827  12.595  3.952   1.00 27.90 ? 37  LEU A CD2 1 
ATOM   108  N N   . GLU A 1 50  ? -5.610  13.371  8.310   1.00 30.07 ? 38  GLU A N   1 
ATOM   109  C CA  . GLU A 1 50  ? -5.179  12.845  9.641   1.00 34.00 ? 38  GLU A CA  1 
ATOM   110  C C   . GLU A 1 50  ? -6.217  13.188  10.716  1.00 42.55 ? 38  GLU A C   1 
ATOM   111  O O   . GLU A 1 50  ? -6.219  12.511  11.731  1.00 46.25 ? 38  GLU A O   1 
ATOM   112  C CB  . GLU A 1 50  ? -3.776  13.348  9.957   1.00 39.87 ? 38  GLU A CB  1 
ATOM   113  C CG  . GLU A 1 50  ? -2.744  12.585  9.142   1.00 50.20 ? 38  GLU A CG  1 
ATOM   114  C CD  . GLU A 1 50  ? -1.470  13.325  8.799   1.00 60.65 ? 38  GLU A CD  1 
ATOM   115  O OE1 . GLU A 1 50  ? -0.989  14.103  9.650   1.00 61.94 ? 38  GLU A OE1 1 
ATOM   116  O OE2 . GLU A 1 50  ? -0.973  13.128  7.662   1.00 66.28 ? 38  GLU A OE2 1 
ATOM   117  N N   . ASP A 1 51  ? -7.130  14.134  10.451  1.00 52.70 ? 39  ASP A N   1 
ATOM   118  C CA  . ASP A 1 51  ? -8.150  14.633  11.414  1.00 45.91 ? 39  ASP A CA  1 
ATOM   119  C C   . ASP A 1 51  ? -9.553  14.169  11.054  1.00 44.20 ? 39  ASP A C   1 
ATOM   120  O O   . ASP A 1 51  ? -10.307 13.986  11.986  1.00 46.34 ? 39  ASP A O   1 
ATOM   121  C CB  . ASP A 1 51  ? -8.103  16.154  11.497  1.00 50.76 ? 39  ASP A CB  1 
ATOM   122  C CG  . ASP A 1 51  ? -6.724  16.566  11.952  1.00 59.58 ? 39  ASP A CG  1 
ATOM   123  O OD1 . ASP A 1 51  ? -6.291  16.016  12.986  1.00 51.83 ? 39  ASP A OD1 1 
ATOM   124  O OD2 . ASP A 1 51  ? -6.059  17.338  11.219  1.00 66.46 ? 39  ASP A OD2 1 
ATOM   125  N N   . ARG A 1 52  ? -9.918  14.052  9.776   1.00 41.07 ? 40  ARG A N   1 
ATOM   126  C CA  . ARG A 1 52  ? -11.313 13.749  9.383   1.00 38.25 ? 40  ARG A CA  1 
ATOM   127  C C   . ARG A 1 52  ? -11.328 13.099  8.016   1.00 37.21 ? 40  ARG A C   1 
ATOM   128  O O   . ARG A 1 52  ? -10.327 13.109  7.300   1.00 35.02 ? 40  ARG A O   1 
ATOM   129  C CB  . ARG A 1 52  ? -12.193 15.003  9.438   1.00 49.16 ? 40  ARG A CB  1 
ATOM   130  C CG  . ARG A 1 52  ? -11.598 16.269  8.840   1.00 54.72 ? 40  ARG A CG  1 
ATOM   131  C CD  . ARG A 1 52  ? -12.573 17.430  9.051   1.00 58.36 ? 40  ARG A CD  1 
ATOM   132  N NE  . ARG A 1 52  ? -12.346 18.532  8.126   1.00 61.33 ? 40  ARG A NE  1 
ATOM   133  C CZ  . ARG A 1 52  ? -11.453 19.506  8.286   1.00 61.42 ? 40  ARG A CZ  1 
ATOM   134  N NH1 . ARG A 1 52  ? -10.685 19.560  9.364   1.00 58.86 ? 40  ARG A NH1 1 
ATOM   135  N NH2 . ARG A 1 52  ? -11.325 20.425  7.346   1.00 61.84 ? 40  ARG A NH2 1 
ATOM   136  N N   . PRO A 1 53  ? -12.451 12.449  7.670   1.00 35.60 ? 41  PRO A N   1 
ATOM   137  C CA  . PRO A 1 53  ? -12.611 11.801  6.371   1.00 36.58 ? 41  PRO A CA  1 
ATOM   138  C C   . PRO A 1 53  ? -12.733 12.821  5.234   1.00 37.37 ? 41  PRO A C   1 
ATOM   139  O O   . PRO A 1 53  ? -13.014 13.966  5.527   1.00 39.30 ? 41  PRO A O   1 
ATOM   140  C CB  . PRO A 1 53  ? -13.907 10.996  6.520   1.00 41.13 ? 41  PRO A CB  1 
ATOM   141  C CG  . PRO A 1 53  ? -14.667 11.724  7.615   1.00 40.21 ? 41  PRO A CG  1 
ATOM   142  C CD  . PRO A 1 53  ? -13.613 12.245  8.562   1.00 39.85 ? 41  PRO A CD  1 
ATOM   143  N N   . LEU A 1 54  ? -12.506 12.372  4.000   1.00 36.11 ? 42  LEU A N   1 
ATOM   144  C CA  . LEU A 1 54  ? -12.600 13.234  2.791   1.00 39.26 ? 42  LEU A CA  1 
ATOM   145  C C   . LEU A 1 54  ? -14.024 13.822  2.695   1.00 42.91 ? 42  LEU A C   1 
ATOM   146  O O   . LEU A 1 54  ? -14.150 14.982  2.281   1.00 38.05 ? 42  LEU A O   1 
ATOM   147  C CB  . LEU A 1 54  ? -12.269 12.438  1.532   1.00 38.04 ? 42  LEU A CB  1 
ATOM   148  C CG  . LEU A 1 54  ? -12.056 13.313  0.299   1.00 37.16 ? 42  LEU A CG  1 
ATOM   149  C CD1 . LEU A 1 54  ? -10.832 14.223  0.467   1.00 33.65 ? 42  LEU A CD1 1 
ATOM   150  C CD2 . LEU A 1 54  ? -11.956 12.472  -0.953  1.00 39.93 ? 42  LEU A CD2 1 
ATOM   151  N N   . ALA A 1 55  ? -15.043 13.039  3.062   1.00 49.10 ? 43  ALA A N   1 
ATOM   152  C CA  . ALA A 1 55  ? -16.454 13.474  3.197   1.00 48.62 ? 43  ALA A CA  1 
ATOM   153  C C   . ALA A 1 55  ? -16.550 14.782  3.988   1.00 47.91 ? 43  ALA A C   1 
ATOM   154  O O   . ALA A 1 55  ? -17.414 15.586  3.646   1.00 59.65 ? 43  ALA A O   1 
ATOM   155  C CB  . ALA A 1 55  ? -17.264 12.399  3.869   1.00 47.96 ? 43  ALA A CB  1 
ATOM   156  N N   . ASP A 1 56  ? -15.730 14.984  5.020   1.00 45.83 ? 44  ASP A N   1 
ATOM   157  C CA  . ASP A 1 56  ? -15.795 16.184  5.899   1.00 41.97 ? 44  ASP A CA  1 
ATOM   158  C C   . ASP A 1 56  ? -14.762 17.239  5.502   1.00 43.19 ? 44  ASP A C   1 
ATOM   159  O O   . ASP A 1 56  ? -14.534 18.157  6.314   1.00 40.28 ? 44  ASP A O   1 
ATOM   160  C CB  . ASP A 1 56  ? -15.509 15.836  7.360   1.00 43.78 ? 44  ASP A CB  1 
ATOM   161  C CG  . ASP A 1 56  ? -16.541 14.923  7.987   1.00 51.74 ? 44  ASP A CG  1 
ATOM   162  O OD1 . ASP A 1 56  ? -17.399 14.374  7.244   1.00 51.88 ? 44  ASP A OD1 1 
ATOM   163  O OD2 . ASP A 1 56  ? -16.476 14.778  9.219   1.00 55.41 ? 44  ASP A OD2 1 
ATOM   164  N N   . ILE A 1 57  ? -14.121 17.112  4.335   1.00 40.38 ? 45  ILE A N   1 
ATOM   165  C CA  . ILE A 1 57  ? -13.138 18.120  3.834   1.00 40.55 ? 45  ILE A CA  1 
ATOM   166  C C   . ILE A 1 57  ? -13.715 18.732  2.540   1.00 36.17 ? 45  ILE A C   1 
ATOM   167  O O   . ILE A 1 57  ? -14.192 17.985  1.652   1.00 37.89 ? 45  ILE A O   1 
ATOM   168  C CB  . ILE A 1 57  ? -11.738 17.489  3.627   1.00 37.77 ? 45  ILE A CB  1 
ATOM   169  C CG1 . ILE A 1 57  ? -11.152 16.930  4.930   1.00 39.39 ? 45  ILE A CG1 1 
ATOM   170  C CG2 . ILE A 1 57  ? -10.785 18.486  2.995   1.00 37.62 ? 45  ILE A CG2 1 
ATOM   171  C CD1 . ILE A 1 57  ? -9.836  16.186  4.763   1.00 32.71 ? 45  ILE A CD1 1 
ATOM   172  N N   . SER A 1 58  ? -13.726 20.058  2.439   1.00 38.66 ? 46  SER A N   1 
ATOM   173  C CA  . SER A 1 58  ? -14.336 20.764  1.277   1.00 36.85 ? 46  SER A CA  1 
ATOM   174  C C   . SER A 1 58  ? -13.188 21.232  0.387   1.00 34.24 ? 46  SER A C   1 
ATOM   175  O O   . SER A 1 58  ? -12.076 21.439  0.886   1.00 31.40 ? 46  SER A O   1 
ATOM   176  C CB  . SER A 1 58  ? -15.200 21.934  1.716   1.00 36.37 ? 46  SER A CB  1 
ATOM   177  O OG  . SER A 1 58  ? -14.359 22.914  2.299   1.00 39.04 ? 46  SER A OG  1 
ATOM   178  N N   . VAL A 1 59  ? -13.473 21.483  -0.889  1.00 36.11 ? 47  VAL A N   1 
ATOM   179  C CA  . VAL A 1 59  ? -12.497 22.135  -1.801  1.00 31.45 ? 47  VAL A CA  1 
ATOM   180  C C   . VAL A 1 59  ? -11.989 23.416  -1.135  1.00 30.83 ? 47  VAL A C   1 
ATOM   181  O O   . VAL A 1 59  ? -10.776 23.730  -1.230  1.00 32.42 ? 47  VAL A O   1 
ATOM   182  C CB  . VAL A 1 59  ? -13.137 22.348  -3.191  1.00 32.53 ? 47  VAL A CB  1 
ATOM   183  C CG1 . VAL A 1 59  ? -12.301 23.271  -4.067  1.00 34.10 ? 47  VAL A CG1 1 
ATOM   184  C CG2 . VAL A 1 59  ? -13.363 21.008  -3.884  1.00 33.82 ? 47  VAL A CG2 1 
ATOM   185  N N   . ASP A 1 60  ? -12.872 24.161  -0.471  1.00 36.38 ? 48  ASP A N   1 
ATOM   186  C CA  . ASP A 1 60  ? -12.516 25.458  0.174   1.00 37.46 ? 48  ASP A CA  1 
ATOM   187  C C   . ASP A 1 60  ? -11.467 25.233  1.282   1.00 36.56 ? 48  ASP A C   1 
ATOM   188  O O   . ASP A 1 60  ? -10.463 26.045  1.383   1.00 32.73 ? 48  ASP A O   1 
ATOM   189  C CB  . ASP A 1 60  ? -13.788 26.166  0.654   1.00 39.21 ? 48  ASP A CB  1 
ATOM   190  C CG  . ASP A 1 60  ? -14.662 26.727  -0.474  1.00 43.40 ? 48  ASP A CG  1 
ATOM   191  O OD1 . ASP A 1 60  ? -14.221 26.774  -1.652  1.00 34.61 ? 48  ASP A OD1 1 
ATOM   192  O OD2 . ASP A 1 60  ? -15.789 27.096  -0.173  1.00 44.11 ? 48  ASP A OD2 1 
ATOM   193  N N   . ASP A 1 61  ? -11.669 24.186  2.098   1.00 40.98 ? 49  ASP A N   1 
ATOM   194  C CA  . ASP A 1 61  ? -10.661 23.718  3.093   1.00 37.29 ? 49  ASP A CA  1 
ATOM   195  C C   . ASP A 1 61  ? -9.308  23.521  2.388   1.00 31.74 ? 49  ASP A C   1 
ATOM   196  O O   . ASP A 1 61  ? -8.278  24.032  2.858   1.00 33.69 ? 49  ASP A O   1 
ATOM   197  C CB  . ASP A 1 61  ? -11.082 22.403  3.769   1.00 40.61 ? 49  ASP A CB  1 
ATOM   198  C CG  . ASP A 1 61  ? -12.361 22.457  4.582   1.00 46.39 ? 49  ASP A CG  1 
ATOM   199  O OD1 . ASP A 1 61  ? -12.754 23.562  5.010   1.00 47.09 ? 49  ASP A OD1 1 
ATOM   200  O OD2 . ASP A 1 61  ? -12.970 21.382  4.769   1.00 41.81 ? 49  ASP A OD2 1 
ATOM   201  N N   . LEU A 1 62  ? -9.267  22.789  1.282   1.00 33.38 ? 50  LEU A N   1 
ATOM   202  C CA  . LEU A 1 62  ? -7.972  22.494  0.613   1.00 29.37 ? 50  LEU A CA  1 
ATOM   203  C C   . LEU A 1 62  ? -7.370  23.782  0.077   1.00 29.75 ? 50  LEU A C   1 
ATOM   204  O O   . LEU A 1 62  ? -6.159  23.977  0.206   1.00 26.09 ? 50  LEU A O   1 
ATOM   205  C CB  . LEU A 1 62  ? -8.201  21.468  -0.495  1.00 33.51 ? 50  LEU A CB  1 
ATOM   206  C CG  . LEU A 1 62  ? -8.626  20.079  -0.015  1.00 33.13 ? 50  LEU A CG  1 
ATOM   207  C CD1 . LEU A 1 62  ? -8.901  19.189  -1.214  1.00 32.83 ? 50  LEU A CD1 1 
ATOM   208  C CD2 . LEU A 1 62  ? -7.549  19.473  0.881   1.00 31.50 ? 50  LEU A CD2 1 
ATOM   209  N N   . ALA A 1 63  ? -8.201  24.660  -0.519  1.00 30.67 ? 51  ALA A N   1 
ATOM   210  C CA  . ALA A 1 63  ? -7.686  25.940  -1.062  1.00 32.09 ? 51  ALA A CA  1 
ATOM   211  C C   . ALA A 1 63  ? -7.084  26.757  0.086   1.00 30.94 ? 51  ALA A C   1 
ATOM   212  O O   . ALA A 1 63  ? -5.952  27.277  -0.032  1.00 30.24 ? 51  ALA A O   1 
ATOM   213  C CB  . ALA A 1 63  ? -8.823  26.680  -1.745  1.00 31.20 ? 51  ALA A CB  1 
ATOM   214  N N   . LYS A 1 64  ? -7.840  26.900  1.165   1.00 38.10 ? 52  LYS A N   1 
ATOM   215  C CA  . LYS A 1 64  ? -7.383  27.768  2.281   1.00 41.69 ? 52  LYS A CA  1 
ATOM   216  C C   . LYS A 1 64  ? -6.010  27.262  2.737   1.00 39.07 ? 52  LYS A C   1 
ATOM   217  O O   . LYS A 1 64  ? -5.048  28.044  2.757   1.00 36.16 ? 52  LYS A O   1 
ATOM   218  C CB  . LYS A 1 64  ? -8.445  27.785  3.374   1.00 46.24 ? 52  LYS A CB  1 
ATOM   219  C CG  . LYS A 1 64  ? -8.182  28.796  4.474   1.00 54.61 ? 52  LYS A CG  1 
ATOM   220  C CD  . LYS A 1 64  ? -9.331  28.914  5.436   1.00 59.32 ? 52  LYS A CD  1 
ATOM   221  C CE  . LYS A 1 64  ? -8.964  29.722  6.661   1.00 64.65 ? 52  LYS A CE  1 
ATOM   222  N NZ  . LYS A 1 64  ? -9.914  29.446  7.759   1.00 67.23 ? 52  LYS A NZ  1 
ATOM   223  N N   . GLY A 1 65  ? -5.862  25.955  3.001   1.00 40.95 ? 53  GLY A N   1 
ATOM   224  C CA  . GLY A 1 65  ? -4.584  25.449  3.534   1.00 33.53 ? 53  GLY A CA  1 
ATOM   225  C C   . GLY A 1 65  ? -3.459  25.718  2.578   1.00 35.20 ? 53  GLY A C   1 
ATOM   226  O O   . GLY A 1 65  ? -2.314  25.907  3.025   1.00 35.37 ? 53  GLY A O   1 
ATOM   227  N N   . ALA A 1 66  ? -3.732  25.729  1.272   1.00 33.34 ? 54  ALA A N   1 
ATOM   228  C CA  . ALA A 1 66  ? -2.669  25.873  0.253   1.00 31.22 ? 54  ALA A CA  1 
ATOM   229  C C   . ALA A 1 66  ? -2.428  27.344  -0.095  1.00 30.54 ? 54  ALA A C   1 
ATOM   230  O O   . ALA A 1 66  ? -1.511  27.621  -0.872  1.00 32.67 ? 54  ALA A O   1 
ATOM   231  C CB  . ALA A 1 66  ? -3.047  25.060  -0.973  1.00 36.84 ? 54  ALA A CB  1 
ATOM   232  N N   . GLY A 1 67  ? -3.211  28.261  0.462   1.00 34.37 ? 55  GLY A N   1 
ATOM   233  C CA  . GLY A 1 67  ? -2.944  29.711  0.307   1.00 34.24 ? 55  GLY A CA  1 
ATOM   234  C C   . GLY A 1 67  ? -3.406  30.228  -1.052  1.00 29.93 ? 55  GLY A C   1 
ATOM   235  O O   . GLY A 1 67  ? -2.729  31.106  -1.614  1.00 32.91 ? 55  GLY A O   1 
ATOM   236  N N   . ILE A 1 68  ? -4.449  29.601  -1.596  1.00 32.63 ? 56  ILE A N   1 
ATOM   237  C CA  . ILE A 1 68  ? -5.040  29.909  -2.936  1.00 29.31 ? 56  ILE A CA  1 
ATOM   238  C C   . ILE A 1 68  ? -6.552  30.008  -2.790  1.00 27.78 ? 56  ILE A C   1 
ATOM   239  O O   . ILE A 1 68  ? -7.113  29.551  -1.776  1.00 26.91 ? 56  ILE A O   1 
ATOM   240  C CB  . ILE A 1 68  ? -4.652  28.834  -3.987  1.00 28.05 ? 56  ILE A CB  1 
ATOM   241  C CG1 . ILE A 1 68  ? -5.200  27.456  -3.616  1.00 28.60 ? 56  ILE A CG1 1 
ATOM   242  C CG2 . ILE A 1 68  ? -3.160  28.837  -4.233  1.00 30.11 ? 56  ILE A CG2 1 
ATOM   243  C CD1 . ILE A 1 68  ? -4.969  26.360  -4.649  1.00 27.90 ? 56  ILE A CD1 1 
ATOM   244  N N   . SER A 1 69  ? -7.247  30.490  -3.841  1.00 25.93 ? 57  SER A N   1 
ATOM   245  C CA  . SER A 1 69  ? -8.723  30.599  -3.843  1.00 23.47 ? 57  SER A CA  1 
ATOM   246  C C   . SER A 1 69  ? -9.260  29.279  -4.356  1.00 25.58 ? 57  SER A C   1 
ATOM   247  O O   . SER A 1 69  ? -8.463  28.555  -4.994  1.00 24.24 ? 57  SER A O   1 
ATOM   248  C CB  . SER A 1 69  ? -9.160  31.735  -4.783  1.00 27.05 ? 57  SER A CB  1 
ATOM   249  O OG  . SER A 1 69  ? -8.817  31.382  -6.124  1.00 21.14 ? 57  SER A OG  1 
ATOM   250  N N   . ARG A 1 70  ? -10.574 29.073  -4.261  1.00 23.59 ? 58  ARG A N   1 
ATOM   251  C CA  . ARG A 1 70  ? -11.310 27.946  -4.841  1.00 24.77 ? 58  ARG A CA  1 
ATOM   252  C C   . ARG A 1 70  ? -11.104 27.861  -6.341  1.00 28.17 ? 58  ARG A C   1 
ATOM   253  O O   . ARG A 1 70  ? -10.699 26.805  -6.817  1.00 24.31 ? 58  ARG A O   1 
ATOM   254  C CB  . ARG A 1 70  ? -12.793 28.019  -4.467  1.00 31.48 ? 58  ARG A CB  1 
ATOM   255  C CG  . ARG A 1 70  ? -13.628 26.885  -5.058  1.00 36.93 ? 58  ARG A CG  1 
ATOM   256  C CD  . ARG A 1 70  ? -14.954 26.705  -4.340  1.00 45.18 ? 58  ARG A CD  1 
ATOM   257  N NE  . ARG A 1 70  ? -15.979 27.521  -4.940  1.00 48.20 ? 58  ARG A NE  1 
ATOM   258  C CZ  . ARG A 1 70  ? -16.982 28.124  -4.289  1.00 54.13 ? 58  ARG A CZ  1 
ATOM   259  N NH1 . ARG A 1 70  ? -17.855 28.837  -4.978  1.00 45.39 ? 58  ARG A NH1 1 
ATOM   260  N NH2 . ARG A 1 70  ? -17.108 28.048  -2.969  1.00 51.18 ? 58  ARG A NH2 1 
ATOM   261  N N   . PRO A 1 71  ? -11.362 28.913  -7.179  1.00 22.21 ? 59  PRO A N   1 
ATOM   262  C CA  . PRO A 1 71  ? -11.176 28.714  -8.609  1.00 23.46 ? 59  PRO A CA  1 
ATOM   263  C C   . PRO A 1 71  ? -9.722  28.381  -8.855  1.00 17.48 ? 59  PRO A C   1 
ATOM   264  O O   . PRO A 1 71  ? -9.472  27.639  -9.805  1.00 22.56 ? 59  PRO A O   1 
ATOM   265  C CB  . PRO A 1 71  ? -11.646 30.035  -9.251  1.00 21.27 ? 59  PRO A CB  1 
ATOM   266  C CG  . PRO A 1 71  ? -11.540 31.032  -8.129  1.00 19.75 ? 59  PRO A CG  1 
ATOM   267  C CD  . PRO A 1 71  ? -11.885 30.241  -6.864  1.00 24.86 ? 59  PRO A CD  1 
ATOM   268  N N   . THR A 1 72  ? -8.787  28.956  -8.085  1.00 19.61 ? 60  THR A N   1 
ATOM   269  C CA  . THR A 1 72  ? -7.351  28.652  -8.347  1.00 19.65 ? 60  THR A CA  1 
ATOM   270  C C   . THR A 1 72  ? -7.122  27.150  -8.087  1.00 20.12 ? 60  THR A C   1 
ATOM   271  O O   . THR A 1 72  ? -6.449  26.538  -8.918  1.00 20.49 ? 60  THR A O   1 
ATOM   272  C CB  . THR A 1 72  ? -6.364  29.561  -7.622  1.00 21.34 ? 60  THR A CB  1 
ATOM   273  O OG1 . THR A 1 72  ? -6.500  30.880  -8.156  1.00 16.96 ? 60  THR A OG1 1 
ATOM   274  C CG2 . THR A 1 72  ? -4.926  29.121  -7.823  1.00 21.16 ? 60  THR A CG2 1 
ATOM   275  N N   . PHE A 1 73  ? -7.770  26.594  -7.057  1.00 21.99 ? 61  PHE A N   1 
ATOM   276  C CA  . PHE A 1 73  ? -7.731  25.131  -6.752  1.00 21.25 ? 61  PHE A CA  1 
ATOM   277  C C   . PHE A 1 73  ? -8.090  24.317  -8.003  1.00 26.61 ? 61  PHE A C   1 
ATOM   278  O O   . PHE A 1 73  ? -7.370  23.382  -8.373  1.00 25.90 ? 61  PHE A O   1 
ATOM   279  C CB  . PHE A 1 73  ? -8.684  24.796  -5.607  1.00 22.34 ? 61  PHE A CB  1 
ATOM   280  C CG  . PHE A 1 73  ? -8.856  23.311  -5.412  1.00 20.78 ? 61  PHE A CG  1 
ATOM   281  C CD1 . PHE A 1 73  ? -9.707  22.577  -6.216  1.00 21.08 ? 61  PHE A CD1 1 
ATOM   282  C CD2 . PHE A 1 73  ? -8.059  22.635  -4.497  1.00 26.54 ? 61  PHE A CD2 1 
ATOM   283  C CE1 . PHE A 1 73  ? -9.847  21.199  -6.060  1.00 25.20 ? 61  PHE A CE1 1 
ATOM   284  C CE2 . PHE A 1 73  ? -8.181  21.261  -4.357  1.00 24.35 ? 61  PHE A CE2 1 
ATOM   285  C CZ  . PHE A 1 73  ? -9.068  20.540  -5.123  1.00 23.09 ? 61  PHE A CZ  1 
ATOM   286  N N   . TYR A 1 74  ? -9.160  24.710  -8.699  1.00 27.82 ? 62  TYR A N   1 
ATOM   287  C CA  . TYR A 1 74  ? -9.728  23.950  -9.841  1.00 28.43 ? 62  TYR A CA  1 
ATOM   288  C C   . TYR A 1 74  ? -8.822  24.029  -11.054 1.00 27.74 ? 62  TYR A C   1 
ATOM   289  O O   . TYR A 1 74  ? -8.993  23.229  -11.994 1.00 29.36 ? 62  TYR A O   1 
ATOM   290  C CB  . TYR A 1 74  ? -11.119 24.450  -10.182 1.00 27.27 ? 62  TYR A CB  1 
ATOM   291  C CG  . TYR A 1 74  ? -12.163 23.982  -9.221  1.00 29.42 ? 62  TYR A CG  1 
ATOM   292  C CD1 . TYR A 1 74  ? -12.406 22.623  -9.071  1.00 28.01 ? 62  TYR A CD1 1 
ATOM   293  C CD2 . TYR A 1 74  ? -12.921 24.863  -8.481  1.00 32.51 ? 62  TYR A CD2 1 
ATOM   294  C CE1 . TYR A 1 74  ? -13.378 22.164  -8.203  1.00 31.29 ? 62  TYR A CE1 1 
ATOM   295  C CE2 . TYR A 1 74  ? -13.891 24.410  -7.599  1.00 37.10 ? 62  TYR A CE2 1 
ATOM   296  C CZ  . TYR A 1 74  ? -14.128 23.051  -7.467  1.00 33.28 ? 62  TYR A CZ  1 
ATOM   297  O OH  . TYR A 1 74  ? -15.107 22.585  -6.640  1.00 35.14 ? 62  TYR A OH  1 
ATOM   298  N N   . PHE A 1 75  ? -7.872  24.949  -11.041 1.00 26.33 ? 63  PHE A N   1 
ATOM   299  C CA  . PHE A 1 75  ? -6.789  24.948  -12.023 1.00 27.48 ? 63  PHE A CA  1 
ATOM   300  C C   . PHE A 1 75  ? -5.883  23.728  -11.814 1.00 33.50 ? 63  PHE A C   1 
ATOM   301  O O   . PHE A 1 75  ? -5.288  23.250  -12.814 1.00 30.45 ? 63  PHE A O   1 
ATOM   302  C CB  . PHE A 1 75  ? -5.939  26.207  -11.977 1.00 30.55 ? 63  PHE A CB  1 
ATOM   303  C CG  . PHE A 1 75  ? -4.997  26.244  -13.137 1.00 32.84 ? 63  PHE A CG  1 
ATOM   304  C CD1 . PHE A 1 75  ? -5.503  26.452  -14.418 1.00 36.31 ? 63  PHE A CD1 1 
ATOM   305  C CD2 . PHE A 1 75  ? -3.635  26.055  -12.977 1.00 37.76 ? 63  PHE A CD2 1 
ATOM   306  C CE1 . PHE A 1 75  ? -4.652  26.461  -15.513 1.00 37.36 ? 63  PHE A CE1 1 
ATOM   307  C CE2 . PHE A 1 75  ? -2.785  26.085  -14.074 1.00 39.98 ? 63  PHE A CE2 1 
ATOM   308  C CZ  . PHE A 1 75  ? -3.292  26.300  -15.336 1.00 39.69 ? 63  PHE A CZ  1 
ATOM   309  N N   . TYR A 1 76  ? -5.717  23.266  -10.567 1.00 26.28 ? 64  TYR A N   1 
ATOM   310  C CA  . TYR A 1 76  ? -4.785  22.141  -10.265 1.00 26.44 ? 64  TYR A CA  1 
ATOM   311  C C   . TYR A 1 76  ? -5.511  20.792  -10.262 1.00 24.76 ? 64  TYR A C   1 
ATOM   312  O O   . TYR A 1 76  ? -4.917  19.814  -10.699 1.00 29.22 ? 64  TYR A O   1 
ATOM   313  C CB  . TYR A 1 76  ? -4.047  22.404  -8.948  1.00 25.66 ? 64  TYR A CB  1 
ATOM   314  C CG  . TYR A 1 76  ? -3.092  23.542  -9.116  1.00 26.36 ? 64  TYR A CG  1 
ATOM   315  C CD1 . TYR A 1 76  ? -1.838  23.347  -9.678  1.00 34.05 ? 64  TYR A CD1 1 
ATOM   316  C CD2 . TYR A 1 76  ? -3.492  24.838  -8.854  1.00 26.73 ? 64  TYR A CD2 1 
ATOM   317  C CE1 . TYR A 1 76  ? -0.973  24.407  -9.897  1.00 34.12 ? 64  TYR A CE1 1 
ATOM   318  C CE2 . TYR A 1 76  ? -2.632  25.905  -9.049  1.00 29.89 ? 64  TYR A CE2 1 
ATOM   319  C CZ  . TYR A 1 76  ? -1.384  25.691  -9.607  1.00 31.06 ? 64  TYR A CZ  1 
ATOM   320  O OH  . TYR A 1 76  ? -0.559  26.751  -9.797  1.00 38.18 ? 64  TYR A OH  1 
ATOM   321  N N   . PHE A 1 77  ? -6.724  20.729  -9.752  1.00 25.32 ? 65  PHE A N   1 
ATOM   322  C CA  . PHE A 1 77  ? -7.448  19.451  -9.595  1.00 26.86 ? 65  PHE A CA  1 
ATOM   323  C C   . PHE A 1 77  ? -8.892  19.694  -9.921  1.00 27.94 ? 65  PHE A C   1 
ATOM   324  O O   . PHE A 1 77  ? -9.440  20.727  -9.539  1.00 24.96 ? 65  PHE A O   1 
ATOM   325  C CB  . PHE A 1 77  ? -7.345  18.949  -8.156  1.00 23.52 ? 65  PHE A CB  1 
ATOM   326  C CG  . PHE A 1 77  ? -5.947  18.566  -7.769  1.00 25.16 ? 65  PHE A CG  1 
ATOM   327  C CD1 . PHE A 1 77  ? -5.492  17.277  -8.007  1.00 24.12 ? 65  PHE A CD1 1 
ATOM   328  C CD2 . PHE A 1 77  ? -5.112  19.451  -7.097  1.00 22.06 ? 65  PHE A CD2 1 
ATOM   329  C CE1 . PHE A 1 77  ? -4.219  16.900  -7.629  1.00 25.45 ? 65  PHE A CE1 1 
ATOM   330  C CE2 . PHE A 1 77  ? -3.830  19.076  -6.740  1.00 25.99 ? 65  PHE A CE2 1 
ATOM   331  C CZ  . PHE A 1 77  ? -3.394  17.796  -6.987  1.00 27.31 ? 65  PHE A CZ  1 
ATOM   332  N N   . PRO A 1 78  ? -9.537  18.710  -10.590 1.00 29.72 ? 66  PRO A N   1 
ATOM   333  C CA  . PRO A 1 78  ? -10.960 18.811  -10.877 1.00 30.70 ? 66  PRO A CA  1 
ATOM   334  C C   . PRO A 1 78  ? -11.882 18.695  -9.667  1.00 31.48 ? 66  PRO A C   1 
ATOM   335  O O   . PRO A 1 78  ? -12.977 19.137  -9.759  1.00 32.26 ? 66  PRO A O   1 
ATOM   336  C CB  . PRO A 1 78  ? -11.193 17.708  -11.936 1.00 32.65 ? 66  PRO A CB  1 
ATOM   337  C CG  . PRO A 1 78  ? -10.044 16.732  -11.753 1.00 33.37 ? 66  PRO A CG  1 
ATOM   338  C CD  . PRO A 1 78  ? -8.885  17.556  -11.235 1.00 30.44 ? 66  PRO A CD  1 
ATOM   339  N N   . SER A 1 79  ? -11.416 18.123  -8.545  1.00 33.46 ? 67  SER A N   1 
ATOM   340  C CA  . SER A 1 79  ? -12.273 17.686  -7.411  1.00 30.86 ? 67  SER A CA  1 
ATOM   341  C C   . SER A 1 79  ? -11.393 17.324  -6.200  1.00 29.84 ? 67  SER A C   1 
ATOM   342  O O   . SER A 1 79  ? -10.203 17.058  -6.412  1.00 25.42 ? 67  SER A O   1 
ATOM   343  C CB  . SER A 1 79  ? -13.051 16.475  -7.819  1.00 32.06 ? 67  SER A CB  1 
ATOM   344  O OG  . SER A 1 79  ? -12.156 15.427  -8.182  1.00 31.77 ? 67  SER A OG  1 
ATOM   345  N N   . LYS A 1 80  ? -11.948 17.313  -4.997  1.00 29.61 ? 68  LYS A N   1 
ATOM   346  C CA  . LYS A 1 80  ? -11.180 16.832  -3.825  1.00 32.28 ? 68  LYS A CA  1 
ATOM   347  C C   . LYS A 1 80  ? -10.883 15.333  -4.016  1.00 32.22 ? 68  LYS A C   1 
ATOM   348  O O   . LYS A 1 80  ? -9.810  14.920  -3.556  1.00 30.03 ? 68  LYS A O   1 
ATOM   349  C CB  . LYS A 1 80  ? -11.906 17.142  -2.522  1.00 34.44 ? 68  LYS A CB  1 
ATOM   350  C CG  . LYS A 1 80  ? -13.142 16.310  -2.266  1.00 38.09 ? 68  LYS A CG  1 
ATOM   351  C CD  . LYS A 1 80  ? -13.921 16.781  -1.090  1.00 41.79 ? 68  LYS A CD  1 
ATOM   352  C CE  . LYS A 1 80  ? -15.224 16.023  -0.965  1.00 45.55 ? 68  LYS A CE  1 
ATOM   353  N NZ  . LYS A 1 80  ? -15.967 16.433  0.244   1.00 45.64 ? 68  LYS A NZ  1 
ATOM   354  N N   . GLU A 1 81  ? -11.741 14.581  -4.723  1.00 31.66 ? 69  GLU A N   1 
ATOM   355  C CA  . GLU A 1 81  ? -11.565 13.120  -4.987  1.00 33.14 ? 69  GLU A CA  1 
ATOM   356  C C   . GLU A 1 81  ? -10.329 12.934  -5.858  1.00 33.06 ? 69  GLU A C   1 
ATOM   357  O O   . GLU A 1 81  ? -9.543  11.998  -5.617  1.00 29.44 ? 69  GLU A O   1 
ATOM   358  C CB  . GLU A 1 81  ? -12.819 12.503  -5.611  1.00 35.21 ? 69  GLU A CB  1 
ATOM   359  C CG  . GLU A 1 81  ? -13.973 12.451  -4.630  1.00 39.49 ? 69  GLU A CG  1 
ATOM   360  C CD  . GLU A 1 81  ? -14.870 13.681  -4.524  1.00 43.87 ? 69  GLU A CD  1 
ATOM   361  O OE1 . GLU A 1 81  ? -14.642 14.683  -5.255  1.00 40.62 ? 69  GLU A OE1 1 
ATOM   362  O OE2 . GLU A 1 81  ? -15.784 13.644  -3.700  1.00 50.01 ? 69  GLU A OE2 1 
ATOM   363  N N   . ALA A 1 82  ? -10.065 13.860  -6.787  1.00 27.59 ? 70  ALA A N   1 
ATOM   364  C CA  . ALA A 1 82  ? -8.839  13.809  -7.609  1.00 24.12 ? 70  ALA A CA  1 
ATOM   365  C C   . ALA A 1 82  ? -7.612  14.013  -6.715  1.00 20.91 ? 70  ALA A C   1 
ATOM   366  O O   . ALA A 1 82  ? -6.543  13.493  -7.096  1.00 20.29 ? 70  ALA A O   1 
ATOM   367  C CB  . ALA A 1 82  ? -8.852  14.848  -8.720  1.00 27.90 ? 70  ALA A CB  1 
ATOM   368  N N   . VAL A 1 83  ? -7.720  14.853  -5.690  1.00 19.78 ? 71  VAL A N   1 
ATOM   369  C CA  . VAL A 1 83  ? -6.592  15.124  -4.770  1.00 21.03 ? 71  VAL A CA  1 
ATOM   370  C C   . VAL A 1 83  ? -6.268  13.786  -4.049  1.00 20.78 ? 71  VAL A C   1 
ATOM   371  O O   . VAL A 1 83  ? -5.136  13.432  -4.041  1.00 21.28 ? 71  VAL A O   1 
ATOM   372  C CB  . VAL A 1 83  ? -6.865  16.250  -3.760  1.00 22.33 ? 71  VAL A CB  1 
ATOM   373  C CG1 . VAL A 1 83  ? -5.665  16.481  -2.856  1.00 21.47 ? 71  VAL A CG1 1 
ATOM   374  C CG2 . VAL A 1 83  ? -7.179  17.570  -4.482  1.00 23.15 ? 71  VAL A CG2 1 
ATOM   375  N N   . LEU A 1 84  ? -7.268  13.085  -3.553  1.00 22.30 ? 72  LEU A N   1 
ATOM   376  C CA  . LEU A 1 84  ? -6.977  11.800  -2.832  1.00 23.57 ? 72  LEU A CA  1 
ATOM   377  C C   . LEU A 1 84  ? -6.396  10.775  -3.798  1.00 23.76 ? 72  LEU A C   1 
ATOM   378  O O   . LEU A 1 84  ? -5.417  10.074  -3.427  1.00 25.47 ? 72  LEU A O   1 
ATOM   379  C CB  . LEU A 1 84  ? -8.250  11.321  -2.151  1.00 24.09 ? 72  LEU A CB  1 
ATOM   380  C CG  . LEU A 1 84  ? -8.176  9.912   -1.559  1.00 25.31 ? 72  LEU A CG  1 
ATOM   381  C CD1 . LEU A 1 84  ? -7.047  9.839   -0.532  1.00 25.12 ? 72  LEU A CD1 1 
ATOM   382  C CD2 . LEU A 1 84  ? -9.514  9.552   -0.950  1.00 24.48 ? 72  LEU A CD2 1 
ATOM   383  N N   . LEU A 1 85  ? -6.955  10.672  -5.009  1.00 23.86 ? 73  LEU A N   1 
ATOM   384  C CA  . LEU A 1 85  ? -6.426  9.779   -6.062  1.00 22.94 ? 73  LEU A CA  1 
ATOM   385  C C   . LEU A 1 85  ? -4.950  10.061  -6.273  1.00 22.41 ? 73  LEU A C   1 
ATOM   386  O O   . LEU A 1 85  ? -4.135  9.091   -6.335  1.00 22.50 ? 73  LEU A O   1 
ATOM   387  C CB  . LEU A 1 85  ? -7.244  9.923   -7.363  1.00 22.35 ? 73  LEU A CB  1 
ATOM   388  C CG  . LEU A 1 85  ? -6.685  9.111   -8.526  1.00 25.13 ? 73  LEU A CG  1 
ATOM   389  C CD1 . LEU A 1 85  ? -6.843  7.610   -8.245  1.00 23.81 ? 73  LEU A CD1 1 
ATOM   390  C CD2 . LEU A 1 85  ? -7.353  9.460   -9.852  1.00 25.81 ? 73  LEU A CD2 1 
ATOM   391  N N   . THR A 1 86  ? -4.538  11.340  -6.387  1.00 22.68 ? 74  THR A N   1 
ATOM   392  C CA  . THR A 1 86  ? -3.118  11.675  -6.588  1.00 20.21 ? 74  THR A CA  1 
ATOM   393  C C   . THR A 1 86  ? -2.280  11.271  -5.372  1.00 19.71 ? 74  THR A C   1 
ATOM   394  O O   . THR A 1 86  ? -1.163  10.782  -5.585  1.00 21.90 ? 74  THR A O   1 
ATOM   395  C CB  . THR A 1 86  ? -2.878  13.172  -6.867  1.00 23.02 ? 74  THR A CB  1 
ATOM   396  O OG1 . THR A 1 86  ? -3.669  13.499  -8.018  1.00 25.91 ? 74  THR A OG1 1 
ATOM   397  C CG2 . THR A 1 86  ? -1.437  13.489  -7.138  1.00 24.57 ? 74  THR A CG2 1 
ATOM   398  N N   . LEU A 1 87  ? -2.760  11.534  -4.173  1.00 21.24 ? 75  LEU A N   1 
ATOM   399  C CA  . LEU A 1 87  ? -2.023  11.167  -2.933  1.00 20.25 ? 75  LEU A CA  1 
ATOM   400  C C   . LEU A 1 87  ? -1.805  9.646   -2.960  1.00 18.90 ? 75  LEU A C   1 
ATOM   401  O O   . LEU A 1 87  ? -0.677  9.222   -2.731  1.00 19.10 ? 75  LEU A O   1 
ATOM   402  C CB  . LEU A 1 87  ? -2.820  11.549  -1.691  1.00 22.34 ? 75  LEU A CB  1 
ATOM   403  C CG  . LEU A 1 87  ? -2.823  13.037  -1.345  1.00 21.64 ? 75  LEU A CG  1 
ATOM   404  C CD1 . LEU A 1 87  ? -3.853  13.348  -0.298  1.00 25.94 ? 75  LEU A CD1 1 
ATOM   405  C CD2 . LEU A 1 87  ? -1.470  13.488  -0.928  1.00 24.04 ? 75  LEU A CD2 1 
ATOM   406  N N   . LEU A 1 88  ? -2.861  8.892   -3.228  1.00 19.75 ? 76  LEU A N   1 
ATOM   407  C CA  . LEU A 1 88  ? -2.770  7.399   -3.216  1.00 20.07 ? 76  LEU A CA  1 
ATOM   408  C C   . LEU A 1 88  ? -1.794  6.947   -4.288  1.00 21.03 ? 76  LEU A C   1 
ATOM   409  O O   . LEU A 1 88  ? -0.944  6.082   -4.029  1.00 21.25 ? 76  LEU A O   1 
ATOM   410  C CB  . LEU A 1 88  ? -4.156  6.783   -3.377  1.00 20.96 ? 76  LEU A CB  1 
ATOM   411  C CG  . LEU A 1 88  ? -4.217  5.252   -3.229  1.00 23.52 ? 76  LEU A CG  1 
ATOM   412  C CD1 . LEU A 1 88  ? -3.685  4.843   -1.874  1.00 21.36 ? 76  LEU A CD1 1 
ATOM   413  C CD2 . LEU A 1 88  ? -5.651  4.746   -3.379  1.00 22.97 ? 76  LEU A CD2 1 
ATOM   414  N N   . ASP A 1 89  ? -1.909  7.489   -5.499  1.00 19.36 ? 77  ASP A N   1 
ATOM   415  C CA  . ASP A 1 89  ? -1.020  7.159   -6.626  1.00 20.55 ? 77  ASP A CA  1 
ATOM   416  C C   . ASP A 1 89  ? 0.427   7.375   -6.188  1.00 21.18 ? 77  ASP A C   1 
ATOM   417  O O   . ASP A 1 89  ? 1.261   6.551   -6.520  1.00 18.35 ? 77  ASP A O   1 
ATOM   418  C CB  . ASP A 1 89  ? -1.344  8.012   -7.860  1.00 23.37 ? 77  ASP A CB  1 
ATOM   419  C CG  . ASP A 1 89  ? -0.544  7.576   -9.075  1.00 29.17 ? 77  ASP A CG  1 
ATOM   420  O OD1 . ASP A 1 89  ? -0.901  6.606   -9.699  1.00 32.83 ? 77  ASP A OD1 1 
ATOM   421  O OD2 . ASP A 1 89  ? 0.509   8.132   -9.286  1.00 40.38 ? 77  ASP A OD2 1 
ATOM   422  N N   . ARG A 1 90  ? 0.727   8.459   -5.461  1.00 19.86 ? 78  ARG A N   1 
ATOM   423  C CA  . ARG A 1 90  ? 2.130   8.724   -5.061  1.00 19.45 ? 78  ARG A CA  1 
ATOM   424  C C   . ARG A 1 90  ? 2.612   7.670   -4.046  1.00 18.17 ? 78  ARG A C   1 
ATOM   425  O O   . ARG A 1 90  ? 3.722   7.186   -4.202  1.00 18.59 ? 78  ARG A O   1 
ATOM   426  C CB  . ARG A 1 90  ? 2.238   10.138  -4.500  1.00 26.02 ? 78  ARG A CB  1 
ATOM   427  C CG  . ARG A 1 90  ? 2.161   11.186  -5.612  1.00 30.17 ? 78  ARG A CG  1 
ATOM   428  C CD  . ARG A 1 90  ? 1.778   12.543  -5.064  1.00 34.63 ? 78  ARG A CD  1 
ATOM   429  N NE  . ARG A 1 90  ? 2.767   13.009  -4.097  1.00 38.10 ? 78  ARG A NE  1 
ATOM   430  C CZ  . ARG A 1 90  ? 3.916   13.610  -4.420  1.00 44.69 ? 78  ARG A CZ  1 
ATOM   431  N NH1 . ARG A 1 90  ? 4.755   13.988  -3.469  1.00 44.70 ? 78  ARG A NH1 1 
ATOM   432  N NH2 . ARG A 1 90  ? 4.228   13.829  -5.688  1.00 43.97 ? 78  ARG A NH2 1 
ATOM   433  N N   . VAL A 1 91  ? 1.773   7.310   -3.076  1.00 18.94 ? 79  VAL A N   1 
ATOM   434  C CA  . VAL A 1 91  ? 2.171   6.347   -1.999  1.00 18.62 ? 79  VAL A CA  1 
ATOM   435  C C   . VAL A 1 91  ? 2.347   4.963   -2.649  1.00 17.74 ? 79  VAL A C   1 
ATOM   436  O O   . VAL A 1 91  ? 3.362   4.281   -2.414  1.00 18.02 ? 79  VAL A O   1 
ATOM   437  C CB  . VAL A 1 91  ? 1.175   6.388   -0.819  1.00 21.01 ? 79  VAL A CB  1 
ATOM   438  C CG1 . VAL A 1 91  ? 1.443   5.288   0.213   1.00 21.76 ? 79  VAL A CG1 1 
ATOM   439  C CG2 . VAL A 1 91  ? 1.179   7.741   -0.118  1.00 22.35 ? 79  VAL A CG2 1 
ATOM   440  N N   . VAL A 1 92  ? 1.392   4.545   -3.472  1.00 17.80 ? 80  VAL A N   1 
ATOM   441  C CA  . VAL A 1 92  ? 1.457   3.240   -4.165  1.00 17.61 ? 80  VAL A CA  1 
ATOM   442  C C   . VAL A 1 92  ? 2.715   3.164   -5.022  1.00 18.96 ? 80  VAL A C   1 
ATOM   443  O O   . VAL A 1 92  ? 3.404   2.152   -5.019  1.00 16.68 ? 80  VAL A O   1 
ATOM   444  C CB  . VAL A 1 92  ? 0.157   3.071   -4.961  1.00 20.17 ? 80  VAL A CB  1 
ATOM   445  C CG1 . VAL A 1 92  ? 0.292   2.052   -6.058  1.00 23.02 ? 80  VAL A CG1 1 
ATOM   446  C CG2 . VAL A 1 92  ? -1.047  2.823   -4.053  1.00 20.63 ? 80  VAL A CG2 1 
ATOM   447  N N   . ASN A 1 93  ? 3.024   4.214   -5.803  1.00 19.45 ? 81  ASN A N   1 
ATOM   448  C CA  . ASN A 1 93  ? 4.228   4.202   -6.661  1.00 19.87 ? 81  ASN A CA  1 
ATOM   449  C C   . ASN A 1 93  ? 5.498   4.210   -5.803  1.00 18.09 ? 81  ASN A C   1 
ATOM   450  O O   . ASN A 1 93  ? 6.448   3.561   -6.189  1.00 18.23 ? 81  ASN A O   1 
ATOM   451  C CB  . ASN A 1 93  ? 4.183   5.348   -7.684  1.00 21.88 ? 81  ASN A CB  1 
ATOM   452  C CG  . ASN A 1 93  ? 3.415   4.928   -8.915  1.00 22.82 ? 81  ASN A CG  1 
ATOM   453  O OD1 . ASN A 1 93  ? 3.944   4.170   -9.716  1.00 26.90 ? 81  ASN A OD1 1 
ATOM   454  N ND2 . ASN A 1 93  ? 2.137   5.263   -8.963  1.00 27.16 ? 81  ASN A ND2 1 
ATOM   455  N N   . GLN A 1 94  ? 5.488   4.861   -4.646  1.00 18.91 ? 82  GLN A N   1 
ATOM   456  C CA  . GLN A 1 94  ? 6.644   4.853   -3.720  1.00 20.09 ? 82  GLN A CA  1 
ATOM   457  C C   . GLN A 1 94  ? 6.897   3.406   -3.277  1.00 18.14 ? 82  GLN A C   1 
ATOM   458  O O   . GLN A 1 94  ? 8.034   2.962   -3.236  1.00 15.30 ? 82  GLN A O   1 
ATOM   459  C CB  . GLN A 1 94  ? 6.333   5.771   -2.545  1.00 24.36 ? 82  GLN A CB  1 
ATOM   460  C CG  . GLN A 1 94  ? 7.491   5.940   -1.590  1.00 30.51 ? 82  GLN A CG  1 
ATOM   461  C CD  . GLN A 1 94  ? 7.061   6.895   -0.497  1.00 39.16 ? 82  GLN A CD  1 
ATOM   462  O OE1 . GLN A 1 94  ? 6.402   7.909   -0.752  1.00 41.81 ? 82  GLN A OE1 1 
ATOM   463  N NE2 . GLN A 1 94  ? 7.382   6.544   0.730   1.00 35.59 ? 82  GLN A NE2 1 
ATOM   464  N N   . ALA A 1 95  ? 5.842   2.686   -2.871  1.00 15.85 ? 83  ALA A N   1 
ATOM   465  C CA  . ALA A 1 95  ? 5.999   1.277   -2.463  1.00 15.03 ? 83  ALA A CA  1 
ATOM   466  C C   . ALA A 1 95  ? 6.531   0.469   -3.648  1.00 13.67 ? 83  ALA A C   1 
ATOM   467  O O   . ALA A 1 95  ? 7.396   -0.361  -3.473  1.00 15.60 ? 83  ALA A O   1 
ATOM   468  C CB  . ALA A 1 95  ? 4.645   0.734   -1.998  1.00 15.76 ? 83  ALA A CB  1 
ATOM   469  N N   . ASP A 1 96  ? 5.939   0.661   -4.815  1.00 13.69 ? 84  ASP A N   1 
ATOM   470  C CA  . ASP A 1 96  ? 6.285   -0.126  -6.004  1.00 15.43 ? 84  ASP A CA  1 
ATOM   471  C C   . ASP A 1 96  ? 7.768   0.071   -6.350  1.00 17.55 ? 84  ASP A C   1 
ATOM   472  O O   . ASP A 1 96  ? 8.446   -0.936  -6.599  1.00 17.64 ? 84  ASP A O   1 
ATOM   473  C CB  . ASP A 1 96  ? 5.339   0.211   -7.144  1.00 16.07 ? 84  ASP A CB  1 
ATOM   474  C CG  . ASP A 1 96  ? 5.490   -0.821  -8.236  1.00 20.62 ? 84  ASP A CG  1 
ATOM   475  O OD1 . ASP A 1 96  ? 5.311   -2.041  -7.954  1.00 19.72 ? 84  ASP A OD1 1 
ATOM   476  O OD2 . ASP A 1 96  ? 5.961   -0.398  -9.327  1.00 20.55 ? 84  ASP A OD2 1 
ATOM   477  N N   . MET A 1 97  ? 8.224   1.322   -6.338  1.00 18.54 ? 85  MET A N   1 
ATOM   478  C CA  . MET A 1 97  ? 9.652   1.634   -6.640  1.00 21.70 ? 85  MET A CA  1 
ATOM   479  C C   . MET A 1 97  ? 10.585  1.042   -5.593  1.00 19.76 ? 85  MET A C   1 
ATOM   480  O O   . MET A 1 97  ? 11.651  0.542   -5.964  1.00 23.61 ? 85  MET A O   1 
ATOM   481  C CB  . MET A 1 97  ? 9.825   3.155   -6.734  1.00 25.73 ? 85  MET A CB  1 
ATOM   482  C CG  . MET A 1 97  ? 9.137   3.713   -7.939  1.00 33.59 ? 85  MET A CG  1 
ATOM   483  S SD  . MET A 1 97  ? 9.366   5.537   -8.016  1.00 48.61 ? 85  MET A SD  1 
ATOM   484  C CE  . MET A 1 97  ? 11.130  5.644   -8.319  1.00 48.43 ? 85  MET A CE  1 
ATOM   485  N N   . ALA A 1 98  ? 10.224  1.099   -4.310  1.00 19.78 ? 86  ALA A N   1 
ATOM   486  C CA  . ALA A 1 98  ? 11.002  0.472   -3.223  1.00 19.85 ? 86  ALA A CA  1 
ATOM   487  C C   . ALA A 1 98  ? 11.134  -1.019  -3.535  1.00 20.28 ? 86  ALA A C   1 
ATOM   488  O O   . ALA A 1 98  ? 12.216  -1.589  -3.439  1.00 20.71 ? 86  ALA A O   1 
ATOM   489  C CB  . ALA A 1 98  ? 10.343  0.745   -1.884  1.00 19.95 ? 86  ALA A CB  1 
ATOM   490  N N   . LEU A 1 99  ? 10.031  -1.679  -3.897  1.00 20.48 ? 87  LEU A N   1 
ATOM   491  C CA  . LEU A 1 99  ? 10.108  -3.125  -4.199  1.00 21.27 ? 87  LEU A CA  1 
ATOM   492  C C   . LEU A 1 99  ? 10.972  -3.364  -5.453  1.00 22.92 ? 87  LEU A C   1 
ATOM   493  O O   . LEU A 1 99  ? 11.829  -4.283  -5.438  1.00 24.71 ? 87  LEU A O   1 
ATOM   494  C CB  . LEU A 1 99  ? 8.665   -3.623  -4.404  1.00 22.73 ? 87  LEU A CB  1 
ATOM   495  C CG  . LEU A 1 99  ? 8.471   -5.129  -4.467  1.00 24.25 ? 87  LEU A CG  1 
ATOM   496  C CD1 . LEU A 1 99  ? 8.984   -5.827  -3.191  1.00 23.21 ? 87  LEU A CD1 1 
ATOM   497  C CD2 . LEU A 1 99  ? 6.999   -5.430  -4.697  1.00 21.18 ? 87  LEU A CD2 1 
ATOM   498  N N   . GLN A 1 100 ? 10.803  -2.557  -6.490  1.00 26.29 ? 88  GLN A N   1 
ATOM   499  C CA  . GLN A 1 100 ? 11.679  -2.620  -7.707  1.00 29.44 ? 88  GLN A CA  1 
ATOM   500  C C   . GLN A 1 100 ? 13.151  -2.516  -7.299  1.00 28.40 ? 88  GLN A C   1 
ATOM   501  O O   . GLN A 1 100 ? 13.957  -3.344  -7.800  1.00 30.61 ? 88  GLN A O   1 
ATOM   502  C CB  . GLN A 1 100 ? 11.316  -1.519  -8.701  1.00 30.21 ? 88  GLN A CB  1 
ATOM   503  C CG  . GLN A 1 100 ? 10.011  -1.782  -9.410  1.00 39.20 ? 88  GLN A CG  1 
ATOM   504  C CD  . GLN A 1 100 ? 9.705   -0.721  -10.441 1.00 45.43 ? 88  GLN A CD  1 
ATOM   505  O OE1 . GLN A 1 100 ? 8.665   -0.061  -10.397 1.00 50.69 ? 88  GLN A OE1 1 
ATOM   506  N NE2 . GLN A 1 100 ? 10.625  -0.547  -11.372 1.00 40.98 ? 88  GLN A NE2 1 
ATOM   507  N N   . THR A 1 101 ? 13.470  -1.615  -6.356  1.00 29.36 ? 89  THR A N   1 
ATOM   508  C CA  . THR A 1 101 ? 14.853  -1.361  -5.873  1.00 30.85 ? 89  THR A CA  1 
ATOM   509  C C   . THR A 1 101 ? 15.416  -2.635  -5.258  1.00 32.04 ? 89  THR A C   1 
ATOM   510  O O   . THR A 1 101 ? 16.587  -2.988  -5.519  1.00 29.56 ? 89  THR A O   1 
ATOM   511  C CB  . THR A 1 101 ? 14.920  -0.206  -4.868  1.00 30.94 ? 89  THR A CB  1 
ATOM   512  O OG1 . THR A 1 101 ? 14.612  0.975   -5.592  1.00 31.21 ? 89  THR A OG1 1 
ATOM   513  C CG2 . THR A 1 101 ? 16.276  -0.001  -4.237  1.00 35.43 ? 89  THR A CG2 1 
ATOM   514  N N   . LEU A 1 102 ? 14.631  -3.274  -4.403  1.00 28.15 ? 90  LEU A N   1 
ATOM   515  C CA  . LEU A 1 102 ? 15.034  -4.531  -3.758  1.00 30.12 ? 90  LEU A CA  1 
ATOM   516  C C   . LEU A 1 102 ? 15.192  -5.627  -4.803  1.00 30.68 ? 90  LEU A C   1 
ATOM   517  O O   . LEU A 1 102 ? 16.106  -6.428  -4.616  1.00 35.20 ? 90  LEU A O   1 
ATOM   518  C CB  . LEU A 1 102 ? 13.975  -4.933  -2.731  1.00 28.51 ? 90  LEU A CB  1 
ATOM   519  C CG  . LEU A 1 102 ? 13.963  -4.062  -1.488  1.00 27.05 ? 90  LEU A CG  1 
ATOM   520  C CD1 . LEU A 1 102 ? 12.732  -4.372  -0.650  1.00 26.19 ? 90  LEU A CD1 1 
ATOM   521  C CD2 . LEU A 1 102 ? 15.234  -4.261  -0.677  1.00 30.30 ? 90  LEU A CD2 1 
ATOM   522  N N   . ALA A 1 103 ? 14.312  -5.691  -5.809  1.00 32.74 ? 91  ALA A N   1 
ATOM   523  C CA  . ALA A 1 103 ? 14.302  -6.778  -6.824  1.00 37.89 ? 91  ALA A CA  1 
ATOM   524  C C   . ALA A 1 103 ? 15.569  -6.685  -7.691  1.00 48.11 ? 91  ALA A C   1 
ATOM   525  O O   . ALA A 1 103 ? 16.028  -7.725  -8.185  1.00 50.67 ? 91  ALA A O   1 
ATOM   526  C CB  . ALA A 1 103 ? 13.077  -6.690  -7.689  1.00 36.04 ? 91  ALA A CB  1 
ATOM   527  N N   . GLU A 1 104 ? 16.075  -5.469  -7.910  1.00 48.34 ? 92  GLU A N   1 
ATOM   528  C CA  . GLU A 1 104 ? 17.266  -5.202  -8.749  1.00 51.07 ? 92  GLU A CA  1 
ATOM   529  C C   . GLU A 1 104 ? 18.536  -5.470  -7.940  1.00 54.31 ? 92  GLU A C   1 
ATOM   530  O O   . GLU A 1 104 ? 19.530  -5.858  -8.560  1.00 51.61 ? 92  GLU A O   1 
ATOM   531  C CB  . GLU A 1 104 ? 17.252  -3.757  -9.236  1.00 54.17 ? 92  GLU A CB  1 
ATOM   532  C CG  . GLU A 1 104 ? 16.134  -3.452  -10.219 1.00 60.37 ? 92  GLU A CG  1 
ATOM   533  C CD  . GLU A 1 104 ? 15.975  -1.964  -10.473 1.00 61.92 ? 92  GLU A CD  1 
ATOM   534  O OE1 . GLU A 1 104 ? 16.760  -1.192  -9.890  1.00 62.43 ? 92  GLU A OE1 1 
ATOM   535  O OE2 . GLU A 1 104 ? 15.075  -1.583  -11.240 1.00 62.25 ? 92  GLU A OE2 1 
ATOM   536  N N   . ASN A 1 105 ? 18.489  -5.232  -6.626  1.00 56.94 ? 93  ASN A N   1 
ATOM   537  C CA  . ASN A 1 105 ? 19.636  -5.280  -5.677  1.00 58.68 ? 93  ASN A CA  1 
ATOM   538  C C   . ASN A 1 105 ? 19.336  -6.268  -4.558  1.00 59.50 ? 93  ASN A C   1 
ATOM   539  O O   . ASN A 1 105 ? 19.141  -5.838  -3.422  1.00 56.08 ? 93  ASN A O   1 
ATOM   540  C CB  . ASN A 1 105 ? 19.878  -3.951  -4.952  1.00 56.51 ? 93  ASN A CB  1 
ATOM   541  C CG  . ASN A 1 105 ? 20.052  -2.752  -5.855  1.00 58.64 ? 93  ASN A CG  1 
ATOM   542  O OD1 . ASN A 1 105 ? 21.132  -2.170  -5.900  1.00 65.33 ? 93  ASN A OD1 1 
ATOM   543  N ND2 . ASN A 1 105 ? 18.993  -2.346  -6.537  1.00 50.09 ? 93  ASN A ND2 1 
ATOM   544  N N   . PRO A 1 106 ? 19.256  -7.593  -4.820  1.00 59.75 ? 94  PRO A N   1 
ATOM   545  C CA  . PRO A 1 106 ? 18.920  -8.553  -3.762  1.00 63.66 ? 94  PRO A CA  1 
ATOM   546  C C   . PRO A 1 106 ? 19.841  -8.495  -2.522  1.00 62.66 ? 94  PRO A C   1 
ATOM   547  O O   . PRO A 1 106 ? 21.008  -8.803  -2.656  1.00 63.84 ? 94  PRO A O   1 
ATOM   548  C CB  . PRO A 1 106 ? 19.014  -9.917  -4.471  1.00 63.30 ? 94  PRO A CB  1 
ATOM   549  C CG  . PRO A 1 106 ? 19.787  -9.647  -5.750  1.00 62.90 ? 94  PRO A CG  1 
ATOM   550  C CD  . PRO A 1 106 ? 19.439  -8.226  -6.133  1.00 59.95 ? 94  PRO A CD  1 
ATOM   551  N N   . ALA A 1 107 ? 19.293  -8.101  -1.359  1.00 58.67 ? 95  ALA A N   1 
ATOM   552  C CA  . ALA A 1 107 ? 19.956  -8.117  -0.028  1.00 55.30 ? 95  ALA A CA  1 
ATOM   553  C C   . ALA A 1 107 ? 20.499  -9.520  0.270   1.00 55.42 ? 95  ALA A C   1 
ATOM   554  O O   . ALA A 1 107 ? 19.952  -10.527 -0.246  1.00 51.59 ? 95  ALA A O   1 
ATOM   555  C CB  . ALA A 1 107 ? 19.021  -7.634  1.065   1.00 55.48 ? 95  ALA A CB  1 
ATOM   556  N N   . ASP A 1 108 ? 21.539  -9.579  1.100   1.00 52.83 ? 96  ASP A N   1 
ATOM   557  C CA  . ASP A 1 108 ? 22.446  -10.750 1.267   1.00 55.54 ? 96  ASP A CA  1 
ATOM   558  C C   . ASP A 1 108 ? 22.052  -11.486 2.553   1.00 58.29 ? 96  ASP A C   1 
ATOM   559  O O   . ASP A 1 108 ? 22.674  -11.214 3.618   1.00 54.21 ? 96  ASP A O   1 
ATOM   560  C CB  . ASP A 1 108 ? 23.889  -10.240 1.294   1.00 58.67 ? 96  ASP A CB  1 
ATOM   561  C CG  . ASP A 1 108 ? 24.967  -11.286 1.116   1.00 64.56 ? 96  ASP A CG  1 
ATOM   562  O OD1 . ASP A 1 108 ? 24.653  -12.492 1.272   1.00 65.11 ? 96  ASP A OD1 1 
ATOM   563  O OD2 . ASP A 1 108 ? 26.116  -10.869 0.831   1.00 71.86 ? 96  ASP A OD2 1 
ATOM   564  N N   . THR A 1 109 ? 21.016  -12.333 2.498   1.00 56.76 ? 97  THR A N   1 
ATOM   565  C CA  . THR A 1 109 ? 20.354  -12.810 3.735   1.00 50.81 ? 97  THR A CA  1 
ATOM   566  C C   . THR A 1 109 ? 19.624  -14.140 3.501   1.00 43.78 ? 97  THR A C   1 
ATOM   567  O O   . THR A 1 109 ? 19.529  -14.596 2.350   1.00 44.13 ? 97  THR A O   1 
ATOM   568  C CB  . THR A 1 109 ? 19.497  -11.669 4.298   1.00 53.80 ? 97  THR A CB  1 
ATOM   569  O OG1 . THR A 1 109 ? 19.327  -11.933 5.696   1.00 56.14 ? 97  THR A OG1 1 
ATOM   570  C CG2 . THR A 1 109 ? 18.199  -11.486 3.536   1.00 52.50 ? 97  THR A CG2 1 
ATOM   571  N N   . ASP A 1 110 ? 19.193  -14.759 4.602   1.00 37.13 ? 98  ASP A N   1 
ATOM   572  C CA  . ASP A 1 110 ? 18.393  -16.006 4.595   1.00 32.76 ? 98  ASP A CA  1 
ATOM   573  C C   . ASP A 1 110 ? 17.002  -15.697 3.989   1.00 32.42 ? 98  ASP A C   1 
ATOM   574  O O   . ASP A 1 110 ? 16.663  -14.498 3.741   1.00 27.48 ? 98  ASP A O   1 
ATOM   575  C CB  . ASP A 1 110 ? 18.372  -16.606 6.001   1.00 32.37 ? 98  ASP A CB  1 
ATOM   576  C CG  . ASP A 1 110 ? 17.690  -15.753 7.059   1.00 38.37 ? 98  ASP A CG  1 
ATOM   577  O OD1 . ASP A 1 110 ? 16.906  -14.862 6.701   1.00 34.15 ? 98  ASP A OD1 1 
ATOM   578  O OD2 . ASP A 1 110 ? 17.982  -15.975 8.247   1.00 50.31 ? 98  ASP A OD2 1 
ATOM   579  N N   . ARG A 1 111 ? 16.238  -16.741 3.692   1.00 29.67 ? 99  ARG A N   1 
ATOM   580  C CA  . ARG A 1 111 ? 14.903  -16.615 3.053   1.00 31.54 ? 99  ARG A CA  1 
ATOM   581  C C   . ARG A 1 111 ? 13.951  -15.865 4.009   1.00 25.63 ? 99  ARG A C   1 
ATOM   582  O O   . ARG A 1 111 ? 13.164  -15.058 3.516   1.00 28.03 ? 99  ARG A O   1 
ATOM   583  C CB  . ARG A 1 111 ? 14.434  -18.008 2.608   1.00 35.63 ? 99  ARG A CB  1 
ATOM   584  C CG  . ARG A 1 111 ? 13.945  -18.903 3.735   1.00 39.52 ? 99  ARG A CG  1 
ATOM   585  C CD  . ARG A 1 111 ? 14.053  -20.403 3.480   1.00 41.20 ? 99  ARG A CD  1 
ATOM   586  N NE  . ARG A 1 111 ? 13.438  -21.079 4.605   1.00 41.67 ? 99  ARG A NE  1 
ATOM   587  C CZ  . ARG A 1 111 ? 13.215  -22.391 4.700   1.00 47.42 ? 99  ARG A CZ  1 
ATOM   588  N NH1 . ARG A 1 111 ? 13.552  -23.204 3.714   1.00 44.86 ? 99  ARG A NH1 1 
ATOM   589  N NH2 . ARG A 1 111 ? 12.641  -22.880 5.786   1.00 51.12 ? 99  ARG A NH2 1 
ATOM   590  N N   . GLU A 1 112 ? 14.029  -16.072 5.321   1.00 23.41 ? 100 GLU A N   1 
ATOM   591  C CA  . GLU A 1 112 ? 13.130  -15.362 6.244   1.00 24.21 ? 100 GLU A CA  1 
ATOM   592  C C   . GLU A 1 112 ? 13.378  -13.855 6.094   1.00 25.37 ? 100 GLU A C   1 
ATOM   593  O O   . GLU A 1 112 ? 12.418  -13.076 5.944   1.00 20.41 ? 100 GLU A O   1 
ATOM   594  C CB  . GLU A 1 112 ? 13.320  -15.834 7.662   1.00 27.55 ? 100 GLU A CB  1 
ATOM   595  C CG  . GLU A 1 112 ? 12.575  -14.959 8.627   1.00 35.21 ? 100 GLU A CG  1 
ATOM   596  C CD  . GLU A 1 112 ? 12.469  -15.532 10.017  1.00 44.34 ? 100 GLU A CD  1 
ATOM   597  O OE1 . GLU A 1 112 ? 12.321  -16.760 10.120  1.00 54.03 ? 100 GLU A OE1 1 
ATOM   598  O OE2 . GLU A 1 112 ? 12.519  -14.746 10.977  1.00 55.28 ? 100 GLU A OE2 1 
ATOM   599  N N   . ASN A 1 113 ? 14.644  -13.429 6.058   1.00 22.94 ? 101 ASN A N   1 
ATOM   600  C CA  . ASN A 1 113 ? 14.951  -11.976 5.942   1.00 24.56 ? 101 ASN A CA  1 
ATOM   601  C C   . ASN A 1 113 ? 14.625  -11.457 4.539   1.00 22.50 ? 101 ASN A C   1 
ATOM   602  O O   . ASN A 1 113 ? 14.233  -10.287 4.455   1.00 19.93 ? 101 ASN A O   1 
ATOM   603  C CB  . ASN A 1 113 ? 16.396  -11.650 6.366   1.00 32.31 ? 101 ASN A CB  1 
ATOM   604  C CG  . ASN A 1 113 ? 16.467  -11.406 7.860   1.00 41.28 ? 101 ASN A CG  1 
ATOM   605  O OD1 . ASN A 1 113 ? 15.955  -10.396 8.351   1.00 40.50 ? 101 ASN A OD1 1 
ATOM   606  N ND2 . ASN A 1 113 ? 17.031  -12.360 8.599   1.00 46.43 ? 101 ASN A ND2 1 
ATOM   607  N N   . MET A 1 114 ? 14.717  -12.273 3.482   1.00 20.86 ? 102 MET A N   1 
ATOM   608  C CA  . MET A 1 114 ? 14.312  -11.868 2.113   1.00 22.14 ? 102 MET A CA  1 
ATOM   609  C C   . MET A 1 114 ? 12.818  -11.473 2.149   1.00 17.73 ? 102 MET A C   1 
ATOM   610  O O   . MET A 1 114 ? 12.438  -10.416 1.595   1.00 16.85 ? 102 MET A O   1 
ATOM   611  C CB  . MET A 1 114 ? 14.489  -13.005 1.094   1.00 27.32 ? 102 MET A CB  1 
ATOM   612  C CG  . MET A 1 114 ? 13.665  -12.788 -0.206  1.00 33.35 ? 102 MET A CG  1 
ATOM   613  S SD  . MET A 1 114 ? 14.102  -13.806 -1.655  1.00 41.42 ? 102 MET A SD  1 
ATOM   614  C CE  . MET A 1 114 ? 13.302  -15.344 -1.216  1.00 37.13 ? 102 MET A CE  1 
ATOM   615  N N   . TRP A 1 115 ? 11.975  -12.329 2.718   1.00 17.03 ? 103 TRP A N   1 
ATOM   616  C CA  . TRP A 1 115 ? 10.518  -12.024 2.692   1.00 14.80 ? 103 TRP A CA  1 
ATOM   617  C C   . TRP A 1 115 ? 10.223  -10.845 3.629   1.00 14.50 ? 103 TRP A C   1 
ATOM   618  O O   . TRP A 1 115 ? 9.364   -10.026 3.286   1.00 14.93 ? 103 TRP A O   1 
ATOM   619  C CB  . TRP A 1 115 ? 9.672   -13.278 3.001   1.00 14.40 ? 103 TRP A CB  1 
ATOM   620  C CG  . TRP A 1 115 ? 9.762   -14.235 1.861   1.00 16.12 ? 103 TRP A CG  1 
ATOM   621  C CD1 . TRP A 1 115 ? 10.469  -15.403 1.852   1.00 17.91 ? 103 TRP A CD1 1 
ATOM   622  C CD2 . TRP A 1 115 ? 9.202   -14.102 0.544   1.00 15.88 ? 103 TRP A CD2 1 
ATOM   623  N NE1 . TRP A 1 115 ? 10.377  -15.994 0.620   1.00 17.69 ? 103 TRP A NE1 1 
ATOM   624  C CE2 . TRP A 1 115 ? 9.611   -15.226 -0.201  1.00 17.66 ? 103 TRP A CE2 1 
ATOM   625  C CE3 . TRP A 1 115 ? 8.445   -13.124 -0.103  1.00 15.54 ? 103 TRP A CE3 1 
ATOM   626  C CZ2 . TRP A 1 115 ? 9.230   -15.422 -1.535  1.00 17.56 ? 103 TRP A CZ2 1 
ATOM   627  C CZ3 . TRP A 1 115 ? 8.078   -13.304 -1.412  1.00 15.34 ? 103 TRP A CZ3 1 
ATOM   628  C CH2 . TRP A 1 115 ? 8.439   -14.453 -2.122  1.00 16.59 ? 103 TRP A CH2 1 
ATOM   629  N N   . ARG A 1 116 ? 10.856  -10.786 4.795   1.00 14.07 ? 104 ARG A N   1 
ATOM   630  C CA  . ARG A 1 116 ? 10.689  -9.696  5.767   1.00 13.62 ? 104 ARG A CA  1 
ATOM   631  C C   . ARG A 1 116 ? 11.008  -8.366  5.066   1.00 13.65 ? 104 ARG A C   1 
ATOM   632  O O   . ARG A 1 116 ? 10.299  -7.371  5.243   1.00 13.13 ? 104 ARG A O   1 
ATOM   633  C CB  . ARG A 1 116 ? 11.594  -9.917  6.983   1.00 15.70 ? 104 ARG A CB  1 
ATOM   634  C CG  . ARG A 1 116 ? 11.398  -8.866  8.064   1.00 18.51 ? 104 ARG A CG  1 
ATOM   635  C CD  . ARG A 1 116 ? 12.218  -9.093  9.326   1.00 21.33 ? 104 ARG A CD  1 
ATOM   636  N NE  . ARG A 1 116 ? 11.826  -10.352 9.965   1.00 25.37 ? 104 ARG A NE  1 
ATOM   637  C CZ  . ARG A 1 116 ? 10.837  -10.538 10.846  1.00 30.28 ? 104 ARG A CZ  1 
ATOM   638  N NH1 . ARG A 1 116 ? 10.104  -9.536  11.299  1.00 34.28 ? 104 ARG A NH1 1 
ATOM   639  N NH2 . ARG A 1 116 ? 10.610  -11.761 11.315  1.00 29.47 ? 104 ARG A NH2 1 
ATOM   640  N N   . THR A 1 117 ? 12.107  -8.314  4.285   1.00 14.72 ? 105 THR A N   1 
ATOM   641  C CA  . THR A 1 117 ? 12.505  -7.068  3.609   1.00 15.16 ? 105 THR A CA  1 
ATOM   642  C C   . THR A 1 117 ? 11.434  -6.636  2.618   1.00 15.88 ? 105 THR A C   1 
ATOM   643  O O   . THR A 1 117 ? 11.137  -5.427  2.602   1.00 15.38 ? 105 THR A O   1 
ATOM   644  C CB  . THR A 1 117 ? 13.914  -7.203  2.998   1.00 18.37 ? 105 THR A CB  1 
ATOM   645  O OG1 . THR A 1 117 ? 14.754  -7.684  4.047   1.00 20.10 ? 105 THR A OG1 1 
ATOM   646  C CG2 . THR A 1 117 ? 14.420  -5.882  2.445   1.00 22.48 ? 105 THR A CG2 1 
ATOM   647  N N   . GLY A 1 118 ? 10.825  -7.568  1.859   1.00 16.46 ? 106 GLY A N   1 
ATOM   648  C CA  . GLY A 1 118 ? 9.741   -7.238  0.930   1.00 14.87 ? 106 GLY A CA  1 
ATOM   649  C C   . GLY A 1 118 ? 8.491   -6.774  1.641   1.00 13.46 ? 106 GLY A C   1 
ATOM   650  O O   . GLY A 1 118 ? 7.946   -5.703  1.289   1.00 13.06 ? 106 GLY A O   1 
ATOM   651  N N   . ILE A 1 119 ? 8.026   -7.514  2.644   1.00 12.16 ? 107 ILE A N   1 
ATOM   652  C CA  . ILE A 1 119 ? 6.788   -7.100  3.379   1.00 11.96 ? 107 ILE A CA  1 
ATOM   653  C C   . ILE A 1 119 ? 7.012   -5.726  4.015   1.00 11.42 ? 107 ILE A C   1 
ATOM   654  O O   . ILE A 1 119 ? 6.122   -4.894  4.065   1.00 12.42 ? 107 ILE A O   1 
ATOM   655  C CB  . ILE A 1 119 ? 6.410   -8.172  4.433   1.00 11.35 ? 107 ILE A CB  1 
ATOM   656  C CG1 . ILE A 1 119 ? 6.190   -9.532  3.749   1.00 12.23 ? 107 ILE A CG1 1 
ATOM   657  C CG2 . ILE A 1 119 ? 5.220   -7.718  5.251   1.00 11.54 ? 107 ILE A CG2 1 
ATOM   658  C CD1 . ILE A 1 119 ? 6.028   -10.689 4.694   1.00 13.07 ? 107 ILE A CD1 1 
ATOM   659  N N   . ASN A 1 120 ? 8.215   -5.495  4.519   1.00 11.95 ? 108 ASN A N   1 
ATOM   660  C CA  . ASN A 1 120 ? 8.581   -4.226  5.193   1.00 12.47 ? 108 ASN A CA  1 
ATOM   661  C C   . ASN A 1 120 ? 8.398   -3.023  4.277   1.00 11.52 ? 108 ASN A C   1 
ATOM   662  O O   . ASN A 1 120 ? 8.063   -1.975  4.766   1.00 13.93 ? 108 ASN A O   1 
ATOM   663  C CB  . ASN A 1 120 ? 10.021  -4.239  5.706   1.00 13.02 ? 108 ASN A CB  1 
ATOM   664  C CG  . ASN A 1 120 ? 10.302  -3.063  6.607   1.00 14.55 ? 108 ASN A CG  1 
ATOM   665  O OD1 . ASN A 1 120 ? 9.576   -2.873  7.587   1.00 13.82 ? 108 ASN A OD1 1 
ATOM   666  N ND2 . ASN A 1 120 ? 11.350  -2.278  6.275   1.00 13.50 ? 108 ASN A ND2 1 
ATOM   667  N N   . VAL A 1 121 ? 8.597   -3.181  2.969   1.00 11.49 ? 109 VAL A N   1 
ATOM   668  C CA  . VAL A 1 121 ? 8.305   -2.084  2.011   1.00 13.93 ? 109 VAL A CA  1 
ATOM   669  C C   . VAL A 1 121 ? 6.892   -1.577  2.288   1.00 12.70 ? 109 VAL A C   1 
ATOM   670  O O   . VAL A 1 121 ? 6.632   -0.341  2.275   1.00 12.03 ? 109 VAL A O   1 
ATOM   671  C CB  . VAL A 1 121 ? 8.432   -2.548  0.538   1.00 15.36 ? 109 VAL A CB  1 
ATOM   672  C CG1 . VAL A 1 121 ? 7.868   -1.528  -0.423  1.00 18.09 ? 109 VAL A CG1 1 
ATOM   673  C CG2 . VAL A 1 121 ? 9.858   -2.868  0.151   1.00 18.36 ? 109 VAL A CG2 1 
ATOM   674  N N   . PHE A 1 122 ? 5.932   -2.489  2.371   1.00 11.48 ? 110 PHE A N   1 
ATOM   675  C CA  . PHE A 1 122 ? 4.507   -2.106  2.493   1.00 11.46 ? 110 PHE A CA  1 
ATOM   676  C C   . PHE A 1 122 ? 4.237   -1.557  3.896   1.00 11.65 ? 110 PHE A C   1 
ATOM   677  O O   . PHE A 1 122 ? 3.503   -0.577  4.057   1.00 12.15 ? 110 PHE A O   1 
ATOM   678  C CB  . PHE A 1 122 ? 3.644   -3.290  2.045   1.00 11.81 ? 110 PHE A CB  1 
ATOM   679  C CG  . PHE A 1 122 ? 3.898   -3.590  0.600   1.00 11.75 ? 110 PHE A CG  1 
ATOM   680  C CD1 . PHE A 1 122 ? 3.307   -2.814  -0.383  1.00 12.99 ? 110 PHE A CD1 1 
ATOM   681  C CD2 . PHE A 1 122 ? 4.785   -4.589  0.216   1.00 12.14 ? 110 PHE A CD2 1 
ATOM   682  C CE1 . PHE A 1 122 ? 3.607   -3.007  -1.723  1.00 11.96 ? 110 PHE A CE1 1 
ATOM   683  C CE2 . PHE A 1 122 ? 5.043   -4.817  -1.128  1.00 12.49 ? 110 PHE A CE2 1 
ATOM   684  C CZ  . PHE A 1 122 ? 4.462   -4.019  -2.092  1.00 13.50 ? 110 PHE A CZ  1 
ATOM   685  N N   . PHE A 1 123 ? 4.768   -2.231  4.902   1.00 12.06 ? 111 PHE A N   1 
ATOM   686  C CA  . PHE A 1 123 ? 4.613   -1.813  6.312   1.00 11.75 ? 111 PHE A CA  1 
ATOM   687  C C   . PHE A 1 123 ? 5.104   -0.369  6.480   1.00 13.52 ? 111 PHE A C   1 
ATOM   688  O O   . PHE A 1 123 ? 4.387   0.457   6.998   1.00 12.64 ? 111 PHE A O   1 
ATOM   689  C CB  . PHE A 1 123 ? 5.353   -2.806  7.191   1.00 13.49 ? 111 PHE A CB  1 
ATOM   690  C CG  . PHE A 1 123 ? 5.355   -2.417  8.638   1.00 14.34 ? 111 PHE A CG  1 
ATOM   691  C CD1 . PHE A 1 123 ? 4.220   -2.541  9.418   1.00 14.21 ? 111 PHE A CD1 1 
ATOM   692  C CD2 . PHE A 1 123 ? 6.524   -1.973  9.230   1.00 18.38 ? 111 PHE A CD2 1 
ATOM   693  C CE1 . PHE A 1 123 ? 4.247   -2.227  10.763  1.00 15.58 ? 111 PHE A CE1 1 
ATOM   694  C CE2 . PHE A 1 123 ? 6.539   -1.606  10.570  1.00 17.62 ? 111 PHE A CE2 1 
ATOM   695  C CZ  . PHE A 1 123 ? 5.407   -1.757  11.335  1.00 17.28 ? 111 PHE A CZ  1 
ATOM   696  N N   . GLU A 1 124 ? 6.308   -0.079  6.006   1.00 14.50 ? 112 GLU A N   1 
ATOM   697  C CA  . GLU A 1 124 ? 6.914   1.268   6.167   1.00 15.11 ? 112 GLU A CA  1 
ATOM   698  C C   . GLU A 1 124 ? 6.221   2.253   5.233   1.00 15.32 ? 112 GLU A C   1 
ATOM   699  O O   . GLU A 1 124 ? 5.958   3.385   5.686   1.00 16.85 ? 112 GLU A O   1 
ATOM   700  C CB  . GLU A 1 124 ? 8.409   1.264   5.844   1.00 18.70 ? 112 GLU A CB  1 
ATOM   701  C CG  . GLU A 1 124 ? 9.238   0.653   6.942   1.00 21.30 ? 112 GLU A CG  1 
ATOM   702  C CD  . GLU A 1 124 ? 9.216   1.447   8.234   1.00 26.52 ? 112 GLU A CD  1 
ATOM   703  O OE1 . GLU A 1 124 ? 8.910   2.669   8.164   1.00 27.14 ? 112 GLU A OE1 1 
ATOM   704  O OE2 . GLU A 1 124 ? 9.399   0.828   9.304   1.00 25.80 ? 112 GLU A OE2 1 
ATOM   705  N N   . THR A 1 125 ? 5.997   1.909   3.977   1.00 15.04 ? 113 THR A N   1 
ATOM   706  C CA  . THR A 1 125 ? 5.487   2.930   3.037   1.00 16.64 ? 113 THR A CA  1 
ATOM   707  C C   . THR A 1 125 ? 4.082   3.321   3.446   1.00 15.29 ? 113 THR A C   1 
ATOM   708  O O   . THR A 1 125 ? 3.795   4.515   3.577   1.00 15.90 ? 113 THR A O   1 
ATOM   709  C CB  . THR A 1 125 ? 5.518   2.477   1.572   1.00 17.73 ? 113 THR A CB  1 
ATOM   710  O OG1 . THR A 1 125 ? 6.861   2.111   1.309   1.00 17.52 ? 113 THR A OG1 1 
ATOM   711  C CG2 . THR A 1 125 ? 5.045   3.577   0.652   1.00 21.69 ? 113 THR A CG2 1 
ATOM   712  N N   . PHE A 1 126 ? 3.181   2.360   3.601   1.00 14.98 ? 114 PHE A N   1 
ATOM   713  C CA  . PHE A 1 126 ? 1.766   2.661   3.933   1.00 12.73 ? 114 PHE A CA  1 
ATOM   714  C C   . PHE A 1 126 ? 1.731   3.125   5.385   1.00 13.71 ? 114 PHE A C   1 
ATOM   715  O O   . PHE A 1 126 ? 0.915   3.958   5.710   1.00 14.29 ? 114 PHE A O   1 
ATOM   716  C CB  . PHE A 1 126 ? 0.851   1.491   3.571   1.00 13.43 ? 114 PHE A CB  1 
ATOM   717  C CG  . PHE A 1 126 ? 0.661   1.353   2.080   1.00 14.31 ? 114 PHE A CG  1 
ATOM   718  C CD1 . PHE A 1 126 ? -0.328  2.112   1.426   1.00 17.56 ? 114 PHE A CD1 1 
ATOM   719  C CD2 . PHE A 1 126 ? 1.344   0.399   1.367   1.00 16.74 ? 114 PHE A CD2 1 
ATOM   720  C CE1 . PHE A 1 126 ? -0.501  2.001   0.047   1.00 17.40 ? 114 PHE A CE1 1 
ATOM   721  C CE2 . PHE A 1 126 ? 1.165   0.283   -0.017  1.00 17.86 ? 114 PHE A CE2 1 
ATOM   722  C CZ  . PHE A 1 126 ? 0.262   1.093   -0.660  1.00 17.99 ? 114 PHE A CZ  1 
ATOM   723  N N   . GLY A 1 127 ? 2.579   2.574   6.251   1.00 14.60 ? 115 GLY A N   1 
ATOM   724  C CA  . GLY A 1 127 ? 2.513   2.903   7.689   1.00 15.63 ? 115 GLY A CA  1 
ATOM   725  C C   . GLY A 1 127 ? 3.022   4.311   7.941   1.00 16.66 ? 115 GLY A C   1 
ATOM   726  O O   . GLY A 1 127 ? 2.631   4.919   8.945   1.00 17.36 ? 115 GLY A O   1 
ATOM   727  N N   . SER A 1 128 ? 3.757   4.866   6.998   1.00 16.96 ? 116 SER A N   1 
ATOM   728  C CA  . SER A 1 128 ? 4.213   6.286   7.038   1.00 17.93 ? 116 SER A CA  1 
ATOM   729  C C   . SER A 1 128 ? 3.153   7.227   6.483   1.00 18.63 ? 116 SER A C   1 
ATOM   730  O O   . SER A 1 128 ? 3.360   8.486   6.547   1.00 19.39 ? 116 SER A O   1 
ATOM   731  C CB  . SER A 1 128 ? 5.524   6.450   6.293   1.00 17.90 ? 116 SER A CB  1 
ATOM   732  O OG  . SER A 1 128 ? 6.562   5.754   6.984   1.00 24.93 ? 116 SER A OG  1 
ATOM   733  N N   . HIS A 1 129 ? 2.121   6.708   5.838   1.00 17.30 ? 117 HIS A N   1 
ATOM   734  C CA  . HIS A 1 129 ? 1.021   7.514   5.243   1.00 20.46 ? 117 HIS A CA  1 
ATOM   735  C C   . HIS A 1 129 ? -0.327  6.928   5.664   1.00 19.30 ? 117 HIS A C   1 
ATOM   736  O O   . HIS A 1 129 ? -1.108  6.601   4.806   1.00 17.67 ? 117 HIS A O   1 
ATOM   737  C CB  . HIS A 1 129 ? 1.214   7.605   3.729   1.00 19.88 ? 117 HIS A CB  1 
ATOM   738  C CG  . HIS A 1 129 ? 2.504   8.226   3.348   1.00 21.87 ? 117 HIS A CG  1 
ATOM   739  N ND1 . HIS A 1 129 ? 2.669   9.612   3.312   1.00 23.80 ? 117 HIS A ND1 1 
ATOM   740  C CD2 . HIS A 1 129 ? 3.712   7.694   3.047   1.00 22.66 ? 117 HIS A CD2 1 
ATOM   741  C CE1 . HIS A 1 129 ? 3.939   9.878   3.026   1.00 22.20 ? 117 HIS A CE1 1 
ATOM   742  N NE2 . HIS A 1 129 ? 4.602   8.744   2.886   1.00 23.03 ? 117 HIS A NE2 1 
ATOM   743  N N   . LYS A 1 130 ? -0.604  6.812   6.972   1.00 19.60 ? 118 LYS A N   1 
ATOM   744  C CA  . LYS A 1 130 ? -1.788  6.073   7.436   1.00 18.31 ? 118 LYS A CA  1 
ATOM   745  C C   . LYS A 1 130 ? -3.079  6.745   6.994   1.00 19.57 ? 118 LYS A C   1 
ATOM   746  O O   . LYS A 1 130 ? -4.024  6.014   6.678   1.00 16.59 ? 118 LYS A O   1 
ATOM   747  C CB  . LYS A 1 130 ? -1.783  5.928   8.953   1.00 18.96 ? 118 LYS A CB  1 
ATOM   748  C CG  . LYS A 1 130 ? -0.710  4.961   9.428   1.00 19.91 ? 118 LYS A CG  1 
ATOM   749  C CD  . LYS A 1 130 ? -0.766  4.849   10.917  1.00 22.38 ? 118 LYS A CD  1 
ATOM   750  C CE  . LYS A 1 130 ? 0.038   3.701   11.435  1.00 26.96 ? 118 LYS A CE  1 
ATOM   751  N NZ  . LYS A 1 130 ? 1.418   4.106   11.683  1.00 30.97 ? 118 LYS A NZ  1 
ATOM   752  N N   . ALA A 1 131 ? -3.132  8.075   7.028   1.00 17.96 ? 119 ALA A N   1 
ATOM   753  C CA  . ALA A 1 131 ? -4.369  8.804   6.701   1.00 20.42 ? 119 ALA A CA  1 
ATOM   754  C C   . ALA A 1 131 ? -4.694  8.598   5.226   1.00 16.84 ? 119 ALA A C   1 
ATOM   755  O O   . ALA A 1 131 ? -5.862  8.318   4.903   1.00 18.64 ? 119 ALA A O   1 
ATOM   756  C CB  . ALA A 1 131 ? -4.240  10.270  7.049   1.00 23.27 ? 119 ALA A CB  1 
ATOM   757  N N   . VAL A 1 132 ? -3.714  8.713   4.347   1.00 18.73 ? 120 VAL A N   1 
ATOM   758  C CA  . VAL A 1 132 ? -3.914  8.469   2.887   1.00 18.85 ? 120 VAL A CA  1 
ATOM   759  C C   . VAL A 1 132 ? -4.307  7.005   2.663   1.00 21.68 ? 120 VAL A C   1 
ATOM   760  O O   . VAL A 1 132 ? -5.231  6.724   1.885   1.00 21.97 ? 120 VAL A O   1 
ATOM   761  C CB  . VAL A 1 132 ? -2.674  8.832   2.066   1.00 18.56 ? 120 VAL A CB  1 
ATOM   762  C CG1 . VAL A 1 132 ? -2.752  8.317   0.638   1.00 18.93 ? 120 VAL A CG1 1 
ATOM   763  C CG2 . VAL A 1 132 ? -2.438  10.322  2.093   1.00 19.93 ? 120 VAL A CG2 1 
ATOM   764  N N   . THR A 1 133 ? -3.613  6.072   3.319   1.00 21.15 ? 121 THR A N   1 
ATOM   765  C CA  . THR A 1 133 ? -3.995  4.627   3.262   1.00 20.37 ? 121 THR A CA  1 
ATOM   766  C C   . THR A 1 133 ? -5.475  4.400   3.585   1.00 20.13 ? 121 THR A C   1 
ATOM   767  O O   . THR A 1 133 ? -6.150  3.775   2.743   1.00 22.31 ? 121 THR A O   1 
ATOM   768  C CB  . THR A 1 133 ? -3.162  3.804   4.253   1.00 19.18 ? 121 THR A CB  1 
ATOM   769  O OG1 . THR A 1 133 ? -1.798  3.982   3.878   1.00 15.12 ? 121 THR A OG1 1 
ATOM   770  C CG2 . THR A 1 133 ? -3.547  2.343   4.248   1.00 21.00 ? 121 THR A CG2 1 
ATOM   771  N N   . ARG A 1 134 ? -5.922  4.852   4.761   1.00 19.35 ? 122 ARG A N   1 
ATOM   772  C CA  . ARG A 1 134 ? -7.296  4.669   5.299   1.00 22.13 ? 122 ARG A CA  1 
ATOM   773  C C   . ARG A 1 134 ? -8.276  5.272   4.266   1.00 22.54 ? 122 ARG A C   1 
ATOM   774  O O   . ARG A 1 134 ? -9.217  4.619   3.833   1.00 21.89 ? 122 ARG A O   1 
ATOM   775  C CB  . ARG A 1 134 ? -7.455  5.401   6.635   1.00 27.67 ? 122 ARG A CB  1 
ATOM   776  C CG  . ARG A 1 134 ? -8.856  5.342   7.246   1.00 35.39 ? 122 ARG A CG  1 
ATOM   777  C CD  . ARG A 1 134 ? -9.115  6.433   8.299   1.00 46.84 ? 122 ARG A CD  1 
ATOM   778  N NE  . ARG A 1 134 ? -8.694  7.794   7.918   1.00 59.24 ? 122 ARG A NE  1 
ATOM   779  C CZ  . ARG A 1 134 ? -9.441  8.717   7.297   1.00 62.08 ? 122 ARG A CZ  1 
ATOM   780  N NH1 . ARG A 1 134 ? -8.923  9.905   7.021   1.00 53.68 ? 122 ARG A NH1 1 
ATOM   781  N NH2 . ARG A 1 134 ? -10.697 8.464   6.964   1.00 70.64 ? 122 ARG A NH2 1 
ATOM   782  N N   . ALA A 1 135 ? -8.027  6.509   3.866   1.00 22.83 ? 123 ALA A N   1 
ATOM   783  C CA  . ALA A 1 135 ? -8.962  7.248   2.978   1.00 22.54 ? 123 ALA A CA  1 
ATOM   784  C C   . ALA A 1 135 ? -8.975  6.606   1.586   1.00 20.69 ? 123 ALA A C   1 
ATOM   785  O O   . ALA A 1 135 ? -10.071 6.465   0.943   1.00 22.43 ? 123 ALA A O   1 
ATOM   786  C CB  . ALA A 1 135 ? -8.544  8.706   2.955   1.00 23.64 ? 123 ALA A CB  1 
ATOM   787  N N   . GLY A 1 136 ? -7.804  6.234   1.078   1.00 18.98 ? 124 GLY A N   1 
ATOM   788  C CA  . GLY A 1 136 ? -7.675  5.583   -0.237  1.00 19.27 ? 124 GLY A CA  1 
ATOM   789  C C   . GLY A 1 136 ? -8.372  4.219   -0.259  1.00 21.02 ? 124 GLY A C   1 
ATOM   790  O O   . GLY A 1 136 ? -9.054  3.884   -1.226  1.00 20.79 ? 124 GLY A O   1 
ATOM   791  N N   . GLN A 1 137 ? -8.266  3.446   0.815   1.00 20.57 ? 125 GLN A N   1 
ATOM   792  C CA  . GLN A 1 137 ? -8.992  2.152   0.889   1.00 21.08 ? 125 GLN A CA  1 
ATOM   793  C C   . GLN A 1 137 ? -10.497 2.429   0.904   1.00 21.26 ? 125 GLN A C   1 
ATOM   794  O O   . GLN A 1 137 ? -11.216 1.729   0.167   1.00 22.00 ? 125 GLN A O   1 
ATOM   795  C CB  . GLN A 1 137 ? -8.520  1.345   2.099   1.00 22.40 ? 125 GLN A CB  1 
ATOM   796  C CG  . GLN A 1 137 ? -7.095  0.827   1.905   1.00 20.63 ? 125 GLN A CG  1 
ATOM   797  C CD  . GLN A 1 137 ? -6.878  0.001   0.659   1.00 21.98 ? 125 GLN A CD  1 
ATOM   798  O OE1 . GLN A 1 137 ? -7.548  -0.984  0.435   1.00 23.65 ? 125 GLN A OE1 1 
ATOM   799  N NE2 . GLN A 1 137 ? -5.974  0.432   -0.210  1.00 21.32 ? 125 GLN A NE2 1 
ATOM   800  N N   . ALA A 1 138 ? -10.945 3.381   1.701   1.00 20.83 ? 126 ALA A N   1 
ATOM   801  C CA  . ALA A 1 138 ? -12.375 3.727   1.828   1.00 23.33 ? 126 ALA A CA  1 
ATOM   802  C C   . ALA A 1 138 ? -12.898 4.188   0.468   1.00 27.11 ? 126 ALA A C   1 
ATOM   803  O O   . ALA A 1 138 ? -14.022 3.791   0.116   1.00 25.57 ? 126 ALA A O   1 
ATOM   804  C CB  . ALA A 1 138 ? -12.567 4.767   2.881   1.00 26.03 ? 126 ALA A CB  1 
ATOM   805  N N   . ALA A 1 139 ? -12.085 4.910   -0.315  1.00 25.95 ? 127 ALA A N   1 
ATOM   806  C CA  . ALA A 1 139 ? -12.520 5.470   -1.616  1.00 24.60 ? 127 ALA A CA  1 
ATOM   807  C C   . ALA A 1 139 ? -12.640 4.357   -2.659  1.00 25.76 ? 127 ALA A C   1 
ATOM   808  O O   . ALA A 1 139 ? -13.337 4.534   -3.672  1.00 23.17 ? 127 ALA A O   1 
ATOM   809  C CB  . ALA A 1 139 ? -11.590 6.581   -2.021  1.00 24.10 ? 127 ALA A CB  1 
ATOM   810  N N   . ARG A 1 140 ? -12.085 3.166   -2.404  1.00 24.03 ? 128 ARG A N   1 
ATOM   811  C CA  . ARG A 1 140 ? -12.258 2.046   -3.340  1.00 23.38 ? 128 ARG A CA  1 
ATOM   812  C C   . ARG A 1 140 ? -13.751 1.774   -3.537  1.00 23.89 ? 128 ARG A C   1 
ATOM   813  O O   . ARG A 1 140 ? -14.093 1.282   -4.656  1.00 25.97 ? 128 ARG A O   1 
ATOM   814  C CB  . ARG A 1 140 ? -11.559 0.781   -2.830  1.00 21.61 ? 128 ARG A CB  1 
ATOM   815  C CG  . ARG A 1 140 ? -10.060 0.853   -3.015  1.00 23.24 ? 128 ARG A CG  1 
ATOM   816  C CD  . ARG A 1 140 ? -9.397  -0.276  -2.265  1.00 23.77 ? 128 ARG A CD  1 
ATOM   817  N NE  . ARG A 1 140 ? -9.730  -1.547  -2.873  1.00 23.20 ? 128 ARG A NE  1 
ATOM   818  C CZ  . ARG A 1 140 ? -9.357  -2.713  -2.359  1.00 28.01 ? 128 ARG A CZ  1 
ATOM   819  N NH1 . ARG A 1 140 ? -8.694  -2.730  -1.199  1.00 22.58 ? 128 ARG A NH1 1 
ATOM   820  N NH2 . ARG A 1 140 ? -9.668  -3.824  -3.005  1.00 25.34 ? 128 ARG A NH2 1 
ATOM   821  N N   . ALA A 1 141 ? -14.566 1.978   -2.502  1.00 25.47 ? 129 ALA A N   1 
ATOM   822  C CA  . ALA A 1 141 ? -16.026 1.719   -2.546  1.00 29.64 ? 129 ALA A CA  1 
ATOM   823  C C   . ALA A 1 141 ? -16.708 2.687   -3.544  1.00 33.84 ? 129 ALA A C   1 
ATOM   824  O O   . ALA A 1 141 ? -17.663 2.258   -4.227  1.00 34.94 ? 129 ALA A O   1 
ATOM   825  C CB  . ALA A 1 141 ? -16.627 1.787   -1.162  1.00 30.87 ? 129 ALA A CB  1 
ATOM   826  N N   . THR A 1 142 ? -16.218 3.916   -3.707  1.00 35.24 ? 130 THR A N   1 
ATOM   827  C CA  . THR A 1 142 ? -17.008 5.012   -4.329  1.00 35.92 ? 130 THR A CA  1 
ATOM   828  C C   . THR A 1 142 ? -16.324 5.520   -5.604  1.00 39.13 ? 130 THR A C   1 
ATOM   829  O O   . THR A 1 142 ? -17.008 6.139   -6.422  1.00 37.29 ? 130 THR A O   1 
ATOM   830  C CB  . THR A 1 142 ? -17.341 6.062   -3.265  1.00 36.57 ? 130 THR A CB  1 
ATOM   831  O OG1 . THR A 1 142 ? -16.123 6.607   -2.777  1.00 40.32 ? 130 THR A OG1 1 
ATOM   832  C CG2 . THR A 1 142 ? -18.122 5.493   -2.100  1.00 36.96 ? 130 THR A CG2 1 
ATOM   833  N N   . SER A 1 143 ? -15.046 5.240   -5.820  1.00 29.89 ? 131 SER A N   1 
ATOM   834  C CA  . SER A 1 143 ? -14.291 5.776   -6.972  1.00 29.49 ? 131 SER A CA  1 
ATOM   835  C C   . SER A 1 143 ? -13.796 4.616   -7.815  1.00 32.08 ? 131 SER A C   1 
ATOM   836  O O   . SER A 1 143 ? -12.966 3.823   -7.320  1.00 27.29 ? 131 SER A O   1 
ATOM   837  C CB  . SER A 1 143 ? -13.159 6.684   -6.528  1.00 29.40 ? 131 SER A CB  1 
ATOM   838  O OG  . SER A 1 143 ? -12.190 6.824   -7.555  1.00 30.73 ? 131 SER A OG  1 
ATOM   839  N N   . VAL A 1 144 ? -14.250 4.510   -9.071  1.00 29.27 ? 132 VAL A N   1 
ATOM   840  C CA  . VAL A 1 144 ? -13.716 3.491   -10.010 1.00 28.65 ? 132 VAL A CA  1 
ATOM   841  C C   . VAL A 1 144 ? -12.215 3.739   -10.232 1.00 26.78 ? 132 VAL A C   1 
ATOM   842  O O   . VAL A 1 144 ? -11.496 2.788   -10.447 1.00 25.07 ? 132 VAL A O   1 
ATOM   843  C CB  . VAL A 1 144 ? -14.474 3.485   -11.353 1.00 35.62 ? 132 VAL A CB  1 
ATOM   844  C CG1 . VAL A 1 144 ? -13.769 2.626   -12.387 1.00 36.69 ? 132 VAL A CG1 1 
ATOM   845  C CG2 . VAL A 1 144 ? -15.899 3.017   -11.144 1.00 37.77 ? 132 VAL A CG2 1 
ATOM   846  N N   . GLU A 1 145 ? -11.753 4.984   -10.267 1.00 24.98 ? 133 GLU A N   1 
ATOM   847  C CA  . GLU A 1 145 ? -10.323 5.257   -10.543 1.00 26.46 ? 133 GLU A CA  1 
ATOM   848  C C   . GLU A 1 145 ? -9.463  4.772   -9.350  1.00 21.34 ? 133 GLU A C   1 
ATOM   849  O O   . GLU A 1 145 ? -8.354  4.281   -9.597  1.00 22.67 ? 133 GLU A O   1 
ATOM   850  C CB  . GLU A 1 145 ? -10.090 6.749   -10.769 1.00 31.19 ? 133 GLU A CB  1 
ATOM   851  C CG  . GLU A 1 145 ? -10.806 7.254   -12.003 1.00 39.05 ? 133 GLU A CG  1 
ATOM   852  C CD  . GLU A 1 145 ? -12.060 8.054   -11.696 1.00 50.62 ? 133 GLU A CD  1 
ATOM   853  O OE1 . GLU A 1 145 ? -12.930 7.593   -10.879 1.00 45.08 ? 133 GLU A OE1 1 
ATOM   854  O OE2 . GLU A 1 145 ? -12.145 9.179   -12.242 1.00 66.23 ? 133 GLU A OE2 1 
ATOM   855  N N   . VAL A 1 146 ? -9.928  4.962   -8.139  1.00 21.23 ? 134 VAL A N   1 
ATOM   856  C CA  . VAL A 1 146 ? -9.181  4.462   -6.934  1.00 20.91 ? 134 VAL A CA  1 
ATOM   857  C C   . VAL A 1 146 ? -9.219  2.926   -6.982  1.00 20.30 ? 134 VAL A C   1 
ATOM   858  O O   . VAL A 1 146 ? -8.175  2.322   -6.848  1.00 18.69 ? 134 VAL A O   1 
ATOM   859  C CB  . VAL A 1 146 ? -9.722  5.022   -5.614  1.00 23.08 ? 134 VAL A CB  1 
ATOM   860  C CG1 . VAL A 1 146 ? -9.133  4.277   -4.419  1.00 23.42 ? 134 VAL A CG1 1 
ATOM   861  C CG2 . VAL A 1 146 ? -9.485  6.526   -5.476  1.00 24.36 ? 134 VAL A CG2 1 
ATOM   862  N N   . ALA A 1 147 ? -10.375 2.299   -7.189  1.00 22.08 ? 135 ALA A N   1 
ATOM   863  C CA  . ALA A 1 147 ? -10.497 0.820   -7.262  1.00 22.10 ? 135 ALA A CA  1 
ATOM   864  C C   . ALA A 1 147 ? -9.547  0.314   -8.343  1.00 21.41 ? 135 ALA A C   1 
ATOM   865  O O   . ALA A 1 147 ? -8.885  -0.716  -8.140  1.00 19.32 ? 135 ALA A O   1 
ATOM   866  C CB  . ALA A 1 147 ? -11.936 0.376   -7.498  1.00 21.46 ? 135 ALA A CB  1 
ATOM   867  N N   . GLU A 1 148 ? -9.460  0.982   -9.501  1.00 19.28 ? 136 GLU A N   1 
ATOM   868  C CA  . GLU A 1 148 ? -8.652  0.459   -10.613 1.00 19.32 ? 136 GLU A CA  1 
ATOM   869  C C   . GLU A 1 148 ? -7.174  0.632   -10.285 1.00 16.83 ? 136 GLU A C   1 
ATOM   870  O O   . GLU A 1 148 ? -6.418  -0.263  -10.624 1.00 19.94 ? 136 GLU A O   1 
ATOM   871  C CB  . GLU A 1 148 ? -9.022  1.097   -11.966 1.00 24.70 ? 136 GLU A CB  1 
ATOM   872  C CG  . GLU A 1 148 ? -10.299 0.499   -12.505 1.00 27.78 ? 136 GLU A CG  1 
ATOM   873  C CD  . GLU A 1 148 ? -10.815 1.159   -13.773 1.00 39.33 ? 136 GLU A CD  1 
ATOM   874  O OE1 . GLU A 1 148 ? -10.252 2.202   -14.165 1.00 33.93 ? 136 GLU A OE1 1 
ATOM   875  O OE2 . GLU A 1 148 ? -11.792 0.638   -14.339 1.00 45.84 ? 136 GLU A OE2 1 
ATOM   876  N N   . LEU A 1 149 ? -6.813  1.723   -9.633  1.00 18.93 ? 137 LEU A N   1 
ATOM   877  C CA  . LEU A 1 149 ? -5.405  1.962   -9.245  1.00 18.95 ? 137 LEU A CA  1 
ATOM   878  C C   . LEU A 1 149 ? -4.994  0.804   -8.311  1.00 16.69 ? 137 LEU A C   1 
ATOM   879  O O   . LEU A 1 149 ? -3.952  0.186   -8.517  1.00 16.04 ? 137 LEU A O   1 
ATOM   880  C CB  . LEU A 1 149 ? -5.326  3.307   -8.528  1.00 20.88 ? 137 LEU A CB  1 
ATOM   881  C CG  . LEU A 1 149 ? -3.974  3.613   -7.924  1.00 22.78 ? 137 LEU A CG  1 
ATOM   882  C CD1 . LEU A 1 149 ? -2.868  3.534   -8.970  1.00 26.86 ? 137 LEU A CD1 1 
ATOM   883  C CD2 . LEU A 1 149 ? -3.995  4.958   -7.259  1.00 25.05 ? 137 LEU A CD2 1 
ATOM   884  N N   . TRP A 1 150 ? -5.783  0.612   -7.274  1.00 17.68 ? 138 TRP A N   1 
ATOM   885  C CA  . TRP A 1 150 ? -5.481  -0.427  -6.250  1.00 18.05 ? 138 TRP A CA  1 
ATOM   886  C C   . TRP A 1 150 ? -5.381  -1.801  -6.909  1.00 18.14 ? 138 TRP A C   1 
ATOM   887  O O   . TRP A 1 150 ? -4.417  -2.559  -6.723  1.00 14.50 ? 138 TRP A O   1 
ATOM   888  C CB  . TRP A 1 150 ? -6.504  -0.411  -5.108  1.00 17.40 ? 138 TRP A CB  1 
ATOM   889  C CG  . TRP A 1 150 ? -5.951  -1.221  -3.985  1.00 17.72 ? 138 TRP A CG  1 
ATOM   890  C CD1 . TRP A 1 150 ? -6.324  -2.490  -3.610  1.00 17.48 ? 138 TRP A CD1 1 
ATOM   891  C CD2 . TRP A 1 150 ? -4.796  -0.883  -3.188  1.00 17.24 ? 138 TRP A CD2 1 
ATOM   892  N NE1 . TRP A 1 150 ? -5.534  -2.926  -2.585  1.00 18.02 ? 138 TRP A NE1 1 
ATOM   893  C CE2 . TRP A 1 150 ? -4.590  -1.970  -2.300  1.00 16.92 ? 138 TRP A CE2 1 
ATOM   894  C CE3 . TRP A 1 150 ? -3.998  0.257   -3.041  1.00 18.60 ? 138 TRP A CE3 1 
ATOM   895  C CZ2 . TRP A 1 150 ? -3.549  -1.994  -1.382  1.00 18.65 ? 138 TRP A CZ2 1 
ATOM   896  C CZ3 . TRP A 1 150 ? -2.982  0.241   -2.105  1.00 18.79 ? 138 TRP A CZ3 1 
ATOM   897  C CH2 . TRP A 1 150 ? -2.783  -0.849  -1.262  1.00 17.42 ? 138 TRP A CH2 1 
ATOM   898  N N   . SER A 1 151 ? -6.357  -2.122  -7.748  1.00 17.64 ? 139 SER A N   1 
ATOM   899  C CA  . SER A 1 151 ? -6.399  -3.407  -8.468  1.00 17.60 ? 139 SER A CA  1 
ATOM   900  C C   . SER A 1 151 ? -5.145  -3.591  -9.336  1.00 16.39 ? 139 SER A C   1 
ATOM   901  O O   . SER A 1 151 ? -4.537  -4.695  -9.370  1.00 14.61 ? 139 SER A O   1 
ATOM   902  C CB  . SER A 1 151 ? -7.726  -3.482  -9.248  1.00 18.91 ? 139 SER A CB  1 
ATOM   903  O OG  . SER A 1 151 ? -7.691  -4.618  -10.042 1.00 22.65 ? 139 SER A OG  1 
ATOM   904  N N   . THR A 1 152 ? -4.754  -2.573  -10.119 1.00 15.91 ? 140 THR A N   1 
ATOM   905  C CA  . THR A 1 152 ? -3.569  -2.673  -10.992 1.00 15.82 ? 140 THR A CA  1 
ATOM   906  C C   . THR A 1 152 ? -2.321  -3.044  -10.186 1.00 15.15 ? 140 THR A C   1 
ATOM   907  O O   . THR A 1 152 ? -1.552  -3.919  -10.630 1.00 14.46 ? 140 THR A O   1 
ATOM   908  C CB  . THR A 1 152 ? -3.312  -1.345  -11.732 1.00 19.34 ? 140 THR A CB  1 
ATOM   909  O OG1 . THR A 1 152 ? -4.508  -1.207  -12.492 1.00 25.75 ? 140 THR A OG1 1 
ATOM   910  C CG2 . THR A 1 152 ? -2.068  -1.357  -12.573 1.00 23.90 ? 140 THR A CG2 1 
ATOM   911  N N   . PHE A 1 153 ? -2.047  -2.323  -9.102  1.00 14.50 ? 141 PHE A N   1 
ATOM   912  C CA  . PHE A 1 153 ? -0.782  -2.565  -8.346  1.00 13.54 ? 141 PHE A CA  1 
ATOM   913  C C   . PHE A 1 153 ? -0.862  -3.896  -7.582  1.00 12.69 ? 141 PHE A C   1 
ATOM   914  O O   . PHE A 1 153 ? 0.113   -4.590  -7.550  1.00 11.78 ? 141 PHE A O   1 
ATOM   915  C CB  . PHE A 1 153 ? -0.469  -1.391  -7.454  1.00 14.77 ? 141 PHE A CB  1 
ATOM   916  C CG  . PHE A 1 153 ? 0.205   -0.292  -8.234  1.00 16.13 ? 141 PHE A CG  1 
ATOM   917  C CD1 . PHE A 1 153 ? 1.575   -0.331  -8.434  1.00 17.61 ? 141 PHE A CD1 1 
ATOM   918  C CD2 . PHE A 1 153 ? -0.562  0.633   -8.917  1.00 18.74 ? 141 PHE A CD2 1 
ATOM   919  C CE1 . PHE A 1 153 ? 2.184   0.693   -9.145  1.00 18.29 ? 141 PHE A CE1 1 
ATOM   920  C CE2 . PHE A 1 153 ? 0.048   1.588   -9.723  1.00 20.10 ? 141 PHE A CE2 1 
ATOM   921  C CZ  . PHE A 1 153 ? 1.414   1.597   -9.846  1.00 19.64 ? 141 PHE A CZ  1 
ATOM   922  N N   . MET A 1 154 ? -2.022  -4.231  -7.027  1.00 13.79 ? 142 MET A N   1 
ATOM   923  C CA  . MET A 1 154 ? -2.127  -5.556  -6.349  1.00 13.08 ? 142 MET A CA  1 
ATOM   924  C C   . MET A 1 154 ? -1.811  -6.670  -7.356  1.00 14.09 ? 142 MET A C   1 
ATOM   925  O O   . MET A 1 154 ? -1.121  -7.601  -7.013  1.00 12.89 ? 142 MET A O   1 
ATOM   926  C CB  . MET A 1 154 ? -3.497  -5.756  -5.707  1.00 12.88 ? 142 MET A CB  1 
ATOM   927  C CG  . MET A 1 154 ? -3.751  -4.953  -4.474  1.00 13.87 ? 142 MET A CG  1 
ATOM   928  S SD  . MET A 1 154 ? -2.677  -5.385  -3.072  1.00 15.07 ? 142 MET A SD  1 
ATOM   929  C CE  . MET A 1 154 ? -3.456  -6.909  -2.513  1.00 13.97 ? 142 MET A CE  1 
ATOM   930  N N   . GLN A 1 155 ? -2.330  -6.594  -8.584  1.00 13.33 ? 143 GLN A N   1 
ATOM   931  C CA  . GLN A 1 155 ? -1.996  -7.590  -9.625  1.00 14.63 ? 143 GLN A CA  1 
ATOM   932  C C   . GLN A 1 155 ? -0.497  -7.639  -9.852  1.00 13.86 ? 143 GLN A C   1 
ATOM   933  O O   . GLN A 1 155 ? 0.050   -8.733  -9.952  1.00 14.18 ? 143 GLN A O   1 
ATOM   934  C CB  . GLN A 1 155 ? -2.738  -7.250  -10.905 1.00 17.16 ? 143 GLN A CB  1 
ATOM   935  C CG  . GLN A 1 155 ? -4.222  -7.483  -10.776 1.00 20.88 ? 143 GLN A CG  1 
ATOM   936  C CD  . GLN A 1 155 ? -4.923  -7.159  -12.087 1.00 27.35 ? 143 GLN A CD  1 
ATOM   937  O OE1 . GLN A 1 155 ? -4.631  -7.762  -13.103 1.00 33.85 ? 143 GLN A OE1 1 
ATOM   938  N NE2 . GLN A 1 155 ? -5.771  -6.151  -12.089 1.00 31.93 ? 143 GLN A NE2 1 
ATOM   939  N N   . LYS A 1 156 ? 0.144   -6.476  -9.918  1.00 14.70 ? 144 LYS A N   1 
ATOM   940  C CA  . LYS A 1 156 ? 1.581   -6.402  -10.184 1.00 15.79 ? 144 LYS A CA  1 
ATOM   941  C C   . LYS A 1 156 ? 2.351   -7.050  -9.026  1.00 13.85 ? 144 LYS A C   1 
ATOM   942  O O   . LYS A 1 156 ? 3.283   -7.829  -9.242  1.00 13.65 ? 144 LYS A O   1 
ATOM   943  C CB  . LYS A 1 156 ? 1.972   -4.934  -10.364 1.00 18.71 ? 144 LYS A CB  1 
ATOM   944  C CG  . LYS A 1 156 ? 3.450   -4.769  -10.662 1.00 24.12 ? 144 LYS A CG  1 
ATOM   945  C CD  . LYS A 1 156 ? 3.864   -3.331  -10.892 1.00 27.95 ? 144 LYS A CD  1 
ATOM   946  C CE  . LYS A 1 156 ? 5.269   -3.304  -11.466 1.00 30.75 ? 144 LYS A CE  1 
ATOM   947  N NZ  . LYS A 1 156 ? 5.799   -1.918  -11.521 1.00 32.12 ? 144 LYS A NZ  1 
ATOM   948  N N   . TRP A 1 157 ? 1.995   -6.701  -7.772  1.00 13.83 ? 145 TRP A N   1 
ATOM   949  C CA  . TRP A 1 157 ? 2.706   -7.246  -6.575  1.00 13.18 ? 145 TRP A CA  1 
ATOM   950  C C   . TRP A 1 157 ? 2.477   -8.752  -6.404  1.00 13.35 ? 145 TRP A C   1 
ATOM   951  O O   . TRP A 1 157 ? 3.421   -9.482  -6.054  1.00 13.99 ? 145 TRP A O   1 
ATOM   952  C CB  . TRP A 1 157 ? 2.262   -6.461  -5.352  1.00 13.56 ? 145 TRP A CB  1 
ATOM   953  C CG  . TRP A 1 157 ? 2.541   -5.003  -5.498  1.00 13.01 ? 145 TRP A CG  1 
ATOM   954  C CD1 . TRP A 1 157 ? 3.605   -4.446  -6.169  1.00 14.15 ? 145 TRP A CD1 1 
ATOM   955  C CD2 . TRP A 1 157 ? 1.869   -3.930  -4.826  1.00 12.59 ? 145 TRP A CD2 1 
ATOM   956  N NE1 . TRP A 1 157 ? 3.580   -3.083  -6.021  1.00 14.75 ? 145 TRP A NE1 1 
ATOM   957  C CE2 . TRP A 1 157 ? 2.535   -2.735  -5.207  1.00 13.32 ? 145 TRP A CE2 1 
ATOM   958  C CE3 . TRP A 1 157 ? 0.731   -3.814  -4.014  1.00 13.01 ? 145 TRP A CE3 1 
ATOM   959  C CZ2 . TRP A 1 157 ? 2.124   -1.483  -4.762  1.00 12.92 ? 145 TRP A CZ2 1 
ATOM   960  C CZ3 . TRP A 1 157 ? 0.303   -2.573  -3.626  1.00 14.04 ? 145 TRP A CZ3 1 
ATOM   961  C CH2 . TRP A 1 157 ? 1.012   -1.426  -3.957  1.00 13.49 ? 145 TRP A CH2 1 
ATOM   962  N N   . ILE A 1 158 ? 1.269   -9.222  -6.736  1.00 13.34 ? 146 ILE A N   1 
ATOM   963  C CA  . ILE A 1 158 ? 0.980   -10.682 -6.749  1.00 13.09 ? 146 ILE A CA  1 
ATOM   964  C C   . ILE A 1 158 ? 1.820   -11.377 -7.833  1.00 13.21 ? 146 ILE A C   1 
ATOM   965  O O   . ILE A 1 158 ? 2.390   -12.388 -7.543  1.00 12.12 ? 146 ILE A O   1 
ATOM   966  C CB  . ILE A 1 158 ? -0.521  -10.937 -6.939  1.00 11.64 ? 146 ILE A CB  1 
ATOM   967  C CG1 . ILE A 1 158 ? -1.259  -10.497 -5.676  1.00 12.26 ? 146 ILE A CG1 1 
ATOM   968  C CG2 . ILE A 1 158 ? -0.795  -12.413 -7.256  1.00 12.29 ? 146 ILE A CG2 1 
ATOM   969  C CD1 . ILE A 1 158 ? -2.755  -10.288 -5.838  1.00 12.86 ? 146 ILE A CD1 1 
ATOM   970  N N   . ALA A 1 159 ? 1.890   -10.809 -9.024  1.00 14.63 ? 147 ALA A N   1 
ATOM   971  C CA  . ALA A 1 159 ? 2.647   -11.464 -10.118 1.00 15.16 ? 147 ALA A CA  1 
ATOM   972  C C   . ALA A 1 159 ? 4.112   -11.556 -9.690  1.00 15.92 ? 147 ALA A C   1 
ATOM   973  O O   . ALA A 1 159 ? 4.763   -12.585 -9.889  1.00 13.35 ? 147 ALA A O   1 
ATOM   974  C CB  . ALA A 1 159 ? 2.389   -10.752 -11.424 1.00 17.24 ? 147 ALA A CB  1 
ATOM   975  N N   . TYR A 1 160 ? 4.643   -10.525 -9.033  1.00 15.07 ? 148 TYR A N   1 
ATOM   976  C CA  . TYR A 1 160 ? 6.059   -10.513 -8.611  1.00 16.28 ? 148 TYR A CA  1 
ATOM   977  C C   . TYR A 1 160 ? 6.289   -11.522 -7.489  1.00 14.88 ? 148 TYR A C   1 
ATOM   978  O O   . TYR A 1 160 ? 7.212   -12.308 -7.496  1.00 13.64 ? 148 TYR A O   1 
ATOM   979  C CB  . TYR A 1 160 ? 6.522   -9.085  -8.278  1.00 19.46 ? 148 TYR A CB  1 
ATOM   980  C CG  . TYR A 1 160 ? 7.965   -9.076  -7.881  1.00 21.49 ? 148 TYR A CG  1 
ATOM   981  C CD1 . TYR A 1 160 ? 8.927   -9.599  -8.730  1.00 24.13 ? 148 TYR A CD1 1 
ATOM   982  C CD2 . TYR A 1 160 ? 8.376   -8.593  -6.643  1.00 23.78 ? 148 TYR A CD2 1 
ATOM   983  C CE1 . TYR A 1 160 ? 10.270  -9.618  -8.377  1.00 23.72 ? 148 TYR A CE1 1 
ATOM   984  C CE2 . TYR A 1 160 ? 9.708   -8.631  -6.283  1.00 27.29 ? 148 TYR A CE2 1 
ATOM   985  C CZ  . TYR A 1 160 ? 10.657  -9.130  -7.154  1.00 27.37 ? 148 TYR A CZ  1 
ATOM   986  O OH  . TYR A 1 160 ? 11.968  -9.218  -6.769  1.00 37.45 ? 148 TYR A OH  1 
ATOM   987  N N   . THR A 1 161 ? 5.365   -11.601 -6.531  1.00 13.59 ? 149 THR A N   1 
ATOM   988  C CA  . THR A 1 161 ? 5.389   -12.613 -5.480  1.00 14.18 ? 149 THR A CA  1 
ATOM   989  C C   . THR A 1 161 ? 5.467   -14.008 -6.098  1.00 13.44 ? 149 THR A C   1 
ATOM   990  O O   . THR A 1 161 ? 6.291   -14.811 -5.659  1.00 15.31 ? 149 THR A O   1 
ATOM   991  C CB  . THR A 1 161 ? 4.170   -12.444 -4.537  1.00 12.85 ? 149 THR A CB  1 
ATOM   992  O OG1 . THR A 1 161 ? 4.140   -11.113 -3.976  1.00 13.54 ? 149 THR A OG1 1 
ATOM   993  C CG2 . THR A 1 161 ? 4.240   -13.424 -3.401  1.00 14.03 ? 149 THR A CG2 1 
ATOM   994  N N   . ALA A 1 162 ? 4.584   -14.280 -7.039  1.00 14.88 ? 150 ALA A N   1 
ATOM   995  C CA  . ALA A 1 162 ? 4.452   -15.626 -7.633  1.00 15.43 ? 150 ALA A CA  1 
ATOM   996  C C   . ALA A 1 162 ? 5.765   -15.939 -8.355  1.00 15.16 ? 150 ALA A C   1 
ATOM   997  O O   . ALA A 1 162 ? 6.228   -17.058 -8.254  1.00 15.95 ? 150 ALA A O   1 
ATOM   998  C CB  . ALA A 1 162 ? 3.269   -15.664 -8.543  1.00 15.08 ? 150 ALA A CB  1 
ATOM   999  N N   . ALA A 1 163 ? 6.309   -14.963 -9.068  1.00 19.37 ? 151 ALA A N   1 
ATOM   1000 C CA  . ALA A 1 163 ? 7.563   -15.124 -9.866  1.00 19.20 ? 151 ALA A CA  1 
ATOM   1001 C C   . ALA A 1 163 ? 8.704   -15.500 -8.930  1.00 20.23 ? 151 ALA A C   1 
ATOM   1002 O O   . ALA A 1 163 ? 9.431   -16.464 -9.224  1.00 19.10 ? 151 ALA A O   1 
ATOM   1003 C CB  . ALA A 1 163 ? 7.859   -13.873 -10.650 1.00 17.81 ? 151 ALA A CB  1 
ATOM   1004 N N   . VAL A 1 164 ? 8.810   -14.858 -7.763  1.00 18.56 ? 152 VAL A N   1 
ATOM   1005 C CA  . VAL A 1 164 ? 9.822   -15.228 -6.761  1.00 17.64 ? 152 VAL A CA  1 
ATOM   1006 C C   . VAL A 1 164 ? 9.522   -16.603 -6.173  1.00 19.70 ? 152 VAL A C   1 
ATOM   1007 O O   . VAL A 1 164 ? 10.451  -17.400 -6.029  1.00 20.32 ? 152 VAL A O   1 
ATOM   1008 C CB  . VAL A 1 164 ? 9.979   -14.118 -5.702  1.00 19.34 ? 152 VAL A CB  1 
ATOM   1009 C CG1 . VAL A 1 164 ? 10.983  -14.531 -4.649  1.00 19.21 ? 152 VAL A CG1 1 
ATOM   1010 C CG2 . VAL A 1 164 ? 10.347  -12.797 -6.365  1.00 21.51 ? 152 VAL A CG2 1 
ATOM   1011 N N   . ILE A 1 165 ? 8.278   -16.911 -5.794  1.00 17.29 ? 153 ILE A N   1 
ATOM   1012 C CA  . ILE A 1 165 ? 7.999   -18.271 -5.268  1.00 15.71 ? 153 ILE A CA  1 
ATOM   1013 C C   . ILE A 1 165 ? 8.427   -19.314 -6.335  1.00 16.09 ? 153 ILE A C   1 
ATOM   1014 O O   . ILE A 1 165 ? 9.010   -20.313 -5.980  1.00 19.57 ? 153 ILE A O   1 
ATOM   1015 C CB  . ILE A 1 165 ? 6.512   -18.400 -4.870  1.00 14.41 ? 153 ILE A CB  1 
ATOM   1016 C CG1 . ILE A 1 165 ? 6.176   -17.530 -3.652  1.00 14.09 ? 153 ILE A CG1 1 
ATOM   1017 C CG2 . ILE A 1 165 ? 6.167   -19.855 -4.621  1.00 13.78 ? 153 ILE A CG2 1 
ATOM   1018 C CD1 . ILE A 1 165 ? 4.665   -17.319 -3.487  1.00 14.13 ? 153 ILE A CD1 1 
ATOM   1019 N N   . ASP A 1 166 ? 8.091   -19.078 -7.595  1.00 19.23 ? 154 ASP A N   1 
ATOM   1020 C CA  . ASP A 1 166 ? 8.417   -20.001 -8.723  1.00 22.72 ? 154 ASP A CA  1 
ATOM   1021 C C   . ASP A 1 166 ? 9.943   -20.128 -8.862  1.00 26.15 ? 154 ASP A C   1 
ATOM   1022 O O   . ASP A 1 166 ? 10.412  -21.276 -8.924  1.00 24.20 ? 154 ASP A O   1 
ATOM   1023 C CB  . ASP A 1 166 ? 7.703   -19.601 -10.004 1.00 21.98 ? 154 ASP A CB  1 
ATOM   1024 C CG  . ASP A 1 166 ? 6.320   -20.201 -10.121 1.00 23.47 ? 154 ASP A CG  1 
ATOM   1025 O OD1 . ASP A 1 166 ? 6.030   -21.178 -9.414  1.00 24.39 ? 154 ASP A OD1 1 
ATOM   1026 O OD2 . ASP A 1 166 ? 5.512   -19.618 -10.848 1.00 26.62 ? 154 ASP A OD2 1 
ATOM   1027 N N   . ALA A 1 167 ? 10.692  -19.039 -8.779  1.00 24.18 ? 155 ALA A N   1 
ATOM   1028 C CA  . ALA A 1 167 ? 12.178  -19.061 -8.732  1.00 26.66 ? 155 ALA A CA  1 
ATOM   1029 C C   . ALA A 1 167 ? 12.665  -19.926 -7.575  1.00 28.39 ? 155 ALA A C   1 
ATOM   1030 O O   . ALA A 1 167 ? 13.561  -20.735 -7.785  1.00 30.64 ? 155 ALA A O   1 
ATOM   1031 C CB  . ALA A 1 167 ? 12.761  -17.666 -8.608  1.00 26.49 ? 155 ALA A CB  1 
ATOM   1032 N N   . GLU A 1 168 ? 12.113  -19.775 -6.373  1.00 23.04 ? 156 GLU A N   1 
ATOM   1033 C CA  . GLU A 1 168 ? 12.479  -20.603 -5.208  1.00 23.12 ? 156 GLU A CA  1 
ATOM   1034 C C   . GLU A 1 168 ? 12.161  -22.074 -5.502  1.00 26.58 ? 156 GLU A C   1 
ATOM   1035 O O   . GLU A 1 168 ? 12.922  -22.967 -5.036  1.00 27.14 ? 156 GLU A O   1 
ATOM   1036 C CB  . GLU A 1 168 ? 11.755  -20.148 -3.938  1.00 23.90 ? 156 GLU A CB  1 
ATOM   1037 C CG  . GLU A 1 168 ? 12.224  -18.805 -3.391  1.00 24.20 ? 156 GLU A CG  1 
ATOM   1038 C CD  . GLU A 1 168 ? 13.604  -18.842 -2.762  1.00 26.36 ? 156 GLU A CD  1 
ATOM   1039 O OE1 . GLU A 1 168 ? 13.725  -19.037 -1.549  1.00 22.29 ? 156 GLU A OE1 1 
ATOM   1040 O OE2 . GLU A 1 168 ? 14.543  -18.717 -3.532  1.00 27.57 ? 156 GLU A OE2 1 
ATOM   1041 N N   . ARG A 1 169 ? 11.034  -22.354 -6.165  1.00 23.47 ? 157 ARG A N   1 
ATOM   1042 C CA  . ARG A 1 169 ? 10.706  -23.772 -6.462  1.00 22.48 ? 157 ARG A CA  1 
ATOM   1043 C C   . ARG A 1 169 ? 11.731  -24.300 -7.505  1.00 26.29 ? 157 ARG A C   1 
ATOM   1044 O O   . ARG A 1 169 ? 12.275  -25.365 -7.244  1.00 26.73 ? 157 ARG A O   1 
ATOM   1045 C CB  . ARG A 1 169 ? 9.280   -23.875 -6.982  1.00 22.47 ? 157 ARG A CB  1 
ATOM   1046 C CG  . ARG A 1 169 ? 8.250   -23.573 -5.897  1.00 19.09 ? 157 ARG A CG  1 
ATOM   1047 C CD  . ARG A 1 169 ? 6.863   -23.464 -6.453  1.00 17.92 ? 157 ARG A CD  1 
ATOM   1048 N NE  . ARG A 1 169 ? 5.971   -23.276 -5.320  1.00 19.39 ? 157 ARG A NE  1 
ATOM   1049 C CZ  . ARG A 1 169 ? 4.627   -23.400 -5.368  1.00 17.99 ? 157 ARG A CZ  1 
ATOM   1050 N NH1 . ARG A 1 169 ? 3.921   -23.258 -4.258  1.00 17.69 ? 157 ARG A NH1 1 
ATOM   1051 N NH2 . ARG A 1 169 ? 4.028   -23.663 -6.502  1.00 16.26 ? 157 ARG A NH2 1 
ATOM   1052 N N   . ASP A 1 170 ? 11.968  -23.556 -8.583  1.00 29.44 ? 158 ASP A N   1 
ATOM   1053 C CA  . ASP A 1 170 ? 12.905  -23.901 -9.694  1.00 32.02 ? 158 ASP A CA  1 
ATOM   1054 C C   . ASP A 1 170 ? 14.277  -24.248 -9.120  1.00 38.33 ? 158 ASP A C   1 
ATOM   1055 O O   . ASP A 1 170 ? 14.882  -25.203 -9.621  1.00 43.65 ? 158 ASP A O   1 
ATOM   1056 C CB  . ASP A 1 170 ? 13.043  -22.761 -10.702 1.00 32.80 ? 158 ASP A CB  1 
ATOM   1057 C CG  . ASP A 1 170 ? 11.813  -22.589 -11.568 1.00 36.39 ? 158 ASP A CG  1 
ATOM   1058 O OD1 . ASP A 1 170 ? 10.968  -23.493 -11.547 1.00 34.18 ? 158 ASP A OD1 1 
ATOM   1059 O OD2 . ASP A 1 170 ? 11.679  -21.529 -12.223 1.00 37.57 ? 158 ASP A OD2 1 
ATOM   1060 N N   . ARG A 1 171 ? 14.752  -23.534 -8.106  1.00 35.86 ? 159 ARG A N   1 
ATOM   1061 C CA  . ARG A 1 171 ? 16.103  -23.784 -7.526  1.00 39.85 ? 159 ARG A CA  1 
ATOM   1062 C C   . ARG A 1 171 ? 16.040  -24.824 -6.404  1.00 35.83 ? 159 ARG A C   1 
ATOM   1063 O O   . ARG A 1 171 ? 17.073  -25.128 -5.841  1.00 33.15 ? 159 ARG A O   1 
ATOM   1064 C CB  . ARG A 1 171 ? 16.764  -22.460 -7.128  1.00 41.38 ? 159 ARG A CB  1 
ATOM   1065 C CG  . ARG A 1 171 ? 16.400  -21.919 -5.758  1.00 44.76 ? 159 ARG A CG  1 
ATOM   1066 C CD  . ARG A 1 171 ? 17.033  -20.558 -5.460  1.00 48.08 ? 159 ARG A CD  1 
ATOM   1067 N NE  . ARG A 1 171 ? 16.643  -20.055 -4.127  1.00 54.03 ? 159 ARG A NE  1 
ATOM   1068 C CZ  . ARG A 1 171 ? 17.179  -20.420 -2.949  1.00 54.91 ? 159 ARG A CZ  1 
ATOM   1069 N NH1 . ARG A 1 171 ? 18.167  -21.299 -2.905  1.00 60.98 ? 159 ARG A NH1 1 
ATOM   1070 N NH2 . ARG A 1 171 ? 16.738  -19.898 -1.811  1.00 51.24 ? 159 ARG A NH2 1 
ATOM   1071 N N   . GLY A 1 172 ? 14.885  -25.408 -6.097  1.00 33.23 ? 160 GLY A N   1 
ATOM   1072 C CA  . GLY A 1 172 ? 14.801  -26.499 -5.111  1.00 28.82 ? 160 GLY A CA  1 
ATOM   1073 C C   . GLY A 1 172 ? 14.722  -26.046 -3.674  1.00 29.45 ? 160 GLY A C   1 
ATOM   1074 O O   . GLY A 1 172 ? 14.801  -26.894 -2.813  1.00 33.29 ? 160 GLY A O   1 
ATOM   1075 N N   . ALA A 1 173 ? 14.547  -24.754 -3.381  1.00 30.33 ? 161 ALA A N   1 
ATOM   1076 C CA  . ALA A 1 173 ? 14.482  -24.227 -1.995  1.00 27.49 ? 161 ALA A CA  1 
ATOM   1077 C C   . ALA A 1 173 ? 13.038  -24.244 -1.477  1.00 26.74 ? 161 ALA A C   1 
ATOM   1078 O O   . ALA A 1 173 ? 12.861  -24.422 -0.265  1.00 31.23 ? 161 ALA A O   1 
ATOM   1079 C CB  . ALA A 1 173 ? 15.062  -22.839 -1.969  1.00 30.52 ? 161 ALA A CB  1 
ATOM   1080 N N   . ALA A 1 174 ? 12.031  -24.212 -2.355  1.00 25.33 ? 162 ALA A N   1 
ATOM   1081 C CA  . ALA A 1 174 ? 10.604  -24.312 -1.926  1.00 23.81 ? 162 ALA A CA  1 
ATOM   1082 C C   . ALA A 1 174 ? 9.896   -25.495 -2.578  1.00 20.06 ? 162 ALA A C   1 
ATOM   1083 O O   . ALA A 1 174 ? 10.092  -25.736 -3.761  1.00 23.07 ? 162 ALA A O   1 
ATOM   1084 C CB  . ALA A 1 174 ? 9.900   -23.032 -2.286  1.00 20.50 ? 162 ALA A CB  1 
ATOM   1085 N N   . PRO A 1 175 ? 8.984   -26.179 -1.869  1.00 21.13 ? 163 PRO A N   1 
ATOM   1086 C CA  . PRO A 1 175 ? 8.253   -27.313 -2.445  1.00 22.74 ? 163 PRO A CA  1 
ATOM   1087 C C   . PRO A 1 175 ? 7.139   -26.850 -3.384  1.00 25.65 ? 163 PRO A C   1 
ATOM   1088 O O   . PRO A 1 175 ? 6.526   -25.764 -3.218  1.00 20.03 ? 163 PRO A O   1 
ATOM   1089 C CB  . PRO A 1 175 ? 7.756   -28.057 -1.210  1.00 21.86 ? 163 PRO A CB  1 
ATOM   1090 C CG  . PRO A 1 175 ? 7.470   -26.928 -0.213  1.00 24.85 ? 163 PRO A CG  1 
ATOM   1091 C CD  . PRO A 1 175 ? 8.607   -25.949 -0.455  1.00 22.13 ? 163 PRO A CD  1 
ATOM   1092 N N   . ARG A 1 176 ? 6.849   -27.653 -4.396  1.00 23.07 ? 164 ARG A N   1 
ATOM   1093 C CA  . ARG A 1 176 ? 5.706   -27.336 -5.267  1.00 22.97 ? 164 ARG A CA  1 
ATOM   1094 C C   . ARG A 1 176 ? 4.408   -27.781 -4.583  1.00 25.19 ? 164 ARG A C   1 
ATOM   1095 O O   . ARG A 1 176 ? 4.001   -28.945 -4.760  1.00 22.02 ? 164 ARG A O   1 
ATOM   1096 C CB  . ARG A 1 176 ? 5.913   -27.927 -6.671  1.00 29.54 ? 164 ARG A CB  1 
ATOM   1097 C CG  . ARG A 1 176 ? 4.747   -27.568 -7.560  1.00 34.14 ? 164 ARG A CG  1 
ATOM   1098 C CD  . ARG A 1 176 ? 4.788   -27.803 -9.051  1.00 36.15 ? 164 ARG A CD  1 
ATOM   1099 N NE  . ARG A 1 176 ? 3.421   -27.474 -9.462  1.00 40.45 ? 164 ARG A NE  1 
ATOM   1100 C CZ  . ARG A 1 176 ? 2.924   -27.709 -10.671 1.00 52.04 ? 164 ARG A CZ  1 
ATOM   1101 N NH1 . ARG A 1 176 ? 1.657   -27.407 -10.968 1.00 48.75 ? 164 ARG A NH1 1 
ATOM   1102 N NH2 . ARG A 1 176 ? 3.726   -28.260 -11.566 1.00 37.84 ? 164 ARG A NH2 1 
ATOM   1103 N N   . THR A 1 177 ? 3.707   -26.860 -3.900  1.00 21.13 ? 165 THR A N   1 
ATOM   1104 C CA  . THR A 1 177 ? 2.428   -27.145 -3.193  1.00 18.99 ? 165 THR A CA  1 
ATOM   1105 C C   . THR A 1 177 ? 1.264   -26.525 -3.968  1.00 21.94 ? 165 THR A C   1 
ATOM   1106 O O   . THR A 1 177 ? 1.007   -26.901 -5.128  1.00 19.64 ? 165 THR A O   1 
ATOM   1107 C CB  . THR A 1 177 ? 2.576   -26.680 -1.739  1.00 19.70 ? 165 THR A CB  1 
ATOM   1108 O OG1 . THR A 1 177 ? 2.954   -25.295 -1.790  1.00 17.98 ? 165 THR A OG1 1 
ATOM   1109 C CG2 . THR A 1 177 ? 3.572   -27.536 -0.969  1.00 19.42 ? 165 THR A CG2 1 
ATOM   1110 N N   . LEU A 1 178 ? 0.706   -25.425 -3.459  1.00 19.12 ? 166 LEU A N   1 
ATOM   1111 C CA  . LEU A 1 178 ? -0.320  -24.656 -4.167  1.00 17.95 ? 166 LEU A CA  1 
ATOM   1112 C C   . LEU A 1 178 ? 0.292   -24.095 -5.422  1.00 16.87 ? 166 LEU A C   1 
ATOM   1113 O O   . LEU A 1 178 ? 1.476   -23.731 -5.416  1.00 18.04 ? 166 LEU A O   1 
ATOM   1114 C CB  . LEU A 1 178 ? -0.785  -23.460 -3.324  1.00 17.91 ? 166 LEU A CB  1 
ATOM   1115 C CG  . LEU A 1 178 ? -1.586  -23.749 -2.068  1.00 21.09 ? 166 LEU A CG  1 
ATOM   1116 C CD1 . LEU A 1 178 ? -1.988  -22.416 -1.425  1.00 21.11 ? 166 LEU A CD1 1 
ATOM   1117 C CD2 . LEU A 1 178 ? -2.835  -24.614 -2.355  1.00 23.54 ? 166 LEU A CD2 1 
ATOM   1118 N N   . PRO A 1 179 ? -0.498  -23.883 -6.473  1.00 16.85 ? 167 PRO A N   1 
ATOM   1119 C CA  . PRO A 1 179 ? -0.095  -23.001 -7.559  1.00 16.39 ? 167 PRO A CA  1 
ATOM   1120 C C   . PRO A 1 179 ? 0.413   -21.657 -7.014  1.00 17.56 ? 167 PRO A C   1 
ATOM   1121 O O   . PRO A 1 179 ? -0.252  -21.021 -6.166  1.00 14.04 ? 167 PRO A O   1 
ATOM   1122 C CB  . PRO A 1 179 ? -1.387  -22.720 -8.329  1.00 16.80 ? 167 PRO A CB  1 
ATOM   1123 C CG  . PRO A 1 179 ? -2.190  -23.995 -8.097  1.00 18.26 ? 167 PRO A CG  1 
ATOM   1124 C CD  . PRO A 1 179 ? -1.872  -24.391 -6.669  1.00 18.55 ? 167 PRO A CD  1 
ATOM   1125 N N   . ALA A 1 180 ? 1.562   -21.213 -7.519  1.00 16.29 ? 168 ALA A N   1 
ATOM   1126 C CA  . ALA A 1 180 ? 2.250   -20.038 -6.940  1.00 16.72 ? 168 ALA A CA  1 
ATOM   1127 C C   . ALA A 1 180 ? 1.356   -18.806 -6.947  1.00 14.95 ? 168 ALA A C   1 
ATOM   1128 O O   . ALA A 1 180 ? 1.423   -17.952 -5.987  1.00 14.17 ? 168 ALA A O   1 
ATOM   1129 C CB  . ALA A 1 180 ? 3.563   -19.828 -7.673  1.00 18.50 ? 168 ALA A CB  1 
ATOM   1130 N N   . HIS A 1 181 ? 0.610   -18.587 -8.032  1.00 15.04 ? 169 HIS A N   1 
ATOM   1131 C CA  . HIS A 1 181 ? -0.164  -17.352 -8.198  1.00 16.91 ? 169 HIS A CA  1 
ATOM   1132 C C   . HIS A 1 181 ? -1.346  -17.310 -7.212  1.00 14.69 ? 169 HIS A C   1 
ATOM   1133 O O   . HIS A 1 181 ? -1.679  -16.226 -6.731  1.00 14.01 ? 169 HIS A O   1 
ATOM   1134 C CB  . HIS A 1 181 ? -0.606  -17.224 -9.658  1.00 17.83 ? 169 HIS A CB  1 
ATOM   1135 C CG  . HIS A 1 181 ? -1.004  -15.847 -10.022 1.00 15.04 ? 169 HIS A CG  1 
ATOM   1136 N ND1 . HIS A 1 181 ? -2.292  -15.398 -9.959  1.00 14.73 ? 169 HIS A ND1 1 
ATOM   1137 C CD2 . HIS A 1 181 ? -0.231  -14.805 -10.386 1.00 13.70 ? 169 HIS A CD2 1 
ATOM   1138 C CE1 . HIS A 1 181 ? -2.319  -14.118 -10.338 1.00 15.93 ? 169 HIS A CE1 1 
ATOM   1139 N NE2 . HIS A 1 181 ? -1.058  -13.758 -10.662 1.00 15.55 ? 169 HIS A NE2 1 
ATOM   1140 N N   . GLU A 1 182 ? -1.915  -18.475 -6.892  1.00 13.84 ? 170 GLU A N   1 
ATOM   1141 C CA  . GLU A 1 182 ? -3.032  -18.586 -5.940  1.00 13.65 ? 170 GLU A CA  1 
ATOM   1142 C C   . GLU A 1 182 ? -2.473  -18.301 -4.531  1.00 11.29 ? 170 GLU A C   1 
ATOM   1143 O O   . GLU A 1 182 ? -3.089  -17.500 -3.812  1.00 11.87 ? 170 GLU A O   1 
ATOM   1144 C CB  . GLU A 1 182 ? -3.680  -19.972 -6.026  1.00 15.14 ? 170 GLU A CB  1 
ATOM   1145 C CG  . GLU A 1 182 ? -4.414  -20.127 -7.355  1.00 17.86 ? 170 GLU A CG  1 
ATOM   1146 C CD  . GLU A 1 182 ? -5.044  -21.504 -7.615  1.00 21.17 ? 170 GLU A CD  1 
ATOM   1147 O OE1 . GLU A 1 182 ? -4.960  -22.353 -6.743  1.00 18.03 ? 170 GLU A OE1 1 
ATOM   1148 O OE2 . GLU A 1 182 ? -5.400  -21.732 -8.796  1.00 29.29 ? 170 GLU A OE2 1 
ATOM   1149 N N   . LEU A 1 183 ? -1.337  -18.891 -4.198  1.00 12.24 ? 171 LEU A N   1 
ATOM   1150 C CA  . LEU A 1 183 ? -0.662  -18.684 -2.891  1.00 11.86 ? 171 LEU A CA  1 
ATOM   1151 C C   . LEU A 1 183 ? -0.305  -17.218 -2.772  1.00 10.83 ? 171 LEU A C   1 
ATOM   1152 O O   . LEU A 1 183 ? -0.689  -16.586 -1.719  1.00 10.84 ? 171 LEU A O   1 
ATOM   1153 C CB  . LEU A 1 183 ? 0.584   -19.567 -2.780  1.00 12.92 ? 171 LEU A CB  1 
ATOM   1154 C CG  . LEU A 1 183 ? 1.487   -19.348 -1.569  1.00 14.45 ? 171 LEU A CG  1 
ATOM   1155 C CD1 . LEU A 1 183 ? 0.712   -19.473 -0.274  1.00 14.00 ? 171 LEU A CD1 1 
ATOM   1156 C CD2 . LEU A 1 183 ? 2.657   -20.326 -1.564  1.00 15.71 ? 171 LEU A CD2 1 
ATOM   1157 N N   . ALA A 1 184 ? 0.279   -16.664 -3.810  1.00 10.09 ? 172 ALA A N   1 
ATOM   1158 C CA  . ALA A 1 184 ? 0.666   -15.231 -3.826  1.00 11.20 ? 172 ALA A CA  1 
ATOM   1159 C C   . ALA A 1 184 ? -0.572  -14.376 -3.603  1.00 12.13 ? 172 ALA A C   1 
ATOM   1160 O O   . ALA A 1 184 ? -0.447  -13.372 -2.920  1.00 10.39 ? 172 ALA A O   1 
ATOM   1161 C CB  . ALA A 1 184 ? 1.437   -14.815 -5.040  1.00 11.77 ? 172 ALA A CB  1 
ATOM   1162 N N   . THR A 1 185 ? -1.705  -14.661 -4.276  1.00 9.76  ? 173 THR A N   1 
ATOM   1163 C CA  . THR A 1 185 ? -2.907  -13.833 -4.185  1.00 10.83 ? 173 THR A CA  1 
ATOM   1164 C C   . THR A 1 185 ? -3.381  -13.784 -2.719  1.00 10.19 ? 173 THR A C   1 
ATOM   1165 O O   . THR A 1 185 ? -3.645  -12.706 -2.213  1.00 9.49  ? 173 THR A O   1 
ATOM   1166 C CB  . THR A 1 185 ? -4.052  -14.344 -5.092  1.00 11.95 ? 173 THR A CB  1 
ATOM   1167 O OG1 . THR A 1 185 ? -3.593  -14.281 -6.445  1.00 12.19 ? 173 THR A OG1 1 
ATOM   1168 C CG2 . THR A 1 185 ? -5.306  -13.512 -4.964  1.00 12.27 ? 173 THR A CG2 1 
ATOM   1169 N N   . ALA A 1 186 ? -3.493  -14.921 -2.064  1.00 9.86  ? 174 ALA A N   1 
ATOM   1170 C CA  . ALA A 1 186 ? -4.042  -14.987 -0.692  1.00 9.48  ? 174 ALA A CA  1 
ATOM   1171 C C   . ALA A 1 186 ? -3.068  -14.297 0.263   1.00 9.83  ? 174 ALA A C   1 
ATOM   1172 O O   . ALA A 1 186 ? -3.524  -13.605 1.173   1.00 9.22  ? 174 ALA A O   1 
ATOM   1173 C CB  . ALA A 1 186 ? -4.260  -16.417 -0.224  1.00 9.53  ? 174 ALA A CB  1 
ATOM   1174 N N   . LEU A 1 187 ? -1.768  -14.484 0.070   1.00 8.85  ? 175 LEU A N   1 
ATOM   1175 C CA  . LEU A 1 187 ? -0.774  -13.811 0.975   1.00 9.04  ? 175 LEU A CA  1 
ATOM   1176 C C   . LEU A 1 187 ? -0.826  -12.304 0.807   1.00 9.41  ? 175 LEU A C   1 
ATOM   1177 O O   . LEU A 1 187 ? -0.741  -11.614 1.799   1.00 8.89  ? 175 LEU A O   1 
ATOM   1178 C CB  . LEU A 1 187 ? 0.622   -14.377 0.735   1.00 9.40  ? 175 LEU A CB  1 
ATOM   1179 C CG  . LEU A 1 187 ? 0.824   -15.834 1.143   1.00 10.56 ? 175 LEU A CG  1 
ATOM   1180 C CD1 . LEU A 1 187 ? 2.226   -16.251 0.709   1.00 11.63 ? 175 LEU A CD1 1 
ATOM   1181 C CD2 . LEU A 1 187 ? 0.640   -16.086 2.606   1.00 9.68  ? 175 LEU A CD2 1 
ATOM   1182 N N   . ASN A 1 188 ? -0.934  -11.794 -0.427  1.00 9.57  ? 176 ASN A N   1 
ATOM   1183 C CA  . ASN A 1 188 ? -1.063  -10.357 -0.705  1.00 9.99  ? 176 ASN A CA  1 
ATOM   1184 C C   . ASN A 1 188 ? -2.352  -9.816  -0.092  1.00 10.17 ? 176 ASN A C   1 
ATOM   1185 O O   . ASN A 1 188 ? -2.307  -8.720  0.499   1.00 10.12 ? 176 ASN A O   1 
ATOM   1186 C CB  . ASN A 1 188 ? -0.950  -10.090 -2.197  1.00 10.00 ? 176 ASN A CB  1 
ATOM   1187 C CG  . ASN A 1 188 ? 0.492   -9.921  -2.659  1.00 9.01  ? 176 ASN A CG  1 
ATOM   1188 O OD1 . ASN A 1 188 ? 0.877   -8.789  -2.891  1.00 12.42 ? 176 ASN A OD1 1 
ATOM   1189 N ND2 . ASN A 1 188 ? 1.280   -10.974 -2.749  1.00 10.98 ? 176 ASN A ND2 1 
ATOM   1190 N N   . LEU A 1 189 ? -3.469  -10.562 -0.217  1.00 8.83  ? 177 LEU A N   1 
ATOM   1191 C CA  . LEU A 1 189 ? -4.747  -10.081 0.346   1.00 9.03  ? 177 LEU A CA  1 
ATOM   1192 C C   . LEU A 1 189 ? -4.684  -10.104 1.889   1.00 9.02  ? 177 LEU A C   1 
ATOM   1193 O O   . LEU A 1 189 ? -5.221  -9.192  2.529   1.00 9.80  ? 177 LEU A O   1 
ATOM   1194 C CB  . LEU A 1 189 ? -5.893  -10.915 -0.202  1.00 9.82  ? 177 LEU A CB  1 
ATOM   1195 C CG  . LEU A 1 189 ? -6.258  -10.616 -1.649  1.00 9.80  ? 177 LEU A CG  1 
ATOM   1196 C CD1 . LEU A 1 189 ? -7.314  -11.605 -2.080  1.00 10.88 ? 177 LEU A CD1 1 
ATOM   1197 C CD2 . LEU A 1 189 ? -6.685  -9.173  -1.826  1.00 10.81 ? 177 LEU A CD2 1 
ATOM   1198 N N   . MET A 1 190 ? -4.053  -11.110 2.450   1.00 9.26  ? 178 MET A N   1 
ATOM   1199 C CA  . MET A 1 190 ? -3.822  -11.162 3.906   1.00 9.42  ? 178 MET A CA  1 
ATOM   1200 C C   . MET A 1 190 ? -3.078  -9.900  4.338   1.00 9.29  ? 178 MET A C   1 
ATOM   1201 O O   . MET A 1 190 ? -3.492  -9.227  5.308   1.00 9.17  ? 178 MET A O   1 
ATOM   1202 C CB  . MET A 1 190 ? -2.985  -12.357 4.341   1.00 9.43  ? 178 MET A CB  1 
ATOM   1203 C CG  . MET A 1 190 ? -2.668  -12.275 5.840   1.00 9.62  ? 178 MET A CG  1 
ATOM   1204 S SD  . MET A 1 190 ? -1.713  -13.710 6.427   1.00 11.46 ? 178 MET A SD  1 
ATOM   1205 C CE  . MET A 1 190 ? -0.195  -13.538 5.493   1.00 11.31 ? 178 MET A CE  1 
ATOM   1206 N N   . ASN A 1 191 ? -2.034  -9.558  3.623   1.00 9.92  ? 179 ASN A N   1 
ATOM   1207 C CA  . ASN A 1 191 ? -1.232  -8.373  4.014   1.00 9.78  ? 179 ASN A CA  1 
ATOM   1208 C C   . ASN A 1 191 ? -2.026  -7.086  3.905   1.00 10.65 ? 179 ASN A C   1 
ATOM   1209 O O   . ASN A 1 191 ? -1.968  -6.245  4.837   1.00 9.73  ? 179 ASN A O   1 
ATOM   1210 C CB  . ASN A 1 191 ? 0.076   -8.253  3.218   1.00 9.66  ? 179 ASN A CB  1 
ATOM   1211 C CG  . ASN A 1 191 ? 1.093   -9.269  3.682   1.00 9.97  ? 179 ASN A CG  1 
ATOM   1212 O OD1 . ASN A 1 191 ? 0.758   -10.287 4.343   1.00 10.85 ? 179 ASN A OD1 1 
ATOM   1213 N ND2 . ASN A 1 191 ? 2.338   -9.045  3.257   1.00 10.16 ? 179 ASN A ND2 1 
ATOM   1214 N N   . GLU A 1 192 ? -2.784  -6.907  2.834   1.00 10.12 ? 180 GLU A N   1 
ATOM   1215 C CA  . GLU A 1 192 ? -3.662  -5.731  2.692   1.00 10.78 ? 180 GLU A CA  1 
ATOM   1216 C C   . GLU A 1 192 ? -4.588  -5.604  3.897   1.00 10.88 ? 180 GLU A C   1 
ATOM   1217 O O   . GLU A 1 192 ? -4.633  -4.527  4.567   1.00 10.35 ? 180 GLU A O   1 
ATOM   1218 C CB  . GLU A 1 192 ? -4.482  -5.887  1.406   1.00 10.86 ? 180 GLU A CB  1 
ATOM   1219 C CG  . GLU A 1 192 ? -5.451  -4.771  1.226   1.00 13.04 ? 180 GLU A CG  1 
ATOM   1220 C CD  . GLU A 1 192 ? -6.467  -5.048  0.116   1.00 14.39 ? 180 GLU A CD  1 
ATOM   1221 O OE1 . GLU A 1 192 ? -6.076  -5.313  -1.005  1.00 13.83 ? 180 GLU A OE1 1 
ATOM   1222 O OE2 . GLU A 1 192 ? -7.657  -4.993  0.420   1.00 18.39 ? 180 GLU A OE2 1 
ATOM   1223 N N   . ARG A 1 193 ? -5.345  -6.660  4.213   1.00 11.11 ? 181 ARG A N   1 
ATOM   1224 C CA  . ARG A 1 193 ? -6.332  -6.549  5.301   1.00 10.65 ? 181 ARG A CA  1 
ATOM   1225 C C   . ARG A 1 193 ? -5.629  -6.391  6.660   1.00 11.33 ? 181 ARG A C   1 
ATOM   1226 O O   . ARG A 1 193 ? -6.161  -5.611  7.531   1.00 10.10 ? 181 ARG A O   1 
ATOM   1227 C CB  . ARG A 1 193 ? -7.192  -7.790  5.315   1.00 10.63 ? 181 ARG A CB  1 
ATOM   1228 C CG  . ARG A 1 193 ? -8.379  -7.689  6.247   1.00 12.22 ? 181 ARG A CG  1 
ATOM   1229 C CD  . ARG A 1 193 ? -9.378  -6.676  5.714   1.00 15.60 ? 181 ARG A CD  1 
ATOM   1230 N NE  . ARG A 1 193 ? -10.325 -6.472  6.753   1.00 23.19 ? 181 ARG A NE  1 
ATOM   1231 C CZ  . ARG A 1 193 ? -10.251 -5.488  7.662   1.00 25.06 ? 181 ARG A CZ  1 
ATOM   1232 N NH1 . ARG A 1 193 ? -11.203 -5.389  8.548   1.00 29.77 ? 181 ARG A NH1 1 
ATOM   1233 N NH2 . ARG A 1 193 ? -9.329  -4.571  7.608   1.00 25.27 ? 181 ARG A NH2 1 
ATOM   1234 N N   . THR A 1 194 ? -4.579  -7.174  6.909   1.00 11.11 ? 182 THR A N   1 
ATOM   1235 C CA  . THR A 1 194 ? -3.935  -7.223  8.232   1.00 11.07 ? 182 THR A CA  1 
ATOM   1236 C C   . THR A 1 194 ? -3.150  -5.920  8.500   1.00 11.91 ? 182 THR A C   1 
ATOM   1237 O O   . THR A 1 194 ? -3.322  -5.302  9.582   1.00 10.35 ? 182 THR A O   1 
ATOM   1238 C CB  . THR A 1 194 ? -3.089  -8.486  8.388   1.00 12.11 ? 182 THR A CB  1 
ATOM   1239 O OG1 . THR A 1 194 ? -3.874  -9.639  8.071   1.00 11.33 ? 182 THR A OG1 1 
ATOM   1240 C CG2 . THR A 1 194 ? -2.629  -8.615  9.820   1.00 11.58 ? 182 THR A CG2 1 
ATOM   1241 N N   . LEU A 1 195 ? -2.313  -5.500  7.535   1.00 10.43 ? 183 LEU A N   1 
ATOM   1242 C CA  . LEU A 1 195 ? -1.558  -4.216  7.696   1.00 11.76 ? 183 LEU A CA  1 
ATOM   1243 C C   . LEU A 1 195 ? -2.534  -3.089  7.936   1.00 12.14 ? 183 LEU A C   1 
ATOM   1244 O O   . LEU A 1 195 ? -2.358  -2.265  8.894   1.00 12.57 ? 183 LEU A O   1 
ATOM   1245 C CB  . LEU A 1 195 ? -0.717  -3.937  6.451   1.00 11.79 ? 183 LEU A CB  1 
ATOM   1246 C CG  . LEU A 1 195 ? 0.532   -4.800  6.291   1.00 13.22 ? 183 LEU A CG  1 
ATOM   1247 C CD1 . LEU A 1 195 ? 1.207   -4.454  4.988   1.00 13.93 ? 183 LEU A CD1 1 
ATOM   1248 C CD2 . LEU A 1 195 ? 1.489   -4.632  7.469   1.00 14.56 ? 183 LEU A CD2 1 
ATOM   1249 N N   . PHE A 1 196 ? -3.579  -3.005  7.122   1.00 12.14 ? 184 PHE A N   1 
ATOM   1250 C CA  . PHE A 1 196 ? -4.468  -1.830  7.165   1.00 12.44 ? 184 PHE A CA  1 
ATOM   1251 C C   . PHE A 1 196 ? -5.380  -1.895  8.404   1.00 13.49 ? 184 PHE A C   1 
ATOM   1252 O O   . PHE A 1 196 ? -5.643  -0.833  8.971   1.00 13.97 ? 184 PHE A O   1 
ATOM   1253 C CB  . PHE A 1 196 ? -5.216  -1.687  5.843   1.00 13.32 ? 184 PHE A CB  1 
ATOM   1254 C CG  . PHE A 1 196 ? -4.295  -1.450  4.662   1.00 14.19 ? 184 PHE A CG  1 
ATOM   1255 C CD1 . PHE A 1 196 ? -2.912  -1.262  4.791   1.00 17.33 ? 184 PHE A CD1 1 
ATOM   1256 C CD2 . PHE A 1 196 ? -4.802  -1.501  3.388   1.00 17.02 ? 184 PHE A CD2 1 
ATOM   1257 C CE1 . PHE A 1 196 ? -2.079  -1.093  3.692   1.00 17.92 ? 184 PHE A CE1 1 
ATOM   1258 C CE2 . PHE A 1 196 ? -3.974  -1.291  2.296   1.00 15.52 ? 184 PHE A CE2 1 
ATOM   1259 C CZ  . PHE A 1 196 ? -2.638  -1.093  2.433   1.00 16.10 ? 184 PHE A CZ  1 
ATOM   1260 N N   . ALA A 1 197 ? -5.792  -3.073  8.878   1.00 11.98 ? 185 ALA A N   1 
ATOM   1261 C CA  . ALA A 1 197 ? -6.502  -3.168  10.176  1.00 14.02 ? 185 ALA A CA  1 
ATOM   1262 C C   . ALA A 1 197 ? -5.578  -2.698  11.323  1.00 13.64 ? 185 ALA A C   1 
ATOM   1263 O O   . ALA A 1 197 ? -6.079  -1.974  12.250  1.00 14.85 ? 185 ALA A O   1 
ATOM   1264 C CB  . ALA A 1 197 ? -6.997  -4.585  10.424  1.00 14.13 ? 185 ALA A CB  1 
ATOM   1265 N N   . SER A 1 198 ? -4.308  -3.076  11.310  1.00 12.04 ? 186 SER A N   1 
ATOM   1266 C CA  . SER A 1 198 ? -3.325  -2.669  12.328  1.00 14.25 ? 186 SER A CA  1 
ATOM   1267 C C   . SER A 1 198 ? -3.178  -1.149  12.313  1.00 15.91 ? 186 SER A C   1 
ATOM   1268 O O   . SER A 1 198 ? -3.176  -0.520  13.434  1.00 15.99 ? 186 SER A O   1 
ATOM   1269 C CB  . SER A 1 198 ? -2.003  -3.361  12.190  1.00 15.13 ? 186 SER A CB  1 
ATOM   1270 O OG  . SER A 1 198 ? -2.161  -4.784  12.376  1.00 21.96 ? 186 SER A OG  1 
ATOM   1271 N N   . PHE A 1 199 ? -2.987  -0.580  11.127  1.00 14.78 ? 187 PHE A N   1 
ATOM   1272 C CA  . PHE A 1 199 ? -2.719  0.862   11.021  1.00 14.99 ? 187 PHE A CA  1 
ATOM   1273 C C   . PHE A 1 199 ? -3.928  1.613   11.551  1.00 17.85 ? 187 PHE A C   1 
ATOM   1274 O O   . PHE A 1 199 ? -3.746  2.700   12.159  1.00 20.33 ? 187 PHE A O   1 
ATOM   1275 C CB  . PHE A 1 199 ? -2.465  1.309   9.583   1.00 15.03 ? 187 PHE A CB  1 
ATOM   1276 C CG  . PHE A 1 199 ? -1.186  0.749   9.028   1.00 15.02 ? 187 PHE A CG  1 
ATOM   1277 C CD1 . PHE A 1 199 ? -0.153  0.387   9.862   1.00 14.97 ? 187 PHE A CD1 1 
ATOM   1278 C CD2 . PHE A 1 199 ? -1.019  0.602   7.665   1.00 15.79 ? 187 PHE A CD2 1 
ATOM   1279 C CE1 . PHE A 1 199 ? 1.022   -0.124  9.349   1.00 16.23 ? 187 PHE A CE1 1 
ATOM   1280 C CE2 . PHE A 1 199 ? 0.163   0.098   7.150   1.00 16.62 ? 187 PHE A CE2 1 
ATOM   1281 C CZ  . PHE A 1 199 ? 1.178   -0.272  7.996   1.00 18.03 ? 187 PHE A CZ  1 
ATOM   1282 N N   . ALA A 1 200 ? -5.134  1.131   11.267  1.00 16.99 ? 188 ALA A N   1 
ATOM   1283 C CA  . ALA A 1 200 ? -6.387  1.828   11.662  1.00 18.57 ? 188 ALA A CA  1 
ATOM   1284 C C   . ALA A 1 200 ? -6.757  1.524   13.121  1.00 20.04 ? 188 ALA A C   1 
ATOM   1285 O O   . ALA A 1 200 ? -7.765  2.139   13.605  1.00 22.99 ? 188 ALA A O   1 
ATOM   1286 C CB  . ALA A 1 200 ? -7.484  1.476   10.702  1.00 20.82 ? 188 ALA A CB  1 
ATOM   1287 N N   . GLY A 1 201 ? -6.033  0.669   13.804  1.00 18.26 ? 189 GLY A N   1 
ATOM   1288 C CA  . GLY A 1 201 ? -6.348  0.234   15.183  1.00 22.68 ? 189 GLY A CA  1 
ATOM   1289 C C   . GLY A 1 201 ? -7.715  -0.424  15.255  1.00 25.83 ? 189 GLY A C   1 
ATOM   1290 O O   . GLY A 1 201 ? -8.475  -0.248  16.259  1.00 21.97 ? 189 GLY A O   1 
ATOM   1291 N N   . GLU A 1 202 ? -8.057  -1.225  14.250  1.00 18.20 ? 190 GLU A N   1 
ATOM   1292 C CA  . GLU A 1 202 ? -9.382  -1.893  14.249  1.00 19.25 ? 190 GLU A CA  1 
ATOM   1293 C C   . GLU A 1 202 ? -9.457  -2.909  15.368  1.00 19.38 ? 190 GLU A C   1 
ATOM   1294 O O   . GLU A 1 202 ? -8.464  -3.423  15.792  1.00 17.79 ? 190 GLU A O   1 
ATOM   1295 C CB  . GLU A 1 202 ? -9.610  -2.626  12.928  1.00 19.55 ? 190 GLU A CB  1 
ATOM   1296 C CG  . GLU A 1 202 ? -9.836  -1.708  11.784  1.00 20.69 ? 190 GLU A CG  1 
ATOM   1297 C CD  . GLU A 1 202 ? -10.125 -2.410  10.461  1.00 22.40 ? 190 GLU A CD  1 
ATOM   1298 O OE1 . GLU A 1 202 ? -10.557 -3.539  10.494  1.00 24.62 ? 190 GLU A OE1 1 
ATOM   1299 O OE2 . GLU A 1 202 ? -9.913  -1.793  9.422   1.00 28.47 ? 190 GLU A OE2 1 
ATOM   1300 N N   . GLN A 1 203 ? -10.672 -3.276  15.762  1.00 19.72 ? 191 GLN A N   1 
ATOM   1301 C CA  . GLN A 1 203 ? -10.890 -4.411  16.677  1.00 21.34 ? 191 GLN A CA  1 
ATOM   1302 C C   . GLN A 1 203 ? -11.654 -5.436  15.858  1.00 22.53 ? 191 GLN A C   1 
ATOM   1303 O O   . GLN A 1 203 ? -12.762 -5.174  15.379  1.00 23.21 ? 191 GLN A O   1 
ATOM   1304 C CB  . GLN A 1 203 ? -11.612 -3.924  17.943  1.00 30.27 ? 191 GLN A CB  1 
ATOM   1305 C CG  . GLN A 1 203 ? -11.555 -4.952  19.075  1.00 39.99 ? 191 GLN A CG  1 
ATOM   1306 C CD  . GLN A 1 203 ? -11.550 -4.319  20.444  1.00 46.06 ? 191 GLN A CD  1 
ATOM   1307 O OE1 . GLN A 1 203 ? -12.272 -3.354  20.698  1.00 57.86 ? 191 GLN A OE1 1 
ATOM   1308 N NE2 . GLN A 1 203 ? -10.711 -4.837  21.324  1.00 43.59 ? 191 GLN A NE2 1 
ATOM   1309 N N   . PRO A 1 204 ? -11.055 -6.588  15.492  1.00 19.30 ? 192 PRO A N   1 
ATOM   1310 C CA  . PRO A 1 204 ? -9.723  -7.023  15.911  1.00 17.13 ? 192 PRO A CA  1 
ATOM   1311 C C   . PRO A 1 204 ? -8.591  -6.539  14.996  1.00 15.95 ? 192 PRO A C   1 
ATOM   1312 O O   . PRO A 1 204 ? -8.811  -6.314  13.813  1.00 15.42 ? 192 PRO A O   1 
ATOM   1313 C CB  . PRO A 1 204 ? -9.867  -8.544  15.668  1.00 18.56 ? 192 PRO A CB  1 
ATOM   1314 C CG  . PRO A 1 204 ? -10.653 -8.617  14.396  1.00 19.62 ? 192 PRO A CG  1 
ATOM   1315 C CD  . PRO A 1 204 ? -11.712 -7.556  14.595  1.00 19.77 ? 192 PRO A CD  1 
ATOM   1316 N N   . SER A 1 205 ? -7.361  -6.512  15.515  1.00 14.65 ? 193 SER A N   1 
ATOM   1317 C CA  . SER A 1 205 ? -6.167  -6.264  14.684  1.00 13.88 ? 193 SER A CA  1 
ATOM   1318 C C   . SER A 1 205 ? -4.971  -6.788  15.439  1.00 16.33 ? 193 SER A C   1 
ATOM   1319 O O   . SER A 1 205 ? -5.061  -6.940  16.677  1.00 15.74 ? 193 SER A O   1 
ATOM   1320 C CB  . SER A 1 205 ? -6.001  -4.805  14.264  1.00 13.68 ? 193 SER A CB  1 
ATOM   1321 O OG  . SER A 1 205 ? -5.910  -3.947  15.406  1.00 14.64 ? 193 SER A OG  1 
ATOM   1322 N N   . VAL A 1 206 ? -3.910  -7.064  14.722  1.00 14.44 ? 194 VAL A N   1 
ATOM   1323 C CA  . VAL A 1 206 ? -2.598  -7.364  15.321  1.00 15.58 ? 194 VAL A CA  1 
ATOM   1324 C C   . VAL A 1 206 ? -2.042  -6.004  15.718  1.00 15.63 ? 194 VAL A C   1 
ATOM   1325 O O   . VAL A 1 206 ? -2.103  -5.079  14.922  1.00 13.47 ? 194 VAL A O   1 
ATOM   1326 C CB  . VAL A 1 206 ? -1.699  -8.093  14.332  1.00 16.39 ? 194 VAL A CB  1 
ATOM   1327 C CG1 . VAL A 1 206 ? -0.317  -8.377  14.887  1.00 15.59 ? 194 VAL A CG1 1 
ATOM   1328 C CG2 . VAL A 1 206 ? -2.322  -9.428  13.869  1.00 18.68 ? 194 VAL A CG2 1 
ATOM   1329 N N   . PRO A 1 207 ? -1.432  -5.831  16.918  1.00 16.48 ? 195 PRO A N   1 
ATOM   1330 C CA  . PRO A 1 207 ? -0.769  -4.562  17.211  1.00 16.68 ? 195 PRO A CA  1 
ATOM   1331 C C   . PRO A 1 207 ? 0.289   -4.238  16.151  1.00 14.53 ? 195 PRO A C   1 
ATOM   1332 O O   . PRO A 1 207 ? 0.992   -5.125  15.683  1.00 12.65 ? 195 PRO A O   1 
ATOM   1333 C CB  . PRO A 1 207 ? -0.094  -4.816  18.583  1.00 18.64 ? 195 PRO A CB  1 
ATOM   1334 C CG  . PRO A 1 207 ? -0.833  -6.005  19.181  1.00 20.08 ? 195 PRO A CG  1 
ATOM   1335 C CD  . PRO A 1 207 ? -1.451  -6.783  18.042  1.00 19.53 ? 195 PRO A CD  1 
ATOM   1336 N N   . GLU A 1 208 ? 0.446   -2.971  15.824  1.00 15.24 ? 196 GLU A N   1 
ATOM   1337 C CA  . GLU A 1 208 ? 1.382   -2.525  14.794  1.00 15.93 ? 196 GLU A CA  1 
ATOM   1338 C C   . GLU A 1 208 ? 2.767   -3.036  15.083  1.00 15.07 ? 196 GLU A C   1 
ATOM   1339 O O   . GLU A 1 208 ? 3.485   -3.431  14.148  1.00 14.25 ? 196 GLU A O   1 
ATOM   1340 C CB  . GLU A 1 208 ? 1.350   -0.988  14.722  1.00 19.46 ? 196 GLU A CB  1 
ATOM   1341 C CG  . GLU A 1 208 ? 2.063   -0.456  13.570  1.00 23.35 ? 196 GLU A CG  1 
ATOM   1342 C CD  . GLU A 1 208 ? 1.844   1.028   13.273  1.00 27.80 ? 196 GLU A CD  1 
ATOM   1343 O OE1 . GLU A 1 208 ? 0.812   1.572   13.675  1.00 31.38 ? 196 GLU A OE1 1 
ATOM   1344 O OE2 . GLU A 1 208 ? 2.703   1.588   12.598  1.00 35.33 ? 196 GLU A OE2 1 
ATOM   1345 N N   . ALA A 1 209 ? 3.186   -3.029  16.357  1.00 14.61 ? 197 ALA A N   1 
ATOM   1346 C CA  . ALA A 1 209 ? 4.531   -3.506  16.715  1.00 15.51 ? 197 ALA A CA  1 
ATOM   1347 C C   . ALA A 1 209 ? 4.702   -5.013  16.513  1.00 14.95 ? 197 ALA A C   1 
ATOM   1348 O O   . ALA A 1 209 ? 5.868   -5.454  16.590  1.00 15.23 ? 197 ALA A O   1 
ATOM   1349 C CB  . ALA A 1 209 ? 4.875   -3.112  18.166  1.00 17.41 ? 197 ALA A CB  1 
ATOM   1350 N N   . ARG A 1 210 ? 3.649   -5.801  16.232  1.00 13.36 ? 198 ARG A N   1 
ATOM   1351 C CA  . ARG A 1 210 ? 3.760   -7.274  16.091  1.00 12.51 ? 198 ARG A CA  1 
ATOM   1352 C C   . ARG A 1 210 ? 3.389   -7.715  14.658  1.00 11.91 ? 198 ARG A C   1 
ATOM   1353 O O   . ARG A 1 210 ? 3.587   -8.866  14.304  1.00 11.86 ? 198 ARG A O   1 
ATOM   1354 C CB  . ARG A 1 210 ? 2.803   -7.946  17.089  1.00 14.65 ? 198 ARG A CB  1 
ATOM   1355 C CG  . ARG A 1 210 ? 3.266   -7.779  18.541  1.00 15.89 ? 198 ARG A CG  1 
ATOM   1356 C CD  . ARG A 1 210 ? 4.541   -8.510  18.851  1.00 18.30 ? 198 ARG A CD  1 
ATOM   1357 N NE  . ARG A 1 210 ? 4.466   -9.892  18.436  1.00 21.96 ? 198 ARG A NE  1 
ATOM   1358 C CZ  . ARG A 1 210 ? 5.448   -10.538 17.831  1.00 25.38 ? 198 ARG A CZ  1 
ATOM   1359 N NH1 . ARG A 1 210 ? 6.644   -9.971  17.724  1.00 29.00 ? 198 ARG A NH1 1 
ATOM   1360 N NH2 . ARG A 1 210 ? 5.258   -11.758 17.359  1.00 25.36 ? 198 ARG A NH2 1 
ATOM   1361 N N   . VAL A 1 211 ? 2.889   -6.810  13.848  1.00 11.55 ? 199 VAL A N   1 
ATOM   1362 C CA  . VAL A 1 211 ? 2.252   -7.228  12.561  1.00 12.10 ? 199 VAL A CA  1 
ATOM   1363 C C   . VAL A 1 211 ? 3.317   -7.693  11.566  1.00 12.63 ? 199 VAL A C   1 
ATOM   1364 O O   . VAL A 1 211 ? 3.085   -8.683  10.861  1.00 10.60 ? 199 VAL A O   1 
ATOM   1365 C CB  . VAL A 1 211 ? 1.292   -6.158  12.028  1.00 11.62 ? 199 VAL A CB  1 
ATOM   1366 C CG1 . VAL A 1 211 ? 1.987   -4.955  11.502  1.00 12.71 ? 199 VAL A CG1 1 
ATOM   1367 C CG2 . VAL A 1 211 ? 0.398   -6.805  10.957  1.00 12.33 ? 199 VAL A CG2 1 
ATOM   1368 N N   . LEU A 1 212 ? 4.474   -7.056  11.479  1.00 13.72 ? 200 LEU A N   1 
ATOM   1369 C CA  . LEU A 1 212 ? 5.485   -7.528  10.508  1.00 13.15 ? 200 LEU A CA  1 
ATOM   1370 C C   . LEU A 1 212 ? 5.903   -8.963  10.810  1.00 14.42 ? 200 LEU A C   1 
ATOM   1371 O O   . LEU A 1 212 ? 5.891   -9.804  9.897   1.00 15.52 ? 200 LEU A O   1 
ATOM   1372 C CB  . LEU A 1 212 ? 6.686   -6.565  10.508  1.00 13.64 ? 200 LEU A CB  1 
ATOM   1373 C CG  . LEU A 1 212 ? 7.753   -6.850  9.473   1.00 14.24 ? 200 LEU A CG  1 
ATOM   1374 C CD1 . LEU A 1 212 ? 7.191   -6.906  8.064   1.00 15.26 ? 200 LEU A CD1 1 
ATOM   1375 C CD2 . LEU A 1 212 ? 8.900   -5.811  9.610   1.00 15.07 ? 200 LEU A CD2 1 
ATOM   1376 N N   . ASP A 1 213 ? 6.261   -9.265  12.062  1.00 13.52 ? 201 ASP A N   1 
ATOM   1377 C CA  . ASP A 1 213 ? 6.714   -10.624 12.438  1.00 13.85 ? 201 ASP A CA  1 
ATOM   1378 C C   . ASP A 1 213 ? 5.559   -11.620 12.183  1.00 12.15 ? 201 ASP A C   1 
ATOM   1379 O O   . ASP A 1 213 ? 5.833   -12.774 11.839  1.00 11.72 ? 201 ASP A O   1 
ATOM   1380 C CB  . ASP A 1 213 ? 7.081   -10.743 13.917  1.00 18.29 ? 201 ASP A CB  1 
ATOM   1381 C CG  . ASP A 1 213 ? 8.474   -10.273 14.386  1.00 25.50 ? 201 ASP A CG  1 
ATOM   1382 O OD1 . ASP A 1 213 ? 9.323   -10.005 13.563  1.00 23.38 ? 201 ASP A OD1 1 
ATOM   1383 O OD2 . ASP A 1 213 ? 8.680   -10.203 15.637  1.00 27.54 ? 201 ASP A OD2 1 
ATOM   1384 N N   . THR A 1 214 ? 4.330   -11.188 12.400  1.00 12.18 ? 202 THR A N   1 
ATOM   1385 C CA  . THR A 1 214 ? 3.156   -12.082 12.236  1.00 12.30 ? 202 THR A CA  1 
ATOM   1386 C C   . THR A 1 214 ? 3.077   -12.505 10.769  1.00 10.32 ? 202 THR A C   1 
ATOM   1387 O O   . THR A 1 214 ? 2.981   -13.689 10.430  1.00 10.90 ? 202 THR A O   1 
ATOM   1388 C CB  . THR A 1 214 ? 1.859   -11.411 12.686  1.00 13.31 ? 202 THR A CB  1 
ATOM   1389 O OG1 . THR A 1 214 ? 1.959   -11.107 14.090  1.00 12.65 ? 202 THR A OG1 1 
ATOM   1390 C CG2 . THR A 1 214 ? 0.675   -12.341 12.451  1.00 13.09 ? 202 THR A CG2 1 
ATOM   1391 N N   . LEU A 1 215 ? 3.131   -11.526 9.897   1.00 10.72 ? 203 LEU A N   1 
ATOM   1392 C CA  . LEU A 1 215 ? 3.002   -11.784 8.437   1.00 11.01 ? 203 LEU A CA  1 
ATOM   1393 C C   . LEU A 1 215 ? 4.207   -12.541 7.926   1.00 11.35 ? 203 LEU A C   1 
ATOM   1394 O O   . LEU A 1 215 ? 4.050   -13.494 7.097   1.00 9.91  ? 203 LEU A O   1 
ATOM   1395 C CB  . LEU A 1 215 ? 2.779   -10.449 7.709   1.00 10.06 ? 203 LEU A CB  1 
ATOM   1396 C CG  . LEU A 1 215 ? 1.527   -9.707  8.104   1.00 11.00 ? 203 LEU A CG  1 
ATOM   1397 C CD1 . LEU A 1 215 ? 1.534   -8.348  7.414   1.00 10.91 ? 203 LEU A CD1 1 
ATOM   1398 C CD2 . LEU A 1 215 ? 0.262   -10.487 7.775   1.00 10.44 ? 203 LEU A CD2 1 
ATOM   1399 N N   . VAL A 1 216 ? 5.417   -12.223 8.385   1.00 11.33 ? 204 VAL A N   1 
ATOM   1400 C CA  . VAL A 1 216 ? 6.599   -12.965 7.915   1.00 11.82 ? 204 VAL A CA  1 
ATOM   1401 C C   . VAL A 1 216 ? 6.459   -14.454 8.249   1.00 12.19 ? 204 VAL A C   1 
ATOM   1402 O O   . VAL A 1 216 ? 6.788   -15.340 7.392   1.00 12.86 ? 204 VAL A O   1 
ATOM   1403 C CB  . VAL A 1 216 ? 7.893   -12.378 8.512   1.00 12.82 ? 204 VAL A CB  1 
ATOM   1404 C CG1 . VAL A 1 216 ? 9.068   -13.268 8.166   1.00 14.31 ? 204 VAL A CG1 1 
ATOM   1405 C CG2 . VAL A 1 216 ? 8.134   -10.984 7.990   1.00 12.45 ? 204 VAL A CG2 1 
ATOM   1406 N N   . HIS A 1 217 ? 6.019   -14.771 9.446   1.00 11.93 ? 205 HIS A N   1 
ATOM   1407 C CA  . HIS A 1 217 ? 5.838   -16.180 9.858   1.00 13.46 ? 205 HIS A CA  1 
ATOM   1408 C C   . HIS A 1 217 ? 4.918   -16.925 8.879   1.00 11.62 ? 205 HIS A C   1 
ATOM   1409 O O   . HIS A 1 217 ? 5.271   -18.030 8.423   1.00 12.37 ? 205 HIS A O   1 
ATOM   1410 C CB  . HIS A 1 217 ? 5.281   -16.285 11.235  1.00 13.03 ? 205 HIS A CB  1 
ATOM   1411 C CG  . HIS A 1 217 ? 4.850   -17.669 11.576  1.00 15.07 ? 205 HIS A CG  1 
ATOM   1412 N ND1 . HIS A 1 217 ? 5.754   -18.642 11.992  1.00 15.40 ? 205 HIS A ND1 1 
ATOM   1413 C CD2 . HIS A 1 217 ? 3.647   -18.271 11.488  1.00 13.53 ? 205 HIS A CD2 1 
ATOM   1414 C CE1 . HIS A 1 217 ? 5.109   -19.768 12.219  1.00 16.76 ? 205 HIS A CE1 1 
ATOM   1415 N NE2 . HIS A 1 217 ? 3.820   -19.584 11.880  1.00 14.24 ? 205 HIS A NE2 1 
ATOM   1416 N N   . ILE A 1 218 ? 3.794   -16.315 8.538   1.00 12.68 ? 206 ILE A N   1 
ATOM   1417 C CA  . ILE A 1 218 ? 2.768   -16.987 7.689   1.00 11.37 ? 206 ILE A CA  1 
ATOM   1418 C C   . ILE A 1 218 ? 3.317   -17.054 6.264   1.00 11.63 ? 206 ILE A C   1 
ATOM   1419 O O   . ILE A 1 218 ? 3.126   -18.088 5.625   1.00 12.34 ? 206 ILE A O   1 
ATOM   1420 C CB  . ILE A 1 218 ? 1.416   -16.251 7.798   1.00 10.50 ? 206 ILE A CB  1 
ATOM   1421 C CG1 . ILE A 1 218 ? 0.929   -16.261 9.250   1.00 10.25 ? 206 ILE A CG1 1 
ATOM   1422 C CG2 . ILE A 1 218 ? 0.401   -16.867 6.846   1.00 11.12 ? 206 ILE A CG2 1 
ATOM   1423 C CD1 . ILE A 1 218 ? -0.184  -15.332 9.527   1.00 9.89  ? 206 ILE A CD1 1 
ATOM   1424 N N   . TRP A 1 219 ? 4.001   -16.006 5.763   1.00 11.02 ? 207 TRP A N   1 
ATOM   1425 C CA  . TRP A 1 219 ? 4.604   -16.098 4.403   1.00 10.75 ? 207 TRP A CA  1 
ATOM   1426 C C   . TRP A 1 219 ? 5.639   -17.227 4.355   1.00 13.11 ? 207 TRP A C   1 
ATOM   1427 O O   . TRP A 1 219 ? 5.574   -18.099 3.442   1.00 12.48 ? 207 TRP A O   1 
ATOM   1428 C CB  . TRP A 1 219 ? 5.203   -14.787 3.937   1.00 10.27 ? 207 TRP A CB  1 
ATOM   1429 C CG  . TRP A 1 219 ? 4.212   -13.791 3.473   1.00 10.01 ? 207 TRP A CG  1 
ATOM   1430 C CD1 . TRP A 1 219 ? 3.118   -13.314 4.163   1.00 9.15  ? 207 TRP A CD1 1 
ATOM   1431 C CD2 . TRP A 1 219 ? 4.242   -13.109 2.205   1.00 9.62  ? 207 TRP A CD2 1 
ATOM   1432 N NE1 . TRP A 1 219 ? 2.478   -12.386 3.406   1.00 10.54 ? 207 TRP A NE1 1 
ATOM   1433 C CE2 . TRP A 1 219 ? 3.156   -12.222 2.212   1.00 9.47  ? 207 TRP A CE2 1 
ATOM   1434 C CE3 . TRP A 1 219 ? 5.083   -13.160 1.083   1.00 10.09 ? 207 TRP A CE3 1 
ATOM   1435 C CZ2 . TRP A 1 219 ? 2.852   -11.404 1.118   1.00 10.44 ? 207 TRP A CZ2 1 
ATOM   1436 C CZ3 . TRP A 1 219 ? 4.802   -12.341 0.010   1.00 10.64 ? 207 TRP A CZ3 1 
ATOM   1437 C CH2 . TRP A 1 219 ? 3.688   -11.514 0.014   1.00 10.56 ? 207 TRP A CH2 1 
ATOM   1438 N N   . VAL A 1 220 ? 6.570   -17.258 5.303   1.00 14.37 ? 208 VAL A N   1 
ATOM   1439 C CA  . VAL A 1 220 ? 7.692   -18.222 5.234   1.00 15.82 ? 208 VAL A CA  1 
ATOM   1440 C C   . VAL A 1 220 ? 7.173   -19.646 5.422   1.00 13.86 ? 208 VAL A C   1 
ATOM   1441 O O   . VAL A 1 220 ? 7.568   -20.526 4.633   1.00 15.40 ? 208 VAL A O   1 
ATOM   1442 C CB  . VAL A 1 220 ? 8.783   -17.841 6.266   1.00 17.96 ? 208 VAL A CB  1 
ATOM   1443 C CG1 . VAL A 1 220 ? 9.841   -18.920 6.402   1.00 23.55 ? 208 VAL A CG1 1 
ATOM   1444 C CG2 . VAL A 1 220 ? 9.402   -16.548 5.818   1.00 19.83 ? 208 VAL A CG2 1 
ATOM   1445 N N   . THR A 1 221 ? 6.277   -19.871 6.363   1.00 13.37 ? 209 THR A N   1 
ATOM   1446 C CA  . THR A 1 221 ? 5.782   -21.240 6.584   1.00 14.80 ? 209 THR A CA  1 
ATOM   1447 C C   . THR A 1 221 ? 4.973   -21.678 5.368   1.00 16.24 ? 209 THR A C   1 
ATOM   1448 O O   . THR A 1 221 ? 5.064   -22.862 5.001   1.00 15.30 ? 209 THR A O   1 
ATOM   1449 C CB  . THR A 1 221 ? 5.041   -21.372 7.907   1.00 15.72 ? 209 THR A CB  1 
ATOM   1450 O OG1 . THR A 1 221 ? 3.972   -20.430 7.987   1.00 14.17 ? 209 THR A OG1 1 
ATOM   1451 C CG2 . THR A 1 221 ? 5.979   -21.248 9.085   1.00 16.94 ? 209 THR A CG2 1 
ATOM   1452 N N   . SER A 1 222 ? 4.187   -20.786 4.762   1.00 12.96 ? 210 SER A N   1 
ATOM   1453 C CA  . SER A 1 222 ? 3.273   -21.219 3.674   1.00 13.93 ? 210 SER A CA  1 
ATOM   1454 C C   . SER A 1 222 ? 4.054   -21.399 2.383   1.00 14.33 ? 210 SER A C   1 
ATOM   1455 O O   . SER A 1 222 ? 3.645   -22.223 1.534   1.00 14.10 ? 210 SER A O   1 
ATOM   1456 C CB  . SER A 1 222 ? 2.076   -20.288 3.561   1.00 14.01 ? 210 SER A CB  1 
ATOM   1457 O OG  . SER A 1 222 ? 2.457   -19.036 3.044   1.00 13.86 ? 210 SER A OG  1 
ATOM   1458 N N   . ILE A 1 223 ? 5.147   -20.639 2.195   1.00 13.32 ? 211 ILE A N   1 
ATOM   1459 C CA  . ILE A 1 223 ? 5.978   -20.718 0.972   1.00 14.46 ? 211 ILE A CA  1 
ATOM   1460 C C   . ILE A 1 223 ? 6.927   -21.925 1.076   1.00 16.25 ? 211 ILE A C   1 
ATOM   1461 O O   . ILE A 1 223 ? 7.109   -22.593 0.038   1.00 17.18 ? 211 ILE A O   1 
ATOM   1462 C CB  . ILE A 1 223 ? 6.697   -19.391 0.676   1.00 13.79 ? 211 ILE A CB  1 
ATOM   1463 C CG1 . ILE A 1 223 ? 5.683   -18.312 0.283   1.00 12.49 ? 211 ILE A CG1 1 
ATOM   1464 C CG2 . ILE A 1 223 ? 7.767   -19.600 -0.393  1.00 13.83 ? 211 ILE A CG2 1 
ATOM   1465 C CD1 . ILE A 1 223 ? 6.233   -16.908 0.295   1.00 13.05 ? 211 ILE A CD1 1 
ATOM   1466 N N   . TYR A 1 224 ? 7.456   -22.270 2.251   1.00 15.43 ? 212 TYR A N   1 
ATOM   1467 C CA  . TYR A 1 224 ? 8.539   -23.298 2.351   1.00 18.01 ? 212 TYR A CA  1 
ATOM   1468 C C   . TYR A 1 224 ? 8.024   -24.593 2.960   1.00 19.88 ? 212 TYR A C   1 
ATOM   1469 O O   . TYR A 1 224 ? 8.730   -25.581 2.850   1.00 19.97 ? 212 TYR A O   1 
ATOM   1470 C CB  . TYR A 1 224 ? 9.750   -22.692 3.077   1.00 18.77 ? 212 TYR A CB  1 
ATOM   1471 C CG  . TYR A 1 224 ? 10.362  -21.569 2.293   1.00 20.01 ? 212 TYR A CG  1 
ATOM   1472 C CD1 . TYR A 1 224 ? 11.180  -21.800 1.196   1.00 19.79 ? 212 TYR A CD1 1 
ATOM   1473 C CD2 . TYR A 1 224 ? 10.094  -20.250 2.629   1.00 16.62 ? 212 TYR A CD2 1 
ATOM   1474 C CE1 . TYR A 1 224 ? 11.688  -20.762 0.438   1.00 17.58 ? 212 TYR A CE1 1 
ATOM   1475 C CE2 . TYR A 1 224 ? 10.644  -19.216 1.921   1.00 19.31 ? 212 TYR A CE2 1 
ATOM   1476 C CZ  . TYR A 1 224 ? 11.467  -19.459 0.835   1.00 18.04 ? 212 TYR A CZ  1 
ATOM   1477 O OH  . TYR A 1 224 ? 11.952  -18.426 0.090   1.00 19.17 ? 212 TYR A OH  1 
ATOM   1478 N N   . GLY A 1 225 ? 6.773   -24.608 3.427   1.00 20.34 ? 213 GLY A N   1 
ATOM   1479 C CA  . GLY A 1 225 ? 6.134   -25.689 4.179   1.00 22.12 ? 213 GLY A CA  1 
ATOM   1480 C C   . GLY A 1 225 ? 5.511   -26.727 3.248   1.00 22.94 ? 213 GLY A C   1 
ATOM   1481 O O   . GLY A 1 225 ? 4.926   -26.334 2.262   1.00 23.61 ? 213 GLY A O   1 
ATOM   1482 N N   . GLU A 1 226 ? 5.691   -28.022 3.553   1.00 33.20 ? 214 GLU A N   1 
ATOM   1483 C CA  . GLU A 1 226 ? 5.190   -29.176 2.736   1.00 40.09 ? 214 GLU A CA  1 
ATOM   1484 C C   . GLU A 1 226 ? 3.694   -29.335 2.942   1.00 42.34 ? 214 GLU A C   1 
ATOM   1485 O O   . GLU A 1 226 ? 3.411   -29.594 4.106   1.00 47.11 ? 214 GLU A O   1 
ATOM   1486 C CB  . GLU A 1 226 ? 5.814   -30.492 3.196   1.00 45.10 ? 214 GLU A CB  1 
ATOM   1487 C CG  . GLU A 1 226 ? 7.317   -30.511 3.115   1.00 52.61 ? 214 GLU A CG  1 
ATOM   1488 C CD  . GLU A 1 226 ? 7.852   -30.530 1.699   1.00 61.58 ? 214 GLU A CD  1 
ATOM   1489 O OE1 . GLU A 1 226 ? 9.007   -30.069 1.515   1.00 57.62 ? 214 GLU A OE1 1 
ATOM   1490 O OE2 . GLU A 1 226 ? 7.111   -31.008 0.784   1.00 59.61 ? 214 GLU A OE2 1 
HETATM 1491 C C4  A GJ8 B 2 .   ? 2.595   -7.282  0.156   0.50 12.36 ? 301 GJ8 A C4  1 
HETATM 1492 C C4  B GJ8 B 2 .   ? 2.596   -7.318  0.132   0.50 12.60 ? 301 GJ8 A C4  1 
HETATM 1493 C C14 A GJ8 B 2 .   ? 10.784  -10.743 -1.530  0.50 27.81 ? 301 GJ8 A C14 1 
HETATM 1494 C C14 B GJ8 B 2 .   ? 10.838  -10.723 -1.589  0.50 18.39 ? 301 GJ8 A C14 1 
HETATM 1495 C C5  A GJ8 B 2 .   ? 3.819   -7.853  -0.480  0.50 11.99 ? 301 GJ8 A C5  1 
HETATM 1496 C C5  B GJ8 B 2 .   ? 3.819   -7.876  -0.497  0.50 11.81 ? 301 GJ8 A C5  1 
HETATM 1497 C C6  A GJ8 B 2 .   ? 3.925   -7.991  -1.875  0.50 12.07 ? 301 GJ8 A C6  1 
HETATM 1498 C C6  B GJ8 B 2 .   ? 3.941   -8.010  -1.891  0.50 11.64 ? 301 GJ8 A C6  1 
HETATM 1499 C C11 A GJ8 B 2 .   ? 7.358   -9.508  -2.175  0.50 16.91 ? 301 GJ8 A C11 1 
HETATM 1500 C C11 B GJ8 B 2 .   ? 7.366   -9.520  -2.143  0.50 14.84 ? 301 GJ8 A C11 1 
HETATM 1501 C C7  A GJ8 B 2 .   ? 5.098   -8.527  -2.438  0.50 12.67 ? 301 GJ8 A C7  1 
HETATM 1502 C C7  B GJ8 B 2 .   ? 5.124   -8.542  -2.433  0.50 11.93 ? 301 GJ8 A C7  1 
HETATM 1503 C C8  A GJ8 B 2 .   ? 6.126   -8.911  -1.626  0.50 13.51 ? 301 GJ8 A C8  1 
HETATM 1504 C C8  B GJ8 B 2 .   ? 6.134   -8.927  -1.601  0.50 12.48 ? 301 GJ8 A C8  1 
HETATM 1505 C C9  A GJ8 B 2 .   ? 5.997   -8.798  -0.238  0.50 12.62 ? 301 GJ8 A C9  1 
HETATM 1506 C C9  B GJ8 B 2 .   ? 5.986   -8.820  -0.215  0.50 11.93 ? 301 GJ8 A C9  1 
HETATM 1507 C C10 A GJ8 B 2 .   ? 4.855   -8.278  0.320   0.50 12.69 ? 301 GJ8 A C10 1 
HETATM 1508 C C10 B GJ8 B 2 .   ? 4.838   -8.304  0.321   0.50 12.23 ? 301 GJ8 A C10 1 
HETATM 1509 C C12 A GJ8 B 2 .   ? 7.471   -9.973  -3.474  0.50 18.21 ? 301 GJ8 A C12 1 
HETATM 1510 C C12 B GJ8 B 2 .   ? 7.454   -9.952  -3.453  0.50 15.62 ? 301 GJ8 A C12 1 
HETATM 1511 C C13 A GJ8 B 2 .   ? 9.455   -10.336 -2.063  0.50 23.87 ? 301 GJ8 A C13 1 
HETATM 1512 C C13 B GJ8 B 2 .   ? 9.488   -10.296 -2.080  0.50 18.04 ? 301 GJ8 A C13 1 
HETATM 1513 N N1  A GJ8 B 2 .   ? 1.505   -7.130  -0.584  0.50 11.78 ? 301 GJ8 A N1  1 
HETATM 1514 N N1  B GJ8 B 2 .   ? 1.511   -7.161  -0.610  0.50 12.47 ? 301 GJ8 A N1  1 
HETATM 1515 N N2  A GJ8 B 2 .   ? 11.574  -9.533  -1.396  0.50 37.38 ? 301 GJ8 A N2  1 
HETATM 1516 N N2  B GJ8 B 2 .   ? 11.439  -9.787  -0.672  0.50 21.24 ? 301 GJ8 A N2  1 
HETATM 1517 C C3  A GJ8 B 2 .   ? 0.324   -6.450  -0.059  0.50 12.09 ? 301 GJ8 A C3  1 
HETATM 1518 C C3  B GJ8 B 2 .   ? 0.339   -6.476  -0.083  0.50 13.20 ? 301 GJ8 A C3  1 
HETATM 1519 N N3  A GJ8 B 2 .   ? 8.484   -9.664  -1.413  0.50 19.87 ? 301 GJ8 A N3  1 
HETATM 1520 N N3  B GJ8 B 2 .   ? 8.499   -9.693  -1.389  0.50 16.39 ? 301 GJ8 A N3  1 
HETATM 1521 F F1  A GJ8 B 2 .   ? -1.755  -4.261  0.313   0.50 13.69 ? 301 GJ8 A F1  1 
HETATM 1522 F F1  B GJ8 B 2 .   ? -1.773  -4.559  0.164   0.50 16.00 ? 301 GJ8 A F1  1 
HETATM 1523 C C1  A GJ8 B 2 .   ? -0.507  -4.191  0.839   0.50 14.30 ? 301 GJ8 A C1  1 
HETATM 1524 C C1  B GJ8 B 2 .   ? -0.542  -4.139  0.406   0.50 16.50 ? 301 GJ8 A C1  1 
HETATM 1525 F F2  A GJ8 B 2 .   ? -0.509  -4.719  2.050   0.50 15.29 ? 301 GJ8 A F2  1 
HETATM 1526 F F2  B GJ8 B 2 .   ? -0.301  -4.230  1.721   0.50 16.74 ? 301 GJ8 A F2  1 
HETATM 1527 F F3  A GJ8 B 2 .   ? -0.157  -2.884  0.982   0.50 14.28 ? 301 GJ8 A F3  1 
HETATM 1528 F F3  B GJ8 B 2 .   ? -0.496  -2.865  -0.051  0.50 17.34 ? 301 GJ8 A F3  1 
HETATM 1529 C C2  A GJ8 B 2 .   ? 0.459   -4.930  -0.076  0.50 12.57 ? 301 GJ8 A C2  1 
HETATM 1530 C C2  B GJ8 B 2 .   ? 0.476   -4.985  -0.316  0.50 14.25 ? 301 GJ8 A C2  1 
HETATM 1531 O O1  A GJ8 B 2 .   ? 2.609   -6.926  1.356   0.50 12.74 ? 301 GJ8 A O1  1 
HETATM 1532 O O1  B GJ8 B 2 .   ? 2.616   -6.995  1.337   0.50 13.34 ? 301 GJ8 A O1  1 
HETATM 1533 S S1  A GJ8 B 2 .   ? 9.040   -10.725 -3.682  0.50 20.27 ? 301 GJ8 A S1  1 
HETATM 1534 S S1  B GJ8 B 2 .   ? 9.050   -10.617 -3.719  0.50 17.73 ? 301 GJ8 A S1  1 
HETATM 1535 S S2  A GJ8 B 2 .   ? 12.553  -9.033  -2.762  0.50 42.49 ? 301 GJ8 A S2  1 
HETATM 1536 S S2  B GJ8 B 2 .   ? 12.298  -8.605  -1.670  0.50 23.11 ? 301 GJ8 A S2  1 
HETATM 1537 O O2  A GJ8 B 2 .   ? 12.131  -7.709  -3.249  0.50 49.47 ? 301 GJ8 A O2  1 
HETATM 1538 O O2  B GJ8 B 2 .   ? 12.920  -7.635  -0.754  0.50 22.41 ? 301 GJ8 A O2  1 
HETATM 1539 O O3  A GJ8 B 2 .   ? 12.673  -9.991  -3.887  0.50 46.23 ? 301 GJ8 A O3  1 
HETATM 1540 O O3  B GJ8 B 2 .   ? 11.380  -8.011  -2.620  0.50 20.54 ? 301 GJ8 A O3  1 
HETATM 1541 C C15 A GJ8 B 2 .   ? 14.121  -9.115  -1.941  0.50 40.34 ? 301 GJ8 A C15 1 
HETATM 1542 C C15 B GJ8 B 2 .   ? 13.409  -9.637  -2.631  0.50 27.48 ? 301 GJ8 A C15 1 
HETATM 1543 C C16 A GJ8 B 2 .   ? 14.302  -8.612  -0.661  0.50 38.05 ? 301 GJ8 A C16 1 
HETATM 1544 C C16 B GJ8 B 2 .   ? 13.067  -9.949  -3.942  0.50 28.42 ? 301 GJ8 A C16 1 
HETATM 1545 C C17 A GJ8 B 2 .   ? 15.543  -8.731  -0.037  0.50 39.12 ? 301 GJ8 A C17 1 
HETATM 1546 C C17 B GJ8 B 2 .   ? 13.873  -10.753 -4.736  0.50 29.80 ? 301 GJ8 A C17 1 
HETATM 1547 C C18 A GJ8 B 2 .   ? 16.562  -9.398  -0.692  0.50 43.88 ? 301 GJ8 A C18 1 
HETATM 1548 C C18 B GJ8 B 2 .   ? 15.061  -11.248 -4.207  0.50 31.30 ? 301 GJ8 A C18 1 
HETATM 1549 C C19 A GJ8 B 2 .   ? 16.371  -9.913  -1.971  0.50 42.11 ? 301 GJ8 A C19 1 
HETATM 1550 C C19 B GJ8 B 2 .   ? 15.429  -10.921 -2.914  0.50 30.82 ? 301 GJ8 A C19 1 
HETATM 1551 C C20 A GJ8 B 2 .   ? 15.144  -9.783  -2.594  0.50 43.63 ? 301 GJ8 A C20 1 
HETATM 1552 C C20 B GJ8 B 2 .   ? 14.594  -10.128 -2.115  0.50 30.50 ? 301 GJ8 A C20 1 
HETATM 1553 O O   . HOH C 3 .   ? 0.318   5.060   -11.284 1.00 31.77 ? 401 HOH A O   1 
HETATM 1554 O O   . HOH C 3 .   ? -10.136 2.767   5.339   1.00 26.47 ? 402 HOH A O   1 
HETATM 1555 O O   . HOH C 3 .   ? 14.951  -8.275  7.310   1.00 26.21 ? 403 HOH A O   1 
HETATM 1556 O O   . HOH C 3 .   ? 4.488   -24.668 0.304   1.00 16.58 ? 404 HOH A O   1 
HETATM 1557 O O   . HOH C 3 .   ? 10.877  -27.129 -5.926  1.00 37.94 ? 405 HOH A O   1 
HETATM 1558 O O   . HOH C 3 .   ? 10.344  -1.570  9.766   1.00 17.95 ? 406 HOH A O   1 
HETATM 1559 O O   . HOH C 3 .   ? -7.689  -5.965  -2.972  1.00 31.10 ? 407 HOH A O   1 
HETATM 1560 O O   . HOH C 3 .   ? -1.109  9.904   5.338   1.00 21.25 ? 408 HOH A O   1 
HETATM 1561 O O   . HOH C 3 .   ? 6.193   -23.199 -2.395  1.00 16.44 ? 409 HOH A O   1 
HETATM 1562 O O   . HOH C 3 .   ? 5.538   -4.904  13.177  1.00 15.09 ? 410 HOH A O   1 
HETATM 1563 O O   . HOH C 3 .   ? -4.163  -6.575  12.030  1.00 16.94 ? 411 HOH A O   1 
HETATM 1564 O O   . HOH C 3 .   ? -0.996  -4.808  -13.127 1.00 29.77 ? 412 HOH A O   1 
HETATM 1565 O O   . HOH C 3 .   ? 4.951   -7.812  -11.381 1.00 31.63 ? 413 HOH A O   1 
HETATM 1566 O O   . HOH C 3 .   ? 6.354   -4.494  -8.577  1.00 28.85 ? 414 HOH A O   1 
HETATM 1567 O O   . HOH C 3 .   ? -10.709 -5.926  11.867  1.00 19.53 ? 415 HOH A O   1 
HETATM 1568 O O   . HOH C 3 .   ? 6.435   2.228   -9.988  1.00 36.98 ? 416 HOH A O   1 
HETATM 1569 O O   . HOH C 3 .   ? -9.718  -2.291  -6.041  1.00 27.03 ? 417 HOH A O   1 
HETATM 1570 O O   . HOH C 3 .   ? -5.824  1.486   7.483   1.00 22.84 ? 418 HOH A O   1 
HETATM 1571 O O   . HOH C 3 .   ? -4.901  -12.936 -8.505  1.00 24.82 ? 419 HOH A O   1 
HETATM 1572 O O   . HOH C 3 .   ? -5.298  32.030  -5.911  1.00 27.78 ? 420 HOH A O   1 
HETATM 1573 O O   . HOH C 3 .   ? -8.549  -4.533  3.031   1.00 22.55 ? 421 HOH A O   1 
HETATM 1574 O O   . HOH C 3 .   ? -11.977 8.442   1.532   1.00 32.99 ? 422 HOH A O   1 
HETATM 1575 O O   . HOH C 3 .   ? 8.016   -30.210 -4.400  1.00 34.20 ? 423 HOH A O   1 
HETATM 1576 O O   . HOH C 3 .   ? -12.826 -1.733  14.785  1.00 32.07 ? 424 HOH A O   1 
HETATM 1577 O O   . HOH C 3 .   ? -1.300  -10.956 -11.053 1.00 17.50 ? 425 HOH A O   1 
HETATM 1578 O O   . HOH C 3 .   ? 15.508  -17.979 6.788   1.00 36.63 ? 426 HOH A O   1 
HETATM 1579 O O   . HOH C 3 .   ? 8.500   -13.746 12.069  1.00 23.57 ? 427 HOH A O   1 
HETATM 1580 O O   . HOH C 3 .   ? 1.087   7.940   8.968   1.00 27.18 ? 428 HOH A O   1 
HETATM 1581 O O   . HOH C 3 .   ? 12.609  -3.244  3.696   1.00 22.16 ? 429 HOH A O   1 
HETATM 1582 O O   . HOH C 3 .   ? 7.321   -28.550 5.852   1.00 39.33 ? 430 HOH A O   1 
HETATM 1583 O O   . HOH C 3 .   ? 0.328   -20.359 -10.276 1.00 24.66 ? 431 HOH A O   1 
HETATM 1584 O O   . HOH C 3 .   ? -4.570  3.773   8.455   1.00 23.58 ? 432 HOH A O   1 
HETATM 1585 O O   . HOH C 3 .   ? 6.670   -7.262  14.137  1.00 13.96 ? 433 HOH A O   1 
HETATM 1586 O O   . HOH C 3 .   ? -13.910 -5.717  12.747  1.00 32.39 ? 434 HOH A O   1 
HETATM 1587 O O   . HOH C 3 .   ? 1.934   -1.486  18.531  1.00 16.27 ? 435 HOH A O   1 
HETATM 1588 O O   . HOH C 3 .   ? -12.148 9.345   3.737   1.00 38.38 ? 436 HOH A O   1 
HETATM 1589 O O   . HOH C 3 .   ? -0.779  9.752   8.322   1.00 31.92 ? 437 HOH A O   1 
HETATM 1590 O O   . HOH C 3 .   ? 17.577  -19.611 4.173   1.00 40.16 ? 438 HOH A O   1 
HETATM 1591 O O   . HOH C 3 .   ? 1.599   15.090  0.178   1.00 42.44 ? 439 HOH A O   1 
HETATM 1592 O O   . HOH C 3 .   ? 9.130   -15.885 10.987  1.00 30.55 ? 440 HOH A O   1 
HETATM 1593 O O   . HOH C 3 .   ? -3.891  -11.090 -10.020 1.00 22.27 ? 441 HOH A O   1 
HETATM 1594 O O   . HOH C 3 .   ? -10.112 35.109  -5.361  1.00 29.38 ? 442 HOH A O   1 
HETATM 1595 O O   . HOH C 3 .   ? 7.890   -3.585  13.362  1.00 27.25 ? 443 HOH A O   1 
HETATM 1596 O O   . HOH C 3 .   ? -7.968  1.131   5.966   1.00 38.72 ? 444 HOH A O   1 
# 
